data_3V77
#
_entry.id   3V77
#
_cell.length_a   158.265
_cell.length_b   161.386
_cell.length_c   114.836
_cell.angle_alpha   90.00
_cell.angle_beta   90.00
_cell.angle_gamma   90.00
#
_symmetry.space_group_name_H-M   'C 2 2 21'
#
loop_
_entity.id
_entity.type
_entity.pdbx_description
1 polymer 'Putative fumarylacetoacetate isomerase/hydrolase'
2 non-polymer 'ZINC ION'
3 non-polymer 'D(-)-TARTARIC ACID'
4 non-polymer 'ACETATE ION'
5 water water
#
_entity_poly.entity_id   1
_entity_poly.type   'polypeptide(L)'
_entity_poly.pdbx_seq_one_letter_code
;(MSE)AELILNQRPYPRDLGKIVCVGRNYAAHAKELNNPIPSSPILFIKPASSAVPFGPVFSIPKDQGSVHHELEIAILI
GKALSRASTEQVAESIAGIGLGLDLTLRDVQDQLKEKGHPWERAKSFDGACPLTEFVAVNLASEDEWQAIGLTLEKNGQF
QQQGSSAE(MSE)LFPILPLIAH(MSE)SEHFSLQPGDVILTGTPAGVGPLEVGDSLSAKLSLEDNVLLTCDGVVI
;
_entity_poly.pdbx_strand_id   A,B,C,D,E,F
#
# COMPACT_ATOMS: atom_id res chain seq x y z
N ALA A 2 14.82 13.97 -27.66
CA ALA A 2 13.66 14.13 -28.53
C ALA A 2 13.91 13.69 -30.00
N GLU A 3 12.95 13.96 -30.87
CA GLU A 3 11.73 14.62 -30.47
C GLU A 3 10.60 13.63 -30.18
N LEU A 4 9.48 14.18 -29.77
CA LEU A 4 8.20 13.51 -29.82
C LEU A 4 7.66 13.56 -31.25
N ILE A 5 6.74 12.65 -31.56
CA ILE A 5 6.04 12.66 -32.82
C ILE A 5 4.56 12.87 -32.55
N LEU A 6 3.98 13.82 -33.25
CA LEU A 6 2.55 14.06 -33.22
C LEU A 6 2.04 14.01 -34.65
N ASN A 7 1.03 13.17 -34.90
CA ASN A 7 0.46 13.07 -36.24
C ASN A 7 1.54 12.82 -37.28
N GLN A 8 2.48 11.93 -36.96
CA GLN A 8 3.50 11.47 -37.90
C GLN A 8 4.52 12.52 -38.29
N ARG A 9 4.54 13.67 -37.63
CA ARG A 9 5.67 14.57 -37.80
C ARG A 9 6.21 15.07 -36.45
N PRO A 10 7.41 15.67 -36.43
CA PRO A 10 8.02 16.05 -35.15
C PRO A 10 7.21 17.12 -34.42
N TYR A 11 7.06 16.96 -33.10
CA TYR A 11 6.38 17.96 -32.29
C TYR A 11 7.35 19.14 -32.08
N PRO A 12 6.87 20.39 -32.23
CA PRO A 12 7.72 21.60 -32.14
C PRO A 12 8.44 21.81 -30.81
N ARG A 13 7.96 21.21 -29.72
CA ARG A 13 8.62 21.37 -28.42
C ARG A 13 9.29 20.05 -28.03
N ASP A 14 10.56 20.12 -27.68
CA ASP A 14 11.31 18.97 -27.17
C ASP A 14 10.62 18.35 -25.96
N LEU A 15 10.82 17.04 -25.79
CA LEU A 15 10.38 16.34 -24.57
C LEU A 15 10.94 17.01 -23.31
N GLY A 16 10.05 17.43 -22.42
CA GLY A 16 10.45 18.03 -21.15
C GLY A 16 10.61 16.94 -20.10
N LYS A 17 9.55 16.66 -19.33
CA LYS A 17 9.60 15.58 -18.33
C LYS A 17 8.39 14.67 -18.54
N ILE A 18 8.43 13.50 -17.93
CA ILE A 18 7.37 12.51 -18.02
C ILE A 18 6.81 12.30 -16.63
N VAL A 19 5.64 12.88 -16.39
CA VAL A 19 5.01 12.80 -15.07
C VAL A 19 4.11 11.57 -15.02
N CYS A 20 4.32 10.76 -13.97
CA CYS A 20 3.70 9.46 -13.87
C CYS A 20 2.81 9.30 -12.64
N VAL A 21 1.73 8.54 -12.78
CA VAL A 21 0.96 8.16 -11.61
C VAL A 21 1.21 6.68 -11.23
N GLY A 22 1.24 6.39 -9.93
CA GLY A 22 1.28 5.01 -9.47
C GLY A 22 -0.10 4.54 -9.03
N ARG A 23 -0.42 3.27 -9.30
CA ARG A 23 -1.65 2.63 -8.81
C ARG A 23 -2.95 3.34 -9.21
N ASN A 24 -3.12 3.55 -10.53
CA ASN A 24 -4.34 4.18 -11.05
C ASN A 24 -5.41 3.13 -11.38
N TYR A 25 -5.03 1.86 -11.28
CA TYR A 25 -5.90 0.76 -11.59
C TYR A 25 -5.90 -0.15 -10.36
N ALA A 26 -7.06 -0.30 -9.74
CA ALA A 26 -7.21 -1.09 -8.51
C ALA A 26 -6.63 -2.50 -8.62
N ALA A 27 -6.94 -3.19 -9.72
CA ALA A 27 -6.47 -4.57 -9.92
C ALA A 27 -4.94 -4.68 -9.99
N HIS A 28 -4.30 -3.62 -10.48
CA HIS A 28 -2.85 -3.58 -10.50
C HIS A 28 -2.22 -3.36 -9.08
N ALA A 29 -2.85 -2.52 -8.26
CA ALA A 29 -2.46 -2.45 -6.85
C ALA A 29 -2.59 -3.82 -6.16
N LYS A 30 -3.72 -4.50 -6.37
CA LYS A 30 -3.97 -5.80 -5.74
C LYS A 30 -2.98 -6.88 -6.17
N GLU A 31 -2.65 -6.92 -7.46
CA GLU A 31 -1.81 -7.99 -8.00
C GLU A 31 -0.40 -7.92 -7.42
N LEU A 32 -0.01 -6.75 -6.93
CA LEU A 32 1.32 -6.58 -6.31
C LEU A 32 1.24 -6.44 -4.77
N ASN A 33 0.07 -6.69 -4.20
CA ASN A 33 -0.11 -6.68 -2.73
C ASN A 33 0.16 -5.27 -2.16
N ASN A 34 -0.37 -4.27 -2.84
CA ASN A 34 -0.27 -2.88 -2.43
C ASN A 34 -1.65 -2.33 -2.10
N PRO A 35 -1.72 -1.35 -1.17
CA PRO A 35 -2.99 -0.71 -0.82
C PRO A 35 -3.43 0.35 -1.84
N ILE A 36 -4.63 0.16 -2.37
CA ILE A 36 -5.29 1.13 -3.27
C ILE A 36 -5.22 2.57 -2.71
N PRO A 37 -4.66 3.51 -3.49
CA PRO A 37 -4.43 4.90 -3.01
C PRO A 37 -5.71 5.70 -2.87
N SER A 38 -5.67 6.78 -2.10
CA SER A 38 -6.79 7.71 -2.04
C SER A 38 -6.38 9.05 -2.63
N SER A 39 -5.07 9.27 -2.65
CA SER A 39 -4.43 10.32 -3.42
C SER A 39 -3.41 9.64 -4.35
N PRO A 40 -3.10 10.26 -5.49
CA PRO A 40 -2.19 9.54 -6.38
C PRO A 40 -0.73 9.55 -5.93
N ILE A 41 -0.06 8.43 -6.16
CA ILE A 41 1.39 8.33 -6.08
C ILE A 41 1.92 9.03 -7.33
N LEU A 42 2.82 10.00 -7.15
CA LEU A 42 3.41 10.75 -8.26
C LEU A 42 4.92 10.62 -8.32
N PHE A 43 5.41 10.27 -9.51
CA PHE A 43 6.84 10.28 -9.78
C PHE A 43 7.09 10.82 -11.19
N ILE A 44 8.36 11.00 -11.52
CA ILE A 44 8.77 11.64 -12.78
C ILE A 44 9.92 10.84 -13.42
N LYS A 45 9.82 10.63 -14.73
CA LYS A 45 10.90 10.01 -15.49
C LYS A 45 11.48 11.10 -16.41
N PRO A 46 12.81 11.10 -16.60
CA PRO A 46 13.46 12.17 -17.37
C PRO A 46 13.43 11.93 -18.88
N ALA A 47 13.58 13.01 -19.64
CA ALA A 47 13.72 12.89 -21.09
C ALA A 47 14.81 11.87 -21.47
N SER A 48 15.92 11.82 -20.72
CA SER A 48 17.01 10.87 -21.01
C SER A 48 16.61 9.40 -20.92
N SER A 49 15.44 9.13 -20.37
CA SER A 49 14.97 7.76 -20.30
C SER A 49 14.06 7.36 -21.48
N ALA A 50 13.61 8.34 -22.28
CA ALA A 50 12.76 8.05 -23.42
C ALA A 50 13.50 7.41 -24.59
N VAL A 51 12.87 6.42 -25.21
CA VAL A 51 13.35 5.80 -26.46
C VAL A 51 12.11 5.56 -27.34
N PRO A 52 12.30 5.38 -28.67
CA PRO A 52 11.17 4.97 -29.51
C PRO A 52 10.59 3.67 -29.02
N PHE A 53 9.27 3.53 -29.17
CA PHE A 53 8.58 2.32 -28.81
C PHE A 53 8.81 1.30 -29.92
N GLY A 54 9.80 0.44 -29.78
CA GLY A 54 10.10 -0.48 -30.88
C GLY A 54 10.75 0.14 -32.12
N PRO A 55 11.17 -0.70 -33.07
CA PRO A 55 11.02 -2.15 -33.11
C PRO A 55 11.82 -2.95 -32.10
N VAL A 56 12.72 -2.32 -31.35
CA VAL A 56 13.44 -3.05 -30.27
C VAL A 56 13.37 -2.35 -28.93
N PHE A 57 13.22 -3.11 -27.84
CA PHE A 57 13.36 -2.51 -26.52
C PHE A 57 14.61 -3.11 -25.88
N SER A 58 15.58 -2.27 -25.58
CA SER A 58 16.71 -2.66 -24.77
C SER A 58 16.38 -2.47 -23.28
N ILE A 59 16.61 -3.52 -22.50
CA ILE A 59 16.40 -3.55 -21.05
C ILE A 59 17.74 -3.69 -20.28
N PRO A 60 17.82 -3.12 -19.05
CA PRO A 60 19.01 -3.29 -18.23
C PRO A 60 19.29 -4.76 -18.01
N LYS A 61 20.57 -5.13 -17.96
CA LYS A 61 20.97 -6.55 -18.00
C LYS A 61 21.31 -7.28 -16.70
N ASP A 62 22.02 -6.63 -15.79
CA ASP A 62 22.47 -7.37 -14.60
C ASP A 62 21.97 -6.81 -13.28
N GLN A 63 20.69 -6.43 -13.26
CA GLN A 63 20.16 -5.64 -12.18
C GLN A 63 18.82 -6.18 -11.73
N GLY A 64 18.62 -7.46 -11.96
CA GLY A 64 17.38 -8.11 -11.58
C GLY A 64 16.28 -7.95 -12.62
N SER A 65 15.05 -8.20 -12.19
CA SER A 65 13.89 -8.29 -13.05
C SER A 65 13.48 -6.93 -13.64
N VAL A 66 13.09 -6.95 -14.92
CA VAL A 66 12.66 -5.74 -15.63
C VAL A 66 11.20 -5.95 -16.06
N HIS A 67 10.31 -5.11 -15.56
CA HIS A 67 8.88 -5.25 -15.83
C HIS A 67 8.34 -4.33 -16.93
N HIS A 68 7.43 -4.89 -17.75
CA HIS A 68 6.69 -4.09 -18.70
C HIS A 68 5.50 -3.51 -17.95
N GLU A 69 5.15 -2.28 -18.30
CA GLU A 69 3.96 -1.64 -17.75
C GLU A 69 3.38 -0.76 -18.83
N LEU A 70 2.43 -1.28 -19.62
CA LEU A 70 1.83 -0.42 -20.65
C LEU A 70 0.88 0.60 -20.02
N GLU A 71 0.90 1.83 -20.53
CA GLU A 71 0.13 2.95 -19.96
C GLU A 71 -0.29 3.88 -21.07
N ILE A 72 -1.47 4.50 -20.94
CA ILE A 72 -1.91 5.56 -21.87
C ILE A 72 -1.02 6.77 -21.60
N ALA A 73 -0.40 7.28 -22.66
CA ALA A 73 0.46 8.46 -22.58
C ALA A 73 -0.28 9.68 -23.14
N ILE A 74 -0.06 10.83 -22.52
CA ILE A 74 -0.74 12.10 -22.90
C ILE A 74 0.34 13.13 -23.18
N LEU A 75 0.27 13.80 -24.33
CA LEU A 75 1.23 14.86 -24.65
C LEU A 75 0.61 16.19 -24.25
N ILE A 76 1.36 16.97 -23.47
CA ILE A 76 0.90 18.31 -23.07
C ILE A 76 1.25 19.31 -24.16
N GLY A 77 0.28 20.07 -24.65
CA GLY A 77 0.54 21.11 -25.66
C GLY A 77 0.62 22.55 -25.18
N LYS A 78 -0.02 22.83 -24.04
CA LYS A 78 -0.04 24.17 -23.47
C LYS A 78 0.29 24.11 -21.98
N ALA A 79 1.05 25.09 -21.49
CA ALA A 79 1.46 25.10 -20.09
C ALA A 79 0.28 24.96 -19.15
N LEU A 80 0.42 24.11 -18.14
CA LEU A 80 -0.60 23.95 -17.11
C LEU A 80 0.01 24.14 -15.73
N SER A 81 -0.59 25.03 -14.95
CA SER A 81 -0.16 25.25 -13.58
C SER A 81 -1.40 25.55 -12.74
N ARG A 82 -1.67 24.70 -11.75
CA ARG A 82 -2.88 24.81 -10.93
C ARG A 82 -4.12 24.92 -11.84
N ALA A 83 -4.17 24.07 -12.87
CA ALA A 83 -5.18 24.18 -13.94
C ALA A 83 -6.52 23.54 -13.57
N SER A 84 -7.59 24.01 -14.21
CA SER A 84 -8.87 23.30 -14.16
C SER A 84 -8.88 22.13 -15.14
N THR A 85 -9.86 21.24 -15.02
CA THR A 85 -10.02 20.16 -16.02
C THR A 85 -10.37 20.70 -17.42
N GLU A 86 -11.04 21.85 -17.50
CA GLU A 86 -11.30 22.46 -18.83
C GLU A 86 -10.01 22.92 -19.47
N GLN A 87 -9.13 23.52 -18.68
CA GLN A 87 -7.84 23.94 -19.21
C GLN A 87 -6.99 22.74 -19.65
N VAL A 88 -7.05 21.64 -18.89
CA VAL A 88 -6.30 20.44 -19.26
C VAL A 88 -6.74 19.92 -20.65
N ALA A 89 -8.05 19.74 -20.82
CA ALA A 89 -8.61 19.23 -22.09
C ALA A 89 -8.18 20.08 -23.28
N GLU A 90 -8.18 21.40 -23.08
CA GLU A 90 -7.71 22.33 -24.12
C GLU A 90 -6.21 22.30 -24.34
N SER A 91 -5.45 21.88 -23.33
CA SER A 91 -4.00 21.79 -23.43
C SER A 91 -3.46 20.50 -24.11
N ILE A 92 -4.17 19.38 -23.96
CA ILE A 92 -3.69 18.09 -24.50
C ILE A 92 -3.52 18.13 -26.02
N ALA A 93 -2.30 17.86 -26.50
CA ALA A 93 -2.01 17.86 -27.94
C ALA A 93 -2.28 16.49 -28.60
N GLY A 94 -2.17 15.42 -27.82
CA GLY A 94 -2.45 14.10 -28.37
C GLY A 94 -2.36 13.01 -27.34
N ILE A 95 -2.65 11.78 -27.78
CA ILE A 95 -2.59 10.62 -26.92
C ILE A 95 -1.77 9.53 -27.60
N GLY A 96 -1.13 8.68 -26.81
CA GLY A 96 -0.29 7.60 -27.33
C GLY A 96 -0.09 6.58 -26.24
N LEU A 97 0.99 5.82 -26.33
CA LEU A 97 1.27 4.79 -25.33
C LEU A 97 2.71 4.88 -24.87
N GLY A 98 2.93 4.47 -23.63
CA GLY A 98 4.27 4.37 -23.11
C GLY A 98 4.46 3.08 -22.34
N LEU A 99 5.70 2.63 -22.24
CA LEU A 99 6.03 1.57 -21.32
C LEU A 99 6.80 2.18 -20.18
N ASP A 100 6.27 2.05 -18.98
CA ASP A 100 6.95 2.47 -17.77
C ASP A 100 7.84 1.32 -17.31
N LEU A 101 8.95 1.11 -18.02
CA LEU A 101 9.85 0.00 -17.71
C LEU A 101 10.45 0.21 -16.33
N THR A 102 10.43 -0.86 -15.53
CA THR A 102 10.74 -0.77 -14.12
C THR A 102 11.65 -1.91 -13.68
N LEU A 103 12.79 -1.53 -13.06
CA LEU A 103 13.63 -2.51 -12.40
C LEU A 103 12.93 -2.89 -11.10
N ARG A 104 12.17 -4.00 -11.15
CA ARG A 104 11.24 -4.32 -10.08
C ARG A 104 11.93 -4.73 -8.76
N ASP A 105 13.02 -5.48 -8.84
CA ASP A 105 13.73 -5.91 -7.62
C ASP A 105 14.38 -4.70 -6.97
N VAL A 106 14.91 -3.82 -7.81
CA VAL A 106 15.50 -2.59 -7.33
C VAL A 106 14.43 -1.73 -6.68
N GLN A 107 13.25 -1.67 -7.30
CA GLN A 107 12.13 -0.92 -6.72
C GLN A 107 11.69 -1.48 -5.37
N ASP A 108 11.64 -2.81 -5.26
CA ASP A 108 11.27 -3.46 -4.00
C ASP A 108 12.20 -3.02 -2.86
N GLN A 109 13.49 -2.92 -3.15
CA GLN A 109 14.49 -2.57 -2.16
C GLN A 109 14.42 -1.09 -1.81
N LEU A 110 14.31 -0.25 -2.85
CA LEU A 110 14.10 1.19 -2.67
C LEU A 110 12.90 1.48 -1.81
N LYS A 111 11.78 0.85 -2.13
CA LYS A 111 10.55 1.03 -1.37
C LYS A 111 10.70 0.62 0.10
N GLU A 112 11.35 -0.51 0.33
CA GLU A 112 11.44 -1.01 1.69
C GLU A 112 12.22 -0.05 2.57
N LYS A 113 13.26 0.59 2.01
CA LYS A 113 14.06 1.59 2.72
C LYS A 113 13.47 3.01 2.73
N GLY A 114 12.33 3.20 2.10
CA GLY A 114 11.76 4.53 1.92
C GLY A 114 12.62 5.42 1.05
N HIS A 115 13.28 4.84 0.05
CA HIS A 115 14.22 5.58 -0.82
C HIS A 115 13.60 6.09 -2.12
N PRO A 116 14.23 7.10 -2.77
CA PRO A 116 13.62 7.58 -4.02
C PRO A 116 13.70 6.51 -5.11
N TRP A 117 12.74 6.53 -6.02
CA TRP A 117 12.57 5.49 -7.00
C TRP A 117 13.38 5.63 -8.29
N GLU A 118 14.11 6.74 -8.45
CA GLU A 118 14.77 7.04 -9.74
C GLU A 118 15.62 5.88 -10.30
N ARG A 119 16.40 5.20 -9.45
CA ARG A 119 17.23 4.06 -9.91
C ARG A 119 16.40 3.01 -10.61
N ALA A 120 15.18 2.81 -10.14
CA ALA A 120 14.30 1.79 -10.71
C ALA A 120 13.42 2.28 -11.89
N LYS A 121 13.29 3.61 -12.07
CA LYS A 121 12.31 4.19 -13.00
C LYS A 121 12.89 5.11 -14.09
N SER A 122 14.07 5.65 -13.80
CA SER A 122 14.68 6.70 -14.62
C SER A 122 15.88 6.28 -15.48
N PHE A 123 16.24 5.00 -15.47
CA PHE A 123 17.38 4.49 -16.26
C PHE A 123 17.18 4.71 -17.77
N ASP A 124 18.29 4.78 -18.50
CA ASP A 124 18.23 4.90 -19.98
C ASP A 124 17.35 3.81 -20.56
N GLY A 125 16.44 4.18 -21.46
CA GLY A 125 15.51 3.21 -22.04
C GLY A 125 14.30 2.90 -21.17
N ALA A 126 14.17 3.59 -20.04
CA ALA A 126 13.08 3.30 -19.09
C ALA A 126 11.70 3.69 -19.61
N CYS A 127 11.66 4.52 -20.65
CA CYS A 127 10.39 5.00 -21.17
C CYS A 127 10.27 4.93 -22.71
N PRO A 128 10.06 3.72 -23.24
CA PRO A 128 9.63 3.61 -24.65
C PRO A 128 8.30 4.37 -24.84
N LEU A 129 8.24 5.24 -25.86
CA LEU A 129 7.05 6.07 -26.12
C LEU A 129 6.65 6.03 -27.58
N THR A 130 5.38 5.78 -27.86
CA THR A 130 4.89 5.79 -29.23
C THR A 130 4.74 7.23 -29.76
N GLU A 131 4.46 7.35 -31.05
CA GLU A 131 3.93 8.60 -31.60
C GLU A 131 2.64 8.95 -30.87
N PHE A 132 2.30 10.23 -30.89
CA PHE A 132 1.01 10.70 -30.35
C PHE A 132 0.06 11.05 -31.49
N VAL A 133 -1.24 10.95 -31.24
CA VAL A 133 -2.25 11.27 -32.23
C VAL A 133 -3.23 12.29 -31.60
N ALA A 134 -3.48 13.38 -32.31
CA ALA A 134 -4.49 14.38 -31.89
C ALA A 134 -5.88 13.73 -31.91
N VAL A 135 -6.64 13.91 -30.83
CA VAL A 135 -8.05 13.50 -30.78
C VAL A 135 -8.86 14.70 -30.28
N ASN A 136 -9.82 15.14 -31.06
CA ASN A 136 -10.69 16.24 -30.60
C ASN A 136 -11.98 15.66 -30.05
N LEU A 137 -11.96 15.34 -28.74
CA LEU A 137 -13.04 14.57 -28.09
C LEU A 137 -14.40 15.31 -27.94
N ALA A 138 -15.50 14.60 -28.25
CA ALA A 138 -16.85 15.22 -28.32
C ALA A 138 -17.38 15.76 -26.98
N SER A 139 -17.02 15.08 -25.89
CA SER A 139 -17.29 15.55 -24.52
C SER A 139 -16.17 15.07 -23.59
N GLU A 140 -16.10 15.70 -22.41
CA GLU A 140 -15.15 15.30 -21.38
C GLU A 140 -15.38 13.86 -20.97
N ASP A 141 -16.63 13.43 -21.15
CA ASP A 141 -17.07 12.06 -20.99
C ASP A 141 -16.18 11.06 -21.74
N GLU A 142 -15.82 11.40 -22.99
CA GLU A 142 -15.09 10.49 -23.91
C GLU A 142 -13.67 10.16 -23.48
N TRP A 143 -13.14 10.96 -22.57
CA TRP A 143 -11.85 10.67 -21.94
C TRP A 143 -11.94 9.36 -21.17
N GLN A 144 -13.17 8.88 -20.90
CA GLN A 144 -13.39 7.63 -20.17
C GLN A 144 -13.50 6.42 -21.09
N ALA A 145 -13.24 6.64 -22.37
CA ALA A 145 -13.43 5.61 -23.38
C ALA A 145 -12.12 5.21 -24.05
N ILE A 146 -10.99 5.52 -23.41
CA ILE A 146 -9.69 5.21 -24.02
C ILE A 146 -9.17 3.87 -23.50
N GLY A 147 -8.74 3.03 -24.43
CA GLY A 147 -8.30 1.68 -24.10
C GLY A 147 -6.86 1.40 -24.47
N LEU A 148 -6.28 0.44 -23.77
CA LEU A 148 -4.94 -0.03 -24.09
C LEU A 148 -4.92 -1.54 -23.97
N THR A 149 -4.07 -2.14 -24.79
CA THR A 149 -3.87 -3.58 -24.83
C THR A 149 -2.40 -3.89 -25.02
N LEU A 150 -1.88 -4.82 -24.22
CA LEU A 150 -0.54 -5.36 -24.43
C LEU A 150 -0.61 -6.84 -24.72
N GLU A 151 0.02 -7.26 -25.81
CA GLU A 151 0.24 -8.67 -26.06
C GLU A 151 1.72 -8.98 -25.96
N LYS A 152 2.06 -10.12 -25.36
CA LYS A 152 3.46 -10.57 -25.29
C LYS A 152 3.55 -11.94 -25.95
N ASN A 153 4.53 -12.10 -26.83
CA ASN A 153 4.71 -13.35 -27.59
C ASN A 153 3.38 -13.88 -28.14
N GLY A 154 2.66 -13.00 -28.83
CA GLY A 154 1.37 -13.33 -29.43
C GLY A 154 0.16 -13.52 -28.52
N GLN A 155 0.36 -13.40 -27.21
CA GLN A 155 -0.73 -13.69 -26.28
C GLN A 155 -1.10 -12.49 -25.39
N PHE A 156 -2.37 -12.42 -24.97
CA PHE A 156 -2.81 -11.36 -24.06
C PHE A 156 -1.86 -11.20 -22.88
N GLN A 157 -1.55 -9.95 -22.51
CA GLN A 157 -0.70 -9.66 -21.36
C GLN A 157 -1.31 -8.62 -20.39
N GLN A 158 -1.73 -7.48 -20.94
CA GLN A 158 -2.37 -6.40 -20.18
C GLN A 158 -3.52 -5.80 -20.99
N GLN A 159 -4.60 -5.41 -20.31
CA GLN A 159 -5.63 -4.57 -20.92
CA GLN A 159 -5.67 -4.61 -20.91
C GLN A 159 -6.26 -3.67 -19.87
N GLY A 160 -6.64 -2.46 -20.29
CA GLY A 160 -7.30 -1.50 -19.39
C GLY A 160 -8.15 -0.54 -20.20
N SER A 161 -9.06 0.13 -19.51
CA SER A 161 -9.83 1.23 -20.06
C SER A 161 -9.65 2.40 -19.11
N SER A 162 -9.61 3.62 -19.64
CA SER A 162 -9.50 4.80 -18.77
C SER A 162 -10.73 4.97 -17.87
N ALA A 163 -11.86 4.34 -18.26
CA ALA A 163 -13.06 4.21 -17.39
C ALA A 163 -12.74 3.64 -16.01
N GLU A 164 -11.73 2.77 -15.95
CA GLU A 164 -11.37 2.03 -14.75
C GLU A 164 -10.42 2.78 -13.83
N LEU A 166 -8.76 5.04 -11.14
CA LEU A 166 -9.15 5.65 -9.86
C LEU A 166 -9.08 7.16 -9.98
N PHE A 167 -8.06 7.66 -10.70
CA PHE A 167 -7.92 9.09 -10.97
C PHE A 167 -8.06 9.32 -12.48
N PRO A 168 -9.26 9.69 -12.96
CA PRO A 168 -9.46 9.89 -14.39
C PRO A 168 -8.51 10.92 -14.98
N ILE A 169 -8.30 10.82 -16.30
CA ILE A 169 -7.24 11.55 -17.00
C ILE A 169 -7.24 13.04 -16.72
N LEU A 170 -8.38 13.70 -16.94
CA LEU A 170 -8.40 15.17 -16.82
C LEU A 170 -8.15 15.66 -15.38
N PRO A 171 -8.92 15.14 -14.41
CA PRO A 171 -8.68 15.56 -13.02
C PRO A 171 -7.29 15.15 -12.49
N LEU A 172 -6.76 14.02 -12.96
CA LEU A 172 -5.40 13.59 -12.59
C LEU A 172 -4.34 14.63 -13.00
N ILE A 173 -4.38 15.02 -14.27
CA ILE A 173 -3.45 16.01 -14.82
C ILE A 173 -3.64 17.39 -14.19
N ALA A 174 -4.90 17.79 -13.99
CA ALA A 174 -5.22 19.04 -13.28
C ALA A 174 -4.56 19.02 -11.92
N HIS A 175 -4.74 17.91 -11.21
CA HIS A 175 -4.12 17.75 -9.89
C HIS A 175 -2.61 17.72 -9.95
N SER A 177 -0.80 19.30 -12.02
CA SER A 177 -0.37 20.67 -12.28
C SER A 177 -0.35 21.52 -11.00
N GLU A 178 -0.99 21.03 -9.93
CA GLU A 178 -0.97 21.69 -8.61
C GLU A 178 0.36 21.43 -7.91
N HIS A 179 0.98 20.30 -8.22
CA HIS A 179 2.25 19.93 -7.61
C HIS A 179 3.48 20.31 -8.43
N PHE A 180 3.40 20.14 -9.75
CA PHE A 180 4.49 20.47 -10.64
C PHE A 180 3.90 21.15 -11.86
N SER A 181 4.33 22.38 -12.15
CA SER A 181 3.84 23.04 -13.36
C SER A 181 4.23 22.21 -14.58
N LEU A 182 3.33 22.13 -15.55
CA LEU A 182 3.55 21.33 -16.74
C LEU A 182 3.77 22.24 -17.95
N GLN A 183 4.75 21.89 -18.78
CA GLN A 183 5.12 22.67 -19.96
C GLN A 183 4.81 21.91 -21.25
N PRO A 184 4.60 22.64 -22.37
CA PRO A 184 4.46 22.00 -23.68
C PRO A 184 5.65 21.06 -23.95
N GLY A 185 5.37 19.89 -24.50
CA GLY A 185 6.40 18.87 -24.65
C GLY A 185 6.49 17.91 -23.46
N ASP A 186 5.80 18.20 -22.34
CA ASP A 186 5.75 17.23 -21.23
C ASP A 186 4.84 16.08 -21.59
N VAL A 187 5.15 14.91 -21.04
CA VAL A 187 4.31 13.73 -21.24
C VAL A 187 3.77 13.20 -19.91
N ILE A 188 2.54 12.72 -19.95
CA ILE A 188 1.92 12.11 -18.78
C ILE A 188 1.72 10.61 -18.99
N LEU A 189 2.21 9.80 -18.04
CA LEU A 189 1.86 8.39 -18.00
C LEU A 189 0.76 8.16 -16.97
N THR A 190 -0.37 7.63 -17.43
CA THR A 190 -1.60 7.60 -16.65
C THR A 190 -1.85 6.31 -15.86
N GLY A 191 -0.83 5.46 -15.72
CA GLY A 191 -0.95 4.26 -14.93
C GLY A 191 -1.08 3.01 -15.78
N THR A 192 -0.54 1.91 -15.26
CA THR A 192 -0.62 0.61 -15.93
C THR A 192 -1.72 -0.26 -15.32
N PRO A 193 -2.51 -0.95 -16.16
CA PRO A 193 -3.50 -1.87 -15.61
C PRO A 193 -2.85 -3.15 -15.09
N ALA A 194 -3.68 -4.11 -14.68
CA ALA A 194 -3.21 -5.37 -14.17
C ALA A 194 -2.45 -6.10 -15.25
N GLY A 195 -1.73 -7.13 -14.84
CA GLY A 195 -0.98 -7.96 -15.77
C GLY A 195 0.49 -7.66 -15.95
N VAL A 196 1.07 -6.79 -15.10
CA VAL A 196 2.52 -6.47 -15.20
C VAL A 196 3.35 -7.74 -15.04
N GLY A 197 4.57 -7.74 -15.56
CA GLY A 197 5.38 -8.93 -15.48
C GLY A 197 6.75 -8.73 -16.07
N PRO A 198 7.63 -9.71 -15.86
CA PRO A 198 9.02 -9.59 -16.30
C PRO A 198 9.18 -9.62 -17.83
N LEU A 199 10.23 -8.98 -18.32
CA LEU A 199 10.64 -9.11 -19.73
C LEU A 199 11.95 -9.90 -19.87
N GLU A 200 12.03 -10.73 -20.92
CA GLU A 200 13.27 -11.44 -21.25
C GLU A 200 13.69 -11.11 -22.68
N VAL A 201 14.99 -11.14 -22.94
CA VAL A 201 15.50 -10.97 -24.30
C VAL A 201 14.70 -11.86 -25.27
N GLY A 202 14.28 -11.31 -26.39
CA GLY A 202 13.50 -12.09 -27.37
C GLY A 202 11.99 -12.10 -27.22
N ASP A 203 11.47 -11.57 -26.11
CA ASP A 203 10.04 -11.40 -25.96
C ASP A 203 9.61 -10.38 -27.00
N SER A 204 8.54 -10.66 -27.74
CA SER A 204 7.98 -9.65 -28.64
C SER A 204 6.73 -9.07 -28.01
N LEU A 205 6.52 -7.77 -28.21
CA LEU A 205 5.40 -7.07 -27.61
C LEU A 205 4.58 -6.40 -28.71
N SER A 206 3.28 -6.38 -28.52
CA SER A 206 2.40 -5.68 -29.42
C SER A 206 1.44 -4.82 -28.59
N ALA A 207 1.49 -3.50 -28.85
CA ALA A 207 0.75 -2.54 -28.04
C ALA A 207 -0.33 -1.85 -28.87
N LYS A 208 -1.53 -1.76 -28.31
CA LYS A 208 -2.67 -1.16 -29.01
C LYS A 208 -3.39 -0.08 -28.17
N LEU A 209 -3.63 1.06 -28.81
CA LEU A 209 -4.38 2.17 -28.24
C LEU A 209 -5.71 2.28 -28.99
N SER A 210 -6.79 2.40 -28.25
CA SER A 210 -8.12 2.44 -28.85
C SER A 210 -9.02 3.54 -28.28
N LEU A 211 -10.09 3.86 -29.00
CA LEU A 211 -11.08 4.83 -28.57
C LEU A 211 -12.44 4.23 -28.91
N GLU A 212 -13.27 4.04 -27.89
CA GLU A 212 -14.53 3.31 -27.98
C GLU A 212 -14.35 2.08 -28.85
N ASP A 213 -13.38 1.24 -28.52
CA ASP A 213 -13.14 0.01 -29.30
C ASP A 213 -12.79 0.20 -30.79
N ASN A 214 -12.29 1.38 -31.14
CA ASN A 214 -11.65 1.58 -32.43
C ASN A 214 -10.15 1.79 -32.23
N VAL A 215 -9.35 1.10 -33.04
CA VAL A 215 -7.89 1.16 -32.96
C VAL A 215 -7.34 2.50 -33.43
N LEU A 216 -6.65 3.18 -32.55
CA LEU A 216 -6.00 4.43 -32.91
C LEU A 216 -4.59 4.19 -33.44
N LEU A 217 -3.78 3.43 -32.71
CA LEU A 217 -2.47 3.01 -33.19
C LEU A 217 -2.09 1.63 -32.67
N THR A 218 -1.15 0.99 -33.35
CA THR A 218 -0.56 -0.27 -32.94
C THR A 218 0.96 -0.15 -33.06
N CYS A 219 1.69 -0.62 -32.06
CA CYS A 219 3.14 -0.57 -32.12
CA CYS A 219 3.15 -0.56 -32.11
C CYS A 219 3.75 -1.86 -31.58
N ASP A 220 4.75 -2.37 -32.29
CA ASP A 220 5.39 -3.63 -31.94
C ASP A 220 6.86 -3.44 -31.60
N GLY A 221 7.41 -4.34 -30.81
CA GLY A 221 8.86 -4.38 -30.59
C GLY A 221 9.31 -5.71 -29.99
N VAL A 222 10.59 -6.02 -30.11
CA VAL A 222 11.17 -7.21 -29.45
C VAL A 222 12.18 -6.77 -28.39
N VAL A 223 12.17 -7.45 -27.25
CA VAL A 223 13.16 -7.17 -26.19
C VAL A 223 14.58 -7.59 -26.61
N ILE A 224 15.53 -6.69 -26.43
CA ILE A 224 16.96 -7.00 -26.54
C ILE A 224 17.72 -6.49 -25.31
N ALA B 2 -28.02 16.62 15.31
CA ALA B 2 -27.77 17.83 14.51
C ALA B 2 -29.01 18.74 14.43
N GLU B 3 -28.75 20.02 14.15
CA GLU B 3 -29.81 21.05 13.96
C GLU B 3 -29.37 22.13 12.94
N LEU B 4 -30.28 22.97 12.48
CA LEU B 4 -30.06 23.69 11.22
C LEU B 4 -29.48 25.09 11.35
N ILE B 5 -28.64 25.46 10.39
CA ILE B 5 -28.10 26.81 10.30
C ILE B 5 -28.64 27.48 9.01
N LEU B 6 -29.15 28.70 9.16
CA LEU B 6 -29.58 29.51 8.04
C LEU B 6 -28.95 30.90 8.18
N ASN B 7 -28.09 31.25 7.23
CA ASN B 7 -27.33 32.51 7.22
C ASN B 7 -26.68 32.76 8.58
N GLN B 8 -25.93 31.75 9.00
CA GLN B 8 -25.10 31.76 10.21
C GLN B 8 -25.87 31.82 11.53
N ARG B 9 -27.20 31.77 11.47
CA ARG B 9 -28.05 31.78 12.66
C ARG B 9 -28.73 30.43 12.83
N PRO B 10 -29.05 30.03 14.08
CA PRO B 10 -29.78 28.77 14.25
C PRO B 10 -31.21 28.91 13.73
N TYR B 11 -31.65 28.01 12.84
CA TYR B 11 -32.99 28.08 12.29
C TYR B 11 -33.99 27.74 13.42
N PRO B 12 -35.13 28.47 13.49
CA PRO B 12 -36.01 28.28 14.67
C PRO B 12 -36.73 26.91 14.76
N ARG B 13 -36.74 26.15 13.67
CA ARG B 13 -37.35 24.82 13.71
C ARG B 13 -36.28 23.72 13.71
N ASP B 14 -36.52 22.70 14.52
CA ASP B 14 -35.67 21.51 14.50
C ASP B 14 -35.71 20.83 13.14
N LEU B 15 -34.61 20.16 12.80
CA LEU B 15 -34.59 19.31 11.62
C LEU B 15 -35.65 18.21 11.77
N GLY B 16 -36.54 18.10 10.78
CA GLY B 16 -37.62 17.11 10.81
C GLY B 16 -37.22 15.80 10.13
N LYS B 17 -37.37 15.76 8.81
CA LYS B 17 -37.04 14.59 8.01
C LYS B 17 -36.35 15.10 6.76
N ILE B 18 -35.58 14.24 6.10
CA ILE B 18 -34.83 14.63 4.91
C ILE B 18 -35.35 13.80 3.75
N VAL B 19 -36.12 14.43 2.88
CA VAL B 19 -36.79 13.73 1.78
C VAL B 19 -35.88 13.79 0.54
N CYS B 20 -35.62 12.62 -0.06
CA CYS B 20 -34.59 12.49 -1.09
C CYS B 20 -35.12 11.86 -2.39
N VAL B 21 -34.54 12.28 -3.50
CA VAL B 21 -34.83 11.66 -4.78
C VAL B 21 -33.59 10.84 -5.21
N GLY B 22 -33.83 9.76 -5.93
CA GLY B 22 -32.75 8.97 -6.50
C GLY B 22 -32.76 9.13 -8.01
N ARG B 23 -31.58 8.99 -8.64
CA ARG B 23 -31.47 9.04 -10.12
C ARG B 23 -32.12 10.28 -10.71
N ASN B 24 -31.70 11.45 -10.25
CA ASN B 24 -32.23 12.70 -10.79
C ASN B 24 -31.25 13.28 -11.84
N TYR B 25 -30.06 12.71 -11.92
CA TYR B 25 -29.10 13.06 -12.96
C TYR B 25 -28.83 11.83 -13.84
N ALA B 26 -29.21 11.93 -15.11
CA ALA B 26 -29.02 10.85 -16.11
C ALA B 26 -27.66 10.15 -16.04
N ALA B 27 -26.58 10.93 -16.07
CA ALA B 27 -25.23 10.37 -16.02
C ALA B 27 -24.95 9.62 -14.72
N HIS B 28 -25.68 9.94 -13.66
CA HIS B 28 -25.52 9.18 -12.43
C HIS B 28 -26.25 7.83 -12.50
N ALA B 29 -27.39 7.82 -13.17
CA ALA B 29 -28.11 6.57 -13.46
C ALA B 29 -27.20 5.64 -14.28
N LYS B 30 -26.74 6.14 -15.41
CA LYS B 30 -25.77 5.45 -16.27
C LYS B 30 -24.60 4.81 -15.51
N GLU B 31 -23.79 5.62 -14.83
CA GLU B 31 -22.56 5.12 -14.18
C GLU B 31 -22.77 3.93 -13.23
N LEU B 32 -24.01 3.77 -12.72
CA LEU B 32 -24.31 2.65 -11.83
C LEU B 32 -25.21 1.59 -12.50
N ASN B 33 -25.38 1.70 -13.82
CA ASN B 33 -26.07 0.69 -14.62
C ASN B 33 -27.52 0.45 -14.14
N ASN B 34 -28.34 1.51 -14.22
CA ASN B 34 -29.80 1.35 -14.05
C ASN B 34 -30.61 2.39 -14.83
N PRO B 35 -31.89 2.09 -15.12
CA PRO B 35 -32.65 2.97 -16.02
C PRO B 35 -33.11 4.26 -15.36
N ILE B 36 -33.64 5.16 -16.20
CA ILE B 36 -34.35 6.35 -15.73
C ILE B 36 -35.78 5.95 -15.39
N PRO B 37 -36.23 6.24 -14.16
CA PRO B 37 -37.65 5.98 -13.89
C PRO B 37 -38.52 7.09 -14.48
N SER B 38 -39.79 6.81 -14.75
CA SER B 38 -40.69 7.86 -15.27
C SER B 38 -41.18 8.78 -14.14
N SER B 39 -41.38 8.19 -12.96
CA SER B 39 -41.71 8.95 -11.75
C SER B 39 -40.56 8.83 -10.73
N PRO B 40 -40.39 9.85 -9.86
CA PRO B 40 -39.20 9.87 -9.00
C PRO B 40 -39.09 8.71 -8.01
N ILE B 41 -37.87 8.25 -7.78
CA ILE B 41 -37.58 7.32 -6.71
C ILE B 41 -37.48 8.15 -5.43
N LEU B 42 -38.32 7.84 -4.43
CA LEU B 42 -38.38 8.66 -3.22
C LEU B 42 -38.00 7.89 -1.99
N PHE B 43 -37.02 8.43 -1.27
CA PHE B 43 -36.67 7.88 0.03
C PHE B 43 -36.45 9.00 1.07
N ILE B 44 -36.38 8.60 2.34
CA ILE B 44 -36.28 9.56 3.43
C ILE B 44 -35.11 9.18 4.34
N LYS B 45 -34.33 10.18 4.74
CA LYS B 45 -33.33 10.03 5.80
C LYS B 45 -33.81 10.74 7.06
N PRO B 46 -33.49 10.19 8.25
CA PRO B 46 -33.91 10.74 9.55
C PRO B 46 -33.00 11.86 10.06
N ALA B 47 -33.56 12.70 10.93
CA ALA B 47 -32.79 13.71 11.68
C ALA B 47 -31.54 13.12 12.31
N SER B 48 -31.68 11.93 12.91
CA SER B 48 -30.54 11.28 13.55
C SER B 48 -29.38 10.94 12.60
N SER B 49 -29.59 10.99 11.28
CA SER B 49 -28.50 10.75 10.31
C SER B 49 -27.70 12.01 9.96
N ALA B 50 -28.25 13.18 10.32
CA ALA B 50 -27.63 14.46 10.00
C ALA B 50 -26.48 14.77 10.93
N VAL B 51 -25.45 15.41 10.38
CA VAL B 51 -24.30 15.93 11.11
C VAL B 51 -23.83 17.16 10.33
N PRO B 52 -23.00 18.01 10.94
CA PRO B 52 -22.43 19.11 10.17
C PRO B 52 -21.54 18.58 9.06
N PHE B 53 -21.53 19.27 7.93
CA PHE B 53 -20.69 18.88 6.81
C PHE B 53 -19.20 18.71 7.18
N GLY B 54 -18.66 19.70 7.90
CA GLY B 54 -17.27 19.63 8.38
C GLY B 54 -17.17 20.12 9.81
N PRO B 55 -15.94 20.19 10.37
CA PRO B 55 -14.64 19.94 9.72
C PRO B 55 -14.29 18.47 9.57
N VAL B 56 -14.99 17.59 10.28
CA VAL B 56 -14.84 16.14 10.09
C VAL B 56 -16.20 15.48 10.02
N PHE B 57 -16.25 14.27 9.45
CA PHE B 57 -17.43 13.42 9.56
C PHE B 57 -17.06 11.93 9.51
N SER B 58 -17.67 11.14 10.39
CA SER B 58 -17.43 9.70 10.47
C SER B 58 -18.16 8.93 9.37
N ILE B 59 -17.65 7.74 9.08
CA ILE B 59 -18.29 6.82 8.15
C ILE B 59 -18.41 5.46 8.83
N PRO B 60 -19.39 4.63 8.41
CA PRO B 60 -19.46 3.31 9.05
C PRO B 60 -18.19 2.49 8.76
N LYS B 61 -17.74 1.72 9.74
CA LYS B 61 -16.44 1.05 9.61
C LYS B 61 -16.44 -0.25 8.79
N ASP B 62 -16.92 -1.34 9.36
CA ASP B 62 -16.65 -2.66 8.79
C ASP B 62 -17.88 -3.20 8.08
N GLN B 63 -18.33 -2.46 7.08
CA GLN B 63 -19.67 -2.65 6.50
C GLN B 63 -19.70 -2.43 4.99
N GLY B 64 -18.54 -2.50 4.35
CA GLY B 64 -18.46 -2.33 2.90
C GLY B 64 -18.18 -0.90 2.51
N SER B 65 -18.36 -0.59 1.24
CA SER B 65 -17.98 0.72 0.72
C SER B 65 -18.99 1.82 1.01
N VAL B 66 -18.54 2.84 1.75
CA VAL B 66 -19.28 4.08 1.98
C VAL B 66 -19.05 5.03 0.81
N HIS B 67 -20.11 5.37 0.08
CA HIS B 67 -20.01 6.30 -1.03
C HIS B 67 -20.41 7.71 -0.62
N HIS B 68 -19.58 8.68 -0.99
CA HIS B 68 -19.97 10.10 -1.02
C HIS B 68 -20.94 10.32 -2.18
N GLU B 69 -21.95 11.17 -1.95
CA GLU B 69 -22.85 11.66 -3.00
C GLU B 69 -23.21 13.11 -2.63
N LEU B 70 -22.52 14.08 -3.22
CA LEU B 70 -22.89 15.48 -3.00
C LEU B 70 -24.18 15.81 -3.72
N GLU B 71 -25.05 16.59 -3.07
CA GLU B 71 -26.33 17.04 -3.66
C GLU B 71 -26.71 18.44 -3.19
N ILE B 72 -27.55 19.11 -3.96
CA ILE B 72 -28.13 20.40 -3.57
C ILE B 72 -29.21 20.14 -2.53
N ALA B 73 -29.11 20.83 -1.39
CA ALA B 73 -30.08 20.66 -0.29
C ALA B 73 -31.01 21.87 -0.19
N ILE B 74 -32.30 21.61 0.04
CA ILE B 74 -33.31 22.67 0.12
C ILE B 74 -33.94 22.67 1.51
N LEU B 75 -33.93 23.82 2.19
CA LEU B 75 -34.58 23.96 3.49
C LEU B 75 -36.03 24.40 3.35
N ILE B 76 -36.96 23.59 3.86
CA ILE B 76 -38.38 23.94 3.81
C ILE B 76 -38.74 24.91 4.93
N GLY B 77 -39.34 26.04 4.57
CA GLY B 77 -39.67 27.09 5.55
C GLY B 77 -41.13 27.16 6.00
N LYS B 78 -42.04 26.76 5.10
CA LYS B 78 -43.48 26.72 5.36
C LYS B 78 -44.08 25.36 4.99
N ALA B 79 -45.09 24.93 5.75
CA ALA B 79 -45.72 23.63 5.52
C ALA B 79 -46.22 23.47 4.08
N LEU B 80 -45.99 22.29 3.51
CA LEU B 80 -46.35 21.99 2.12
C LEU B 80 -47.03 20.64 2.01
N SER B 81 -48.24 20.65 1.46
CA SER B 81 -49.08 19.47 1.36
C SER B 81 -49.96 19.59 0.13
N ARG B 82 -49.79 18.69 -0.82
CA ARG B 82 -50.51 18.78 -2.10
C ARG B 82 -50.26 20.17 -2.72
N ALA B 83 -48.99 20.58 -2.73
CA ALA B 83 -48.60 21.94 -3.06
C ALA B 83 -48.35 22.18 -4.55
N SER B 84 -48.63 23.40 -4.99
CA SER B 84 -48.23 23.89 -6.30
C SER B 84 -46.75 24.28 -6.30
N THR B 85 -46.15 24.36 -7.48
CA THR B 85 -44.76 24.84 -7.61
C THR B 85 -44.59 26.28 -7.11
N GLU B 86 -45.68 27.06 -7.13
CA GLU B 86 -45.67 28.43 -6.66
C GLU B 86 -45.58 28.49 -5.16
N GLN B 87 -46.41 27.68 -4.48
CA GLN B 87 -46.39 27.56 -3.02
C GLN B 87 -45.05 27.00 -2.54
N VAL B 88 -44.45 26.12 -3.35
CA VAL B 88 -43.12 25.56 -3.09
C VAL B 88 -42.07 26.69 -3.12
N ALA B 89 -42.09 27.50 -4.19
CA ALA B 89 -41.16 28.62 -4.33
C ALA B 89 -41.28 29.58 -3.16
N GLU B 90 -42.50 29.83 -2.70
CA GLU B 90 -42.76 30.70 -1.56
C GLU B 90 -42.32 30.11 -0.23
N SER B 91 -42.21 28.78 -0.18
CA SER B 91 -41.96 28.09 1.08
C SER B 91 -40.48 27.87 1.40
N ILE B 92 -39.63 27.82 0.37
CA ILE B 92 -38.20 27.51 0.55
C ILE B 92 -37.43 28.61 1.28
N ALA B 93 -36.87 28.24 2.42
CA ALA B 93 -36.16 29.17 3.29
C ALA B 93 -34.70 29.35 2.89
N GLY B 94 -34.15 28.35 2.21
CA GLY B 94 -32.78 28.45 1.75
C GLY B 94 -32.21 27.25 1.02
N ILE B 95 -30.95 27.38 0.60
CA ILE B 95 -30.25 26.35 -0.15
C ILE B 95 -28.89 26.06 0.48
N GLY B 96 -28.49 24.80 0.40
CA GLY B 96 -27.19 24.36 0.89
C GLY B 96 -26.77 23.09 0.20
N LEU B 97 -25.84 22.37 0.83
CA LEU B 97 -25.36 21.08 0.33
C LEU B 97 -25.52 19.98 1.36
N GLY B 98 -25.82 18.77 0.89
CA GLY B 98 -25.77 17.57 1.73
C GLY B 98 -24.95 16.47 1.09
N LEU B 99 -24.41 15.58 1.91
CA LEU B 99 -23.79 14.35 1.42
C LEU B 99 -24.78 13.23 1.76
N ASP B 100 -25.36 12.64 0.72
CA ASP B 100 -26.17 11.45 0.86
C ASP B 100 -25.25 10.22 1.02
N LEU B 101 -24.56 10.14 2.17
CA LEU B 101 -23.67 9.01 2.41
C LEU B 101 -24.43 7.69 2.36
N THR B 102 -23.93 6.79 1.52
CA THR B 102 -24.61 5.54 1.17
C THR B 102 -23.69 4.34 1.41
N LEU B 103 -24.24 3.30 2.02
CA LEU B 103 -23.53 2.02 2.13
C LEU B 103 -23.88 1.24 0.89
N ARG B 104 -23.02 1.40 -0.12
CA ARG B 104 -23.32 0.94 -1.49
C ARG B 104 -23.43 -0.58 -1.63
N ASP B 105 -22.58 -1.32 -0.92
CA ASP B 105 -22.62 -2.78 -0.97
C ASP B 105 -23.94 -3.27 -0.33
N VAL B 106 -24.22 -2.79 0.88
CA VAL B 106 -25.52 -2.99 1.57
C VAL B 106 -26.72 -2.68 0.66
N GLN B 107 -26.68 -1.51 -0.01
CA GLN B 107 -27.75 -1.11 -0.93
C GLN B 107 -27.92 -2.07 -2.11
N ASP B 108 -26.80 -2.54 -2.66
CA ASP B 108 -26.79 -3.54 -3.73
C ASP B 108 -27.65 -4.76 -3.32
N GLN B 109 -27.38 -5.27 -2.12
CA GLN B 109 -28.07 -6.40 -1.55
C GLN B 109 -29.55 -6.15 -1.25
N LEU B 110 -29.85 -5.00 -0.65
CA LEU B 110 -31.21 -4.66 -0.28
C LEU B 110 -32.02 -4.56 -1.54
N LYS B 111 -31.47 -3.87 -2.53
CA LYS B 111 -32.10 -3.75 -3.83
C LYS B 111 -32.34 -5.12 -4.47
N GLU B 112 -31.38 -6.03 -4.31
CA GLU B 112 -31.54 -7.33 -4.98
C GLU B 112 -32.73 -8.11 -4.41
N LYS B 113 -32.93 -7.99 -3.10
CA LYS B 113 -34.05 -8.62 -2.38
C LYS B 113 -35.36 -7.85 -2.39
N GLY B 114 -35.37 -6.65 -2.96
CA GLY B 114 -36.52 -5.76 -2.89
C GLY B 114 -36.81 -5.25 -1.48
N HIS B 115 -35.76 -5.18 -0.66
CA HIS B 115 -35.86 -4.80 0.75
C HIS B 115 -35.72 -3.28 0.90
N PRO B 116 -36.13 -2.73 2.07
CA PRO B 116 -36.06 -1.28 2.26
C PRO B 116 -34.63 -0.81 2.37
N TRP B 117 -34.40 0.42 1.94
CA TRP B 117 -33.06 0.97 1.85
C TRP B 117 -32.44 1.51 3.12
N GLU B 118 -33.22 1.63 4.19
CA GLU B 118 -32.78 2.35 5.39
C GLU B 118 -31.39 1.98 5.94
N ARG B 119 -31.10 0.69 6.02
CA ARG B 119 -29.78 0.23 6.51
C ARG B 119 -28.62 0.90 5.74
N ALA B 120 -28.86 1.16 4.46
CA ALA B 120 -27.85 1.72 3.56
C ALA B 120 -27.88 3.24 3.49
N LYS B 121 -28.99 3.84 3.94
CA LYS B 121 -29.23 5.28 3.77
C LYS B 121 -29.45 6.07 5.06
N SER B 122 -29.82 5.42 6.16
CA SER B 122 -30.28 6.14 7.34
C SER B 122 -29.39 6.02 8.58
N PHE B 123 -28.20 5.44 8.39
CA PHE B 123 -27.25 5.30 9.52
C PHE B 123 -26.81 6.65 10.11
N ASP B 124 -26.28 6.63 11.33
CA ASP B 124 -25.69 7.84 11.92
C ASP B 124 -24.63 8.47 11.00
N GLY B 125 -24.72 9.78 10.82
CA GLY B 125 -23.76 10.52 10.03
C GLY B 125 -23.96 10.34 8.55
N ALA B 126 -25.03 9.66 8.18
CA ALA B 126 -25.36 9.43 6.76
C ALA B 126 -25.75 10.68 6.01
N CYS B 127 -26.02 11.77 6.74
CA CYS B 127 -26.38 13.04 6.09
C CYS B 127 -25.62 14.31 6.58
N PRO B 128 -24.33 14.44 6.22
CA PRO B 128 -23.64 15.72 6.45
C PRO B 128 -24.38 16.83 5.69
N LEU B 129 -24.64 17.95 6.37
CA LEU B 129 -25.34 19.08 5.78
C LEU B 129 -24.61 20.36 6.10
N THR B 130 -24.48 21.23 5.09
CA THR B 130 -23.91 22.55 5.30
C THR B 130 -24.96 23.47 5.94
N GLU B 131 -24.55 24.69 6.27
CA GLU B 131 -25.50 25.72 6.59
C GLU B 131 -26.30 26.00 5.33
N PHE B 132 -27.50 26.56 5.50
CA PHE B 132 -28.31 27.00 4.38
C PHE B 132 -28.20 28.51 4.21
N VAL B 133 -28.49 28.99 3.00
CA VAL B 133 -28.46 30.42 2.71
C VAL B 133 -29.74 30.84 2.00
N ALA B 134 -30.35 31.92 2.47
CA ALA B 134 -31.57 32.47 1.87
C ALA B 134 -31.24 33.01 0.49
N VAL B 135 -32.09 32.68 -0.48
CA VAL B 135 -32.00 33.21 -1.85
C VAL B 135 -33.36 33.76 -2.33
N ASN B 136 -33.48 35.08 -2.38
CA ASN B 136 -34.67 35.73 -2.91
C ASN B 136 -34.52 35.83 -4.41
N LEU B 137 -34.87 34.74 -5.10
CA LEU B 137 -34.60 34.59 -6.51
C LEU B 137 -35.52 35.48 -7.35
N ALA B 138 -34.96 36.07 -8.41
CA ALA B 138 -35.70 37.03 -9.27
C ALA B 138 -36.80 36.38 -10.12
N SER B 139 -36.54 35.17 -10.62
CA SER B 139 -37.58 34.37 -11.29
C SER B 139 -37.40 32.85 -11.08
N GLU B 140 -38.46 32.09 -11.35
CA GLU B 140 -38.44 30.64 -11.19
C GLU B 140 -37.45 29.92 -12.12
N ASP B 141 -37.03 30.58 -13.20
CA ASP B 141 -35.94 30.11 -14.07
C ASP B 141 -34.59 30.04 -13.35
N GLU B 142 -34.45 30.78 -12.24
CA GLU B 142 -33.20 30.82 -11.48
C GLU B 142 -32.97 29.55 -10.66
N TRP B 143 -34.04 28.81 -10.42
CA TRP B 143 -33.95 27.49 -9.79
C TRP B 143 -33.17 26.49 -10.65
N GLN B 144 -33.06 26.81 -11.94
CA GLN B 144 -32.29 26.00 -12.89
C GLN B 144 -30.86 26.47 -13.05
N ALA B 145 -30.40 27.32 -12.12
CA ALA B 145 -29.05 27.92 -12.24
C ALA B 145 -28.16 27.65 -11.03
N ILE B 146 -28.48 26.58 -10.29
CA ILE B 146 -27.75 26.24 -9.08
C ILE B 146 -26.73 25.18 -9.42
N GLY B 147 -25.48 25.43 -9.04
CA GLY B 147 -24.37 24.53 -9.34
C GLY B 147 -23.82 23.91 -8.09
N LEU B 148 -23.16 22.75 -8.26
CA LEU B 148 -22.46 22.11 -7.16
C LEU B 148 -21.21 21.41 -7.66
N THR B 149 -20.17 21.39 -6.84
CA THR B 149 -19.00 20.64 -7.18
C THR B 149 -18.45 20.03 -5.93
N LEU B 150 -17.83 18.87 -6.09
CA LEU B 150 -17.12 18.21 -5.02
C LEU B 150 -15.69 17.90 -5.48
N GLU B 151 -14.75 18.04 -4.56
CA GLU B 151 -13.36 17.72 -4.83
C GLU B 151 -12.85 16.81 -3.73
N LYS B 152 -12.09 15.80 -4.11
CA LYS B 152 -11.68 14.80 -3.15
C LYS B 152 -10.18 14.51 -3.15
N ASN B 153 -9.57 14.66 -1.98
CA ASN B 153 -8.14 14.51 -1.84
C ASN B 153 -7.38 15.33 -2.89
N GLY B 154 -7.92 16.50 -3.22
CA GLY B 154 -7.23 17.44 -4.08
C GLY B 154 -7.56 17.25 -5.54
N GLN B 155 -8.40 16.26 -5.82
CA GLN B 155 -8.85 16.05 -7.18
C GLN B 155 -10.36 16.30 -7.31
N PHE B 156 -10.76 16.81 -8.48
CA PHE B 156 -12.17 17.04 -8.82
C PHE B 156 -12.92 15.68 -8.94
N GLN B 157 -14.06 15.56 -8.26
CA GLN B 157 -14.83 14.31 -8.20
C GLN B 157 -16.24 14.37 -8.78
N GLN B 158 -16.99 15.42 -8.44
CA GLN B 158 -18.36 15.57 -8.92
C GLN B 158 -18.66 17.00 -9.31
N GLN B 159 -19.52 17.17 -10.31
CA GLN B 159 -19.97 18.48 -10.72
C GLN B 159 -21.32 18.31 -11.37
N GLY B 160 -22.22 19.25 -11.11
CA GLY B 160 -23.52 19.23 -11.75
C GLY B 160 -24.20 20.57 -11.73
N SER B 161 -25.33 20.63 -12.40
CA SER B 161 -26.18 21.80 -12.43
C SER B 161 -27.64 21.37 -12.30
N SER B 162 -28.40 22.12 -11.50
CA SER B 162 -29.85 21.91 -11.37
C SER B 162 -30.61 22.01 -12.69
N ALA B 163 -29.92 22.45 -13.72
CA ALA B 163 -30.45 22.46 -15.10
C ALA B 163 -30.50 21.03 -15.69
N GLU B 164 -29.63 20.16 -15.18
CA GLU B 164 -29.46 18.78 -15.65
C GLU B 164 -30.48 17.81 -15.01
N LEU B 166 -33.53 15.62 -14.06
CA LEU B 166 -34.69 15.00 -14.72
C LEU B 166 -35.97 15.54 -14.09
N PHE B 167 -35.99 15.67 -12.77
CA PHE B 167 -37.11 16.33 -12.08
C PHE B 167 -36.58 17.61 -11.40
N PRO B 168 -36.95 18.78 -11.94
CA PRO B 168 -36.45 20.08 -11.46
C PRO B 168 -36.97 20.43 -10.05
N ILE B 169 -36.18 21.23 -9.34
CA ILE B 169 -36.38 21.48 -7.92
C ILE B 169 -37.84 21.74 -7.52
N LEU B 170 -38.49 22.72 -8.13
CA LEU B 170 -39.86 23.10 -7.73
C LEU B 170 -40.92 22.04 -7.99
N PRO B 171 -40.94 21.48 -9.21
CA PRO B 171 -41.82 20.33 -9.52
C PRO B 171 -41.55 19.09 -8.66
N LEU B 172 -40.28 18.75 -8.46
CA LEU B 172 -39.91 17.61 -7.63
C LEU B 172 -40.43 17.73 -6.19
N ILE B 173 -40.28 18.90 -5.58
CA ILE B 173 -40.78 19.12 -4.21
C ILE B 173 -42.31 19.15 -4.17
N ALA B 174 -42.93 19.78 -5.16
CA ALA B 174 -44.39 19.72 -5.31
C ALA B 174 -44.92 18.27 -5.32
N HIS B 175 -44.27 17.41 -6.09
CA HIS B 175 -44.59 15.98 -6.17
C HIS B 175 -44.37 15.26 -4.82
N SER B 177 -44.59 16.41 -1.97
CA SER B 177 -45.64 16.88 -1.07
C SER B 177 -47.01 16.24 -1.31
N GLU B 178 -47.17 15.52 -2.42
CA GLU B 178 -48.41 14.78 -2.69
C GLU B 178 -48.41 13.48 -1.89
N HIS B 179 -47.22 13.04 -1.50
CA HIS B 179 -47.02 11.78 -0.82
C HIS B 179 -46.67 11.90 0.67
N PHE B 180 -45.78 12.84 0.99
CA PHE B 180 -45.40 13.10 2.37
C PHE B 180 -45.55 14.59 2.61
N SER B 181 -46.46 14.99 3.53
CA SER B 181 -46.55 16.41 3.92
C SER B 181 -45.20 16.91 4.40
N LEU B 182 -44.83 18.13 4.01
CA LEU B 182 -43.54 18.69 4.41
C LEU B 182 -43.78 19.80 5.45
N GLN B 183 -42.96 19.80 6.50
CA GLN B 183 -43.03 20.77 7.60
C GLN B 183 -41.80 21.68 7.57
N PRO B 184 -41.92 22.91 8.12
CA PRO B 184 -40.77 23.79 8.34
C PRO B 184 -39.66 23.03 9.06
N GLY B 185 -38.43 23.15 8.58
CA GLY B 185 -37.33 22.43 9.20
C GLY B 185 -36.98 21.13 8.48
N ASP B 186 -37.84 20.72 7.54
CA ASP B 186 -37.53 19.58 6.66
C ASP B 186 -36.52 19.99 5.63
N VAL B 187 -35.77 19.01 5.15
CA VAL B 187 -34.74 19.23 4.17
C VAL B 187 -34.97 18.32 2.94
N ILE B 188 -34.69 18.85 1.76
CA ILE B 188 -34.81 18.09 0.52
C ILE B 188 -33.44 17.87 -0.10
N LEU B 189 -33.10 16.61 -0.40
CA LEU B 189 -31.90 16.34 -1.21
C LEU B 189 -32.35 16.09 -2.64
N THR B 190 -31.74 16.79 -3.59
CA THR B 190 -32.33 16.85 -4.93
C THR B 190 -31.64 15.91 -5.93
N GLY B 191 -30.75 15.04 -5.46
CA GLY B 191 -30.08 14.04 -6.31
C GLY B 191 -28.58 14.31 -6.46
N THR B 192 -27.79 13.25 -6.66
CA THR B 192 -26.32 13.37 -6.85
C THR B 192 -25.98 13.24 -8.35
N PRO B 193 -24.98 14.01 -8.83
CA PRO B 193 -24.59 13.82 -10.23
C PRO B 193 -23.50 12.74 -10.32
N ALA B 194 -22.93 12.56 -11.52
CA ALA B 194 -21.91 11.52 -11.71
C ALA B 194 -20.69 11.73 -10.79
N GLY B 195 -19.92 10.66 -10.58
CA GLY B 195 -18.68 10.72 -9.84
C GLY B 195 -18.71 10.16 -8.45
N VAL B 196 -19.73 9.36 -8.14
CA VAL B 196 -19.85 8.81 -6.78
C VAL B 196 -18.72 7.82 -6.56
N GLY B 197 -18.29 7.65 -5.33
CA GLY B 197 -17.19 6.75 -5.07
C GLY B 197 -16.94 6.51 -3.60
N PRO B 198 -15.97 5.65 -3.30
CA PRO B 198 -15.63 5.29 -1.92
C PRO B 198 -15.02 6.42 -1.08
N LEU B 199 -15.07 6.24 0.23
CA LEU B 199 -14.43 7.12 1.18
C LEU B 199 -13.67 6.25 2.19
N GLU B 200 -12.52 6.75 2.64
CA GLU B 200 -11.75 6.07 3.69
C GLU B 200 -11.21 7.08 4.70
N VAL B 201 -10.99 6.61 5.93
CA VAL B 201 -10.37 7.40 7.00
C VAL B 201 -9.22 8.23 6.41
N GLY B 202 -9.29 9.55 6.59
CA GLY B 202 -8.24 10.45 6.11
C GLY B 202 -8.58 11.23 4.86
N ASP B 203 -9.50 10.72 4.05
CA ASP B 203 -9.94 11.42 2.82
C ASP B 203 -10.44 12.83 3.06
N SER B 204 -9.98 13.77 2.23
CA SER B 204 -10.33 15.18 2.38
C SER B 204 -11.30 15.64 1.32
N LEU B 205 -12.42 16.20 1.76
CA LEU B 205 -13.45 16.66 0.83
C LEU B 205 -13.62 18.17 0.89
N SER B 206 -13.90 18.75 -0.26
CA SER B 206 -14.22 20.17 -0.34
C SER B 206 -15.33 20.34 -1.34
N ALA B 207 -16.37 21.09 -0.97
CA ALA B 207 -17.57 21.20 -1.80
C ALA B 207 -18.02 22.65 -1.94
N LYS B 208 -18.49 23.01 -3.13
CA LYS B 208 -18.92 24.35 -3.42
C LYS B 208 -20.33 24.35 -3.93
N LEU B 209 -21.09 25.36 -3.49
CA LEU B 209 -22.43 25.58 -3.98
C LEU B 209 -22.37 26.88 -4.75
N SER B 210 -22.98 26.90 -5.93
CA SER B 210 -22.98 28.10 -6.78
C SER B 210 -24.35 28.53 -7.30
N LEU B 211 -24.50 29.83 -7.53
CA LEU B 211 -25.71 30.39 -8.14
C LEU B 211 -25.31 31.20 -9.37
N GLU B 212 -25.91 30.87 -10.51
CA GLU B 212 -25.50 31.44 -11.79
C GLU B 212 -23.97 31.45 -11.92
N ASP B 213 -23.34 30.36 -11.51
CA ASP B 213 -21.88 30.23 -11.59
C ASP B 213 -21.09 31.19 -10.67
N ASN B 214 -21.76 31.82 -9.70
CA ASN B 214 -21.06 32.56 -8.63
C ASN B 214 -21.07 31.68 -7.39
N VAL B 215 -19.92 31.52 -6.75
CA VAL B 215 -19.81 30.63 -5.60
C VAL B 215 -20.38 31.24 -4.32
N LEU B 216 -21.37 30.57 -3.74
CA LEU B 216 -22.06 31.07 -2.55
C LEU B 216 -21.51 30.47 -1.25
N LEU B 217 -21.21 29.18 -1.31
CA LEU B 217 -20.79 28.41 -0.15
C LEU B 217 -19.64 27.50 -0.50
N THR B 218 -18.70 27.34 0.43
CA THR B 218 -17.60 26.40 0.31
C THR B 218 -17.45 25.74 1.66
N CYS B 219 -17.43 24.40 1.69
CA CYS B 219 -17.25 23.68 2.96
CA CYS B 219 -17.27 23.68 2.96
C CYS B 219 -16.29 22.51 2.82
N ASP B 220 -15.44 22.34 3.82
CA ASP B 220 -14.45 21.30 3.81
C ASP B 220 -14.68 20.34 4.98
N GLY B 221 -14.41 19.05 4.76
CA GLY B 221 -14.55 18.06 5.79
C GLY B 221 -13.65 16.86 5.55
N VAL B 222 -13.07 16.33 6.62
CA VAL B 222 -12.23 15.14 6.49
C VAL B 222 -12.91 13.88 7.08
N VAL B 223 -12.70 12.74 6.43
CA VAL B 223 -13.28 11.46 6.84
C VAL B 223 -12.53 10.85 8.04
N ILE B 224 -13.27 10.59 9.12
CA ILE B 224 -12.72 9.88 10.29
C ILE B 224 -13.55 8.62 10.60
N ALA C 2 2.97 -22.34 28.82
CA ALA C 2 3.26 -23.58 28.11
C ALA C 2 4.60 -24.21 28.49
N GLU C 3 4.62 -25.53 28.62
CA GLU C 3 5.88 -26.25 28.86
C GLU C 3 6.16 -27.24 27.74
N LEU C 4 7.44 -27.48 27.47
CA LEU C 4 7.90 -28.25 26.33
C LEU C 4 7.77 -29.76 26.52
N ILE C 5 7.52 -30.46 25.41
CA ILE C 5 7.40 -31.93 25.40
C ILE C 5 8.38 -32.53 24.37
N LEU C 6 9.23 -33.46 24.81
CA LEU C 6 10.24 -34.09 23.95
C LEU C 6 9.98 -35.58 23.64
N ASN C 7 10.47 -36.50 24.49
CA ASN C 7 10.24 -37.94 24.22
C ASN C 7 8.82 -38.34 24.62
N GLN C 8 7.84 -37.58 24.12
CA GLN C 8 6.49 -37.48 24.70
C GLN C 8 6.47 -37.51 26.24
N ARG C 9 7.42 -36.78 26.82
CA ARG C 9 7.59 -36.58 28.26
C ARG C 9 7.90 -35.10 28.47
N PRO C 10 7.71 -34.57 29.69
CA PRO C 10 8.11 -33.16 29.88
C PRO C 10 9.60 -32.98 29.61
N TYR C 11 9.96 -31.85 29.00
CA TYR C 11 11.36 -31.49 28.83
C TYR C 11 11.85 -30.78 30.09
N PRO C 12 13.01 -31.23 30.65
CA PRO C 12 13.54 -30.74 31.94
C PRO C 12 13.68 -29.21 32.07
N ARG C 13 13.67 -28.49 30.95
CA ARG C 13 13.86 -27.04 31.03
C ARG C 13 12.60 -26.27 30.67
N ASP C 14 12.46 -25.09 31.27
CA ASP C 14 11.38 -24.18 30.93
C ASP C 14 11.63 -23.63 29.52
N LEU C 15 10.55 -23.39 28.78
CA LEU C 15 10.64 -22.68 27.50
C LEU C 15 11.24 -21.30 27.76
N GLY C 16 12.30 -20.97 27.02
CA GLY C 16 13.02 -19.70 27.23
C GLY C 16 12.54 -18.57 26.34
N LYS C 17 13.08 -18.50 25.12
CA LYS C 17 12.63 -17.54 24.13
C LYS C 17 12.52 -18.27 22.81
N ILE C 18 11.77 -17.69 21.87
CA ILE C 18 11.53 -18.29 20.58
C ILE C 18 12.13 -17.35 19.53
N VAL C 19 13.30 -17.70 19.00
CA VAL C 19 14.03 -16.84 18.06
C VAL C 19 13.59 -17.22 16.65
N CYS C 20 13.21 -16.22 15.87
CA CYS C 20 12.54 -16.44 14.58
C CYS C 20 13.24 -15.74 13.43
N VAL C 21 13.17 -16.35 12.26
CA VAL C 21 13.71 -15.73 11.05
C VAL C 21 12.58 -15.33 10.12
N GLY C 22 12.77 -14.19 9.45
CA GLY C 22 11.84 -13.77 8.42
C GLY C 22 12.39 -14.01 7.03
N ARG C 23 11.51 -14.40 6.11
CA ARG C 23 11.82 -14.53 4.68
C ARG C 23 12.87 -15.59 4.40
N ASN C 24 12.69 -16.78 4.98
CA ASN C 24 13.64 -17.87 4.74
C ASN C 24 13.28 -18.68 3.49
N TYR C 25 12.06 -18.49 3.00
CA TYR C 25 11.61 -19.15 1.79
C TYR C 25 11.31 -18.15 0.69
N ALA C 26 12.04 -18.29 -0.41
CA ALA C 26 11.93 -17.43 -1.60
C ALA C 26 10.49 -17.18 -2.05
N ALA C 27 9.68 -18.24 -2.15
CA ALA C 27 8.30 -18.10 -2.60
C ALA C 27 7.40 -17.32 -1.63
N HIS C 28 7.79 -17.27 -0.36
CA HIS C 28 7.02 -16.52 0.64
C HIS C 28 7.33 -15.03 0.56
N ALA C 29 8.59 -14.68 0.36
CA ALA C 29 8.94 -13.28 0.06
C ALA C 29 8.23 -12.81 -1.21
N LYS C 30 8.17 -13.68 -2.21
CA LYS C 30 7.54 -13.37 -3.50
C LYS C 30 6.06 -13.11 -3.40
N GLU C 31 5.33 -14.01 -2.74
CA GLU C 31 3.87 -13.94 -2.67
C GLU C 31 3.39 -12.65 -2.01
N LEU C 32 4.24 -12.08 -1.16
CA LEU C 32 3.90 -10.84 -0.48
C LEU C 32 4.60 -9.63 -1.11
N ASN C 33 5.32 -9.85 -2.20
CA ASN C 33 6.08 -8.81 -2.88
C ASN C 33 7.02 -8.05 -1.94
N ASN C 34 7.80 -8.81 -1.18
CA ASN C 34 8.84 -8.28 -0.32
C ASN C 34 10.19 -8.70 -0.87
N PRO C 35 11.20 -7.82 -0.75
CA PRO C 35 12.54 -8.15 -1.22
C PRO C 35 13.16 -9.25 -0.37
N ILE C 36 14.02 -10.05 -0.99
CA ILE C 36 14.74 -11.12 -0.30
C ILE C 36 15.94 -10.50 0.38
N PRO C 37 16.03 -10.66 1.71
CA PRO C 37 17.17 -10.06 2.42
C PRO C 37 18.43 -10.89 2.19
N SER C 38 19.60 -10.24 2.20
CA SER C 38 20.90 -10.93 2.08
C SER C 38 21.39 -11.48 3.42
N SER C 39 20.89 -10.86 4.49
CA SER C 39 21.15 -11.29 5.87
C SER C 39 19.81 -11.61 6.51
N PRO C 40 19.79 -12.59 7.44
CA PRO C 40 18.52 -12.99 8.04
C PRO C 40 17.79 -11.85 8.76
N ILE C 41 16.48 -11.76 8.57
CA ILE C 41 15.62 -10.89 9.37
C ILE C 41 15.31 -11.62 10.69
N LEU C 42 15.66 -10.99 11.80
CA LEU C 42 15.61 -11.66 13.10
C LEU C 42 14.67 -10.97 14.08
N PHE C 43 13.75 -11.75 14.65
CA PHE C 43 12.89 -11.29 15.73
C PHE C 43 12.66 -12.42 16.76
N ILE C 44 12.09 -12.06 17.90
CA ILE C 44 11.95 -13.00 19.01
C ILE C 44 10.54 -12.90 19.56
N LYS C 45 9.91 -14.07 19.79
CA LYS C 45 8.65 -14.19 20.51
C LYS C 45 8.93 -14.69 21.95
N PRO C 46 8.20 -14.17 22.97
CA PRO C 46 8.45 -14.61 24.35
C PRO C 46 7.76 -15.96 24.67
N ALA C 47 8.21 -16.60 25.75
CA ALA C 47 7.58 -17.80 26.29
C ALA C 47 6.06 -17.64 26.49
N SER C 48 5.66 -16.49 27.00
CA SER C 48 4.25 -16.20 27.30
C SER C 48 3.32 -16.18 26.08
N SER C 49 3.90 -16.26 24.87
CA SER C 49 3.08 -16.31 23.66
C SER C 49 2.83 -17.73 23.18
N ALA C 50 3.55 -18.70 23.76
CA ALA C 50 3.42 -20.09 23.38
C ALA C 50 2.18 -20.73 24.00
N VAL C 51 1.48 -21.52 23.19
CA VAL C 51 0.32 -22.30 23.63
C VAL C 51 0.43 -23.68 22.98
N PRO C 52 -0.43 -24.64 23.41
CA PRO C 52 -0.43 -25.92 22.71
C PRO C 52 -0.96 -25.78 21.29
N PHE C 53 -0.38 -26.53 20.37
CA PHE C 53 -0.86 -26.60 19.00
C PHE C 53 -2.15 -27.43 19.00
N GLY C 54 -3.25 -26.83 19.44
CA GLY C 54 -4.50 -27.56 19.49
C GLY C 54 -4.73 -28.33 20.80
N PRO C 55 -5.90 -28.96 20.95
CA PRO C 55 -6.99 -29.07 19.96
C PRO C 55 -7.58 -27.74 19.50
N VAL C 56 -7.35 -26.66 20.24
CA VAL C 56 -7.75 -25.31 19.78
C VAL C 56 -6.62 -24.30 19.97
N PHE C 57 -6.72 -23.20 19.24
CA PHE C 57 -5.89 -22.00 19.49
C PHE C 57 -6.74 -20.76 19.31
N SER C 58 -6.55 -19.80 20.19
CA SER C 58 -7.32 -18.59 20.14
C SER C 58 -6.58 -17.53 19.32
N ILE C 59 -7.31 -16.85 18.44
CA ILE C 59 -6.78 -15.68 17.70
C ILE C 59 -7.36 -14.37 18.25
N PRO C 60 -6.54 -13.31 18.30
CA PRO C 60 -7.02 -11.99 18.77
C PRO C 60 -8.21 -11.49 17.96
N LYS C 61 -9.16 -10.86 18.65
CA LYS C 61 -10.33 -10.28 18.00
C LYS C 61 -10.16 -8.76 17.94
N ASP C 62 -10.75 -8.14 16.92
CA ASP C 62 -10.80 -6.66 16.77
C ASP C 62 -9.47 -5.96 16.52
N GLN C 63 -8.47 -6.72 16.04
CA GLN C 63 -7.16 -6.15 15.73
C GLN C 63 -6.74 -6.47 14.28
N GLY C 64 -7.71 -6.76 13.42
CA GLY C 64 -7.46 -7.00 12.00
C GLY C 64 -7.16 -8.45 11.67
N SER C 65 -6.54 -8.66 10.52
CA SER C 65 -6.24 -10.03 10.07
C SER C 65 -5.23 -10.72 10.99
N VAL C 66 -5.44 -12.01 11.23
CA VAL C 66 -4.49 -12.86 11.92
C VAL C 66 -4.08 -13.96 10.95
N HIS C 67 -2.79 -14.03 10.66
CA HIS C 67 -2.28 -14.96 9.65
C HIS C 67 -1.65 -16.20 10.25
N HIS C 68 -1.94 -17.36 9.64
CA HIS C 68 -1.24 -18.58 10.00
C HIS C 68 0.10 -18.56 9.30
N GLU C 69 1.13 -19.05 9.99
CA GLU C 69 2.44 -19.23 9.40
C GLU C 69 3.06 -20.50 9.98
N LEU C 70 2.89 -21.63 9.30
CA LEU C 70 3.54 -22.86 9.76
C LEU C 70 5.03 -22.80 9.49
N GLU C 71 5.81 -23.23 10.49
CA GLU C 71 7.28 -23.26 10.41
C GLU C 71 7.82 -24.45 11.16
N ILE C 72 8.94 -25.00 10.69
CA ILE C 72 9.68 -26.01 11.43
C ILE C 72 10.30 -25.37 12.66
N ALA C 73 10.01 -25.95 13.83
CA ALA C 73 10.56 -25.49 15.09
C ALA C 73 11.71 -26.40 15.53
N ILE C 74 12.72 -25.79 16.14
CA ILE C 74 13.89 -26.50 16.60
C ILE C 74 13.98 -26.28 18.12
N LEU C 75 14.11 -27.35 18.89
CA LEU C 75 14.40 -27.21 20.33
C LEU C 75 15.90 -27.23 20.56
N ILE C 76 16.38 -26.26 21.32
CA ILE C 76 17.79 -26.16 21.70
C ILE C 76 17.98 -26.86 23.05
N GLY C 77 18.94 -27.79 23.11
CA GLY C 77 19.19 -28.59 24.31
C GLY C 77 20.48 -28.27 25.03
N LYS C 78 21.39 -27.59 24.33
CA LYS C 78 22.67 -27.19 24.91
C LYS C 78 22.98 -25.73 24.56
N ALA C 79 23.58 -25.01 25.51
CA ALA C 79 23.85 -23.59 25.36
C ALA C 79 24.66 -23.32 24.11
N LEU C 80 24.23 -22.33 23.34
CA LEU C 80 24.95 -21.91 22.13
C LEU C 80 25.28 -20.40 22.14
N SER C 81 26.57 -20.09 21.95
CA SER C 81 27.02 -18.72 21.88
C SER C 81 28.19 -18.60 20.93
N ARG C 82 28.01 -17.83 19.85
CA ARG C 82 29.00 -17.73 18.78
C ARG C 82 29.39 -19.14 18.31
N ALA C 83 28.38 -19.96 18.00
CA ALA C 83 28.58 -21.39 17.78
C ALA C 83 28.86 -21.78 16.32
N SER C 84 29.52 -22.91 16.15
CA SER C 84 29.78 -23.47 14.83
C SER C 84 28.60 -24.32 14.43
N THR C 85 28.45 -24.58 13.14
CA THR C 85 27.35 -25.43 12.69
C THR C 85 27.41 -26.82 13.33
N GLU C 86 28.63 -27.33 13.52
CA GLU C 86 28.86 -28.59 14.24
C GLU C 86 28.26 -28.54 15.67
N GLN C 87 28.59 -27.47 16.41
CA GLN C 87 28.08 -27.29 17.76
C GLN C 87 26.56 -27.16 17.77
N VAL C 88 26.03 -26.46 16.78
CA VAL C 88 24.59 -26.31 16.65
C VAL C 88 23.91 -27.67 16.52
N ALA C 89 24.42 -28.50 15.60
CA ALA C 89 23.89 -29.85 15.38
C ALA C 89 23.91 -30.71 16.64
N GLU C 90 25.03 -30.66 17.37
CA GLU C 90 25.17 -31.32 18.67
C GLU C 90 24.15 -30.87 19.70
N SER C 91 23.74 -29.61 19.62
CA SER C 91 22.89 -28.99 20.65
C SER C 91 21.40 -29.21 20.46
N ILE C 92 20.97 -29.44 19.22
CA ILE C 92 19.57 -29.61 18.91
C ILE C 92 18.99 -30.87 19.60
N ALA C 93 17.90 -30.68 20.33
CA ALA C 93 17.27 -31.75 21.09
C ALA C 93 16.12 -32.38 20.33
N GLY C 94 15.44 -31.58 19.53
CA GLY C 94 14.26 -32.07 18.85
C GLY C 94 13.78 -31.12 17.76
N ILE C 95 12.82 -31.62 17.00
CA ILE C 95 12.24 -30.97 15.84
C ILE C 95 10.74 -31.03 16.07
N GLY C 96 10.03 -29.94 15.73
CA GLY C 96 8.57 -29.87 15.85
C GLY C 96 8.04 -28.85 14.86
N LEU C 97 6.79 -28.43 15.06
CA LEU C 97 6.18 -27.37 14.25
C LEU C 97 5.70 -26.25 15.15
N GLY C 98 5.79 -25.02 14.64
CA GLY C 98 5.18 -23.87 15.30
C GLY C 98 4.31 -23.06 14.34
N LEU C 99 3.32 -22.38 14.88
CA LEU C 99 2.62 -21.37 14.09
C LEU C 99 3.09 -19.99 14.54
N ASP C 100 3.67 -19.24 13.60
CA ASP C 100 4.09 -17.86 13.84
C ASP C 100 2.88 -16.97 13.58
N LEU C 101 1.91 -17.02 14.50
CA LEU C 101 0.68 -16.28 14.30
C LEU C 101 1.03 -14.79 14.28
N THR C 102 0.47 -14.08 13.31
CA THR C 102 0.85 -12.70 13.04
C THR C 102 -0.36 -11.83 12.83
N LEU C 103 -0.45 -10.72 13.57
CA LEU C 103 -1.43 -9.67 13.29
C LEU C 103 -0.89 -8.88 12.09
N ARG C 104 -1.34 -9.25 10.89
CA ARG C 104 -0.73 -8.76 9.65
C ARG C 104 -0.95 -7.26 9.41
N ASP C 105 -2.17 -6.77 9.61
CA ASP C 105 -2.49 -5.34 9.53
C ASP C 105 -1.73 -4.52 10.58
N VAL C 106 -1.56 -5.07 11.78
CA VAL C 106 -0.75 -4.40 12.80
C VAL C 106 0.72 -4.36 12.32
N GLN C 107 1.21 -5.45 11.76
CA GLN C 107 2.58 -5.51 11.27
C GLN C 107 2.85 -4.49 10.14
N ASP C 108 1.90 -4.36 9.21
CA ASP C 108 1.97 -3.33 8.15
C ASP C 108 2.14 -1.91 8.73
N GLN C 109 1.35 -1.57 9.75
CA GLN C 109 1.49 -0.27 10.42
C GLN C 109 2.84 -0.11 11.13
N LEU C 110 3.24 -1.14 11.87
CA LEU C 110 4.51 -1.08 12.59
C LEU C 110 5.69 -0.86 11.63
N LYS C 111 5.66 -1.59 10.51
CA LYS C 111 6.65 -1.46 9.44
C LYS C 111 6.69 -0.04 8.89
N GLU C 112 5.51 0.50 8.58
CA GLU C 112 5.40 1.83 7.98
C GLU C 112 6.04 2.89 8.90
N LYS C 113 5.73 2.83 10.19
CA LYS C 113 6.24 3.80 11.15
C LYS C 113 7.65 3.50 11.69
N GLY C 114 8.28 2.44 11.22
CA GLY C 114 9.60 2.06 11.75
C GLY C 114 9.56 1.69 13.24
N HIS C 115 8.53 0.96 13.63
CA HIS C 115 8.33 0.51 15.01
C HIS C 115 8.75 -0.95 15.22
N PRO C 116 9.05 -1.35 16.48
CA PRO C 116 9.40 -2.78 16.75
C PRO C 116 8.20 -3.69 16.49
N TRP C 117 8.44 -4.93 16.10
CA TRP C 117 7.33 -5.81 15.69
C TRP C 117 6.54 -6.51 16.80
N GLU C 118 6.92 -6.32 18.06
CA GLU C 118 6.34 -7.12 19.15
C GLU C 118 4.79 -7.13 19.24
N ARG C 119 4.15 -5.99 19.11
CA ARG C 119 2.65 -5.97 19.08
C ARG C 119 2.04 -6.94 18.09
N ALA C 120 2.71 -7.19 16.97
CA ALA C 120 2.17 -8.06 15.94
C ALA C 120 2.63 -9.50 16.05
N LYS C 121 3.65 -9.77 16.86
CA LYS C 121 4.27 -11.11 16.86
C LYS C 121 4.26 -11.81 18.22
N SER C 122 4.14 -11.03 19.29
CA SER C 122 4.39 -11.50 20.64
C SER C 122 3.18 -11.55 21.56
N PHE C 123 1.98 -11.36 21.02
CA PHE C 123 0.74 -11.37 21.81
C PHE C 123 0.48 -12.77 22.40
N ASP C 124 -0.36 -12.82 23.44
CA ASP C 124 -0.74 -14.11 24.03
C ASP C 124 -1.31 -15.05 22.96
N GLY C 125 -0.75 -16.26 22.88
CA GLY C 125 -1.19 -17.24 21.90
C GLY C 125 -0.62 -17.07 20.50
N ALA C 126 0.38 -16.20 20.35
CA ALA C 126 0.98 -15.93 19.04
C ALA C 126 1.85 -17.08 18.57
N CYS C 127 2.14 -18.02 19.46
CA CYS C 127 2.98 -19.17 19.11
C CYS C 127 2.48 -20.57 19.52
N PRO C 128 1.45 -21.10 18.81
CA PRO C 128 1.14 -22.54 18.95
C PRO C 128 2.37 -23.36 18.61
N LEU C 129 2.65 -24.37 19.42
CA LEU C 129 3.89 -25.10 19.40
C LEU C 129 3.58 -26.57 19.68
N THR C 130 3.90 -27.44 18.72
CA THR C 130 3.70 -28.89 18.87
C THR C 130 4.71 -29.47 19.87
N GLU C 131 4.59 -30.77 20.11
CA GLU C 131 5.59 -31.50 20.89
C GLU C 131 6.81 -31.66 19.98
N PHE C 132 7.97 -31.90 20.59
CA PHE C 132 9.21 -32.07 19.85
C PHE C 132 9.58 -33.55 19.78
N VAL C 133 10.10 -33.96 18.62
CA VAL C 133 10.51 -35.34 18.39
C VAL C 133 12.02 -35.31 18.35
N ALA C 134 12.65 -36.14 19.19
CA ALA C 134 14.10 -36.19 19.34
C ALA C 134 14.79 -36.60 18.05
N VAL C 135 15.96 -36.02 17.81
CA VAL C 135 16.69 -36.26 16.58
C VAL C 135 18.13 -36.65 16.87
N ASN C 136 18.66 -37.51 16.03
CA ASN C 136 20.07 -37.89 16.09
C ASN C 136 20.41 -38.29 14.67
N LEU C 137 20.43 -37.28 13.80
CA LEU C 137 20.56 -37.44 12.37
C LEU C 137 21.93 -37.99 11.99
N ALA C 138 21.93 -38.79 10.92
CA ALA C 138 23.12 -39.49 10.45
C ALA C 138 24.24 -38.54 10.01
N SER C 139 23.86 -37.46 9.34
CA SER C 139 24.80 -36.48 8.83
C SER C 139 24.17 -35.10 8.80
N GLU C 140 25.01 -34.08 8.65
CA GLU C 140 24.55 -32.69 8.58
C GLU C 140 23.62 -32.38 7.40
N ASP C 141 23.79 -33.12 6.29
CA ASP C 141 22.94 -32.94 5.11
C ASP C 141 21.50 -33.40 5.32
N GLU C 142 21.28 -34.21 6.36
CA GLU C 142 19.92 -34.63 6.77
C GLU C 142 19.02 -33.47 7.18
N TRP C 143 19.60 -32.31 7.43
CA TRP C 143 18.85 -31.11 7.82
C TRP C 143 18.12 -30.46 6.65
N GLN C 144 18.49 -30.87 5.43
CA GLN C 144 17.86 -30.41 4.20
C GLN C 144 16.71 -31.32 3.80
N ALA C 145 16.43 -32.31 4.64
CA ALA C 145 15.46 -33.33 4.31
C ALA C 145 14.21 -33.27 5.20
N ILE C 146 13.98 -32.11 5.83
CA ILE C 146 12.80 -31.92 6.70
C ILE C 146 11.64 -31.22 5.98
N GLY C 147 10.49 -31.88 5.96
CA GLY C 147 9.28 -31.34 5.33
C GLY C 147 8.22 -30.84 6.29
N LEU C 148 7.36 -29.95 5.80
CA LEU C 148 6.15 -29.52 6.53
C LEU C 148 4.99 -29.27 5.58
N THR C 149 3.78 -29.62 6.01
CA THR C 149 2.57 -29.30 5.27
C THR C 149 1.57 -28.74 6.23
N LEU C 150 0.79 -27.78 5.74
CA LEU C 150 -0.35 -27.27 6.47
C LEU C 150 -1.56 -27.40 5.58
N GLU C 151 -2.67 -27.83 6.19
CA GLU C 151 -3.95 -27.83 5.50
C GLU C 151 -4.94 -27.00 6.31
N LYS C 152 -5.80 -26.27 5.61
CA LYS C 152 -6.89 -25.53 6.23
C LYS C 152 -8.23 -26.03 5.68
N ASN C 153 -9.12 -26.47 6.57
CA ASN C 153 -10.43 -27.04 6.20
C ASN C 153 -10.32 -28.16 5.14
N GLY C 154 -9.36 -29.06 5.32
CA GLY C 154 -9.14 -30.16 4.38
C GLY C 154 -8.48 -29.85 3.03
N GLN C 155 -8.14 -28.59 2.78
CA GLN C 155 -7.47 -28.21 1.54
C GLN C 155 -6.00 -27.84 1.79
N PHE C 156 -5.15 -28.12 0.82
CA PHE C 156 -3.75 -27.68 0.82
C PHE C 156 -3.70 -26.17 1.12
N GLN C 157 -2.78 -25.77 2.01
CA GLN C 157 -2.54 -24.36 2.31
C GLN C 157 -1.05 -24.01 2.19
N GLN C 158 -0.22 -24.72 2.95
CA GLN C 158 1.24 -24.52 2.91
C GLN C 158 1.99 -25.83 2.79
N GLN C 159 3.10 -25.78 2.06
CA GLN C 159 4.03 -26.90 1.99
C GLN C 159 5.40 -26.36 1.69
N GLY C 160 6.40 -26.92 2.35
CA GLY C 160 7.76 -26.60 2.06
C GLY C 160 8.70 -27.68 2.54
N SER C 161 9.97 -27.48 2.22
CA SER C 161 11.04 -28.36 2.61
C SER C 161 12.23 -27.51 3.05
N SER C 162 12.90 -27.94 4.11
CA SER C 162 14.08 -27.23 4.62
C SER C 162 15.19 -27.09 3.59
N ALA C 163 15.12 -27.88 2.52
CA ALA C 163 16.05 -27.76 1.40
C ALA C 163 15.88 -26.40 0.71
N GLU C 164 14.67 -25.86 0.75
CA GLU C 164 14.32 -24.60 0.07
C GLU C 164 14.77 -23.36 0.83
N LEU C 166 16.66 -20.28 2.29
CA LEU C 166 17.75 -19.36 1.93
C LEU C 166 18.85 -19.44 2.98
N PHE C 167 18.47 -19.61 4.25
CA PHE C 167 19.44 -19.79 5.34
C PHE C 167 19.20 -21.14 5.99
N PRO C 168 19.96 -22.17 5.60
CA PRO C 168 19.71 -23.53 6.11
C PRO C 168 19.77 -23.58 7.66
N ILE C 169 19.11 -24.57 8.23
CA ILE C 169 18.92 -24.65 9.69
C ILE C 169 20.15 -24.43 10.55
N LEU C 170 21.24 -25.14 10.24
CA LEU C 170 22.43 -25.09 11.09
C LEU C 170 23.16 -23.75 11.04
N PRO C 171 23.49 -23.24 9.81
CA PRO C 171 24.15 -21.95 9.83
C PRO C 171 23.24 -20.78 10.26
N LEU C 172 21.93 -20.92 10.08
CA LEU C 172 20.98 -19.94 10.61
C LEU C 172 21.10 -19.83 12.12
N ILE C 173 21.01 -20.97 12.81
CA ILE C 173 21.13 -21.00 14.27
C ILE C 173 22.51 -20.53 14.74
N ALA C 174 23.55 -20.97 14.05
CA ALA C 174 24.91 -20.51 14.32
C ALA C 174 24.97 -18.97 14.22
N HIS C 175 24.35 -18.43 13.16
CA HIS C 175 24.28 -16.98 12.97
C HIS C 175 23.47 -16.31 14.12
N SER C 177 23.09 -17.31 17.14
CA SER C 177 23.91 -17.43 18.35
C SER C 177 25.03 -16.39 18.46
N GLU C 178 25.42 -15.78 17.33
CA GLU C 178 26.39 -14.67 17.34
C GLU C 178 25.76 -13.36 17.87
N HIS C 179 24.43 -13.25 17.77
CA HIS C 179 23.73 -12.05 18.22
C HIS C 179 23.01 -12.27 19.53
N PHE C 180 22.36 -13.43 19.68
CA PHE C 180 21.70 -13.75 20.94
C PHE C 180 22.13 -15.13 21.40
N SER C 181 22.76 -15.22 22.57
CA SER C 181 23.13 -16.53 23.11
C SER C 181 21.86 -17.31 23.31
N LEU C 182 21.91 -18.60 22.97
CA LEU C 182 20.76 -19.48 23.11
C LEU C 182 20.98 -20.43 24.29
N GLN C 183 19.92 -20.64 25.07
CA GLN C 183 19.96 -21.52 26.24
C GLN C 183 19.07 -22.74 26.01
N PRO C 184 19.35 -23.86 26.74
CA PRO C 184 18.45 -25.01 26.68
C PRO C 184 17.01 -24.63 26.99
N GLY C 185 16.09 -25.11 26.16
CA GLY C 185 14.70 -24.76 26.32
C GLY C 185 14.28 -23.64 25.38
N ASP C 186 15.25 -22.97 24.77
CA ASP C 186 14.94 -22.00 23.70
C ASP C 186 14.45 -22.74 22.46
N VAL C 187 13.60 -22.08 21.69
CA VAL C 187 13.03 -22.64 20.46
C VAL C 187 13.38 -21.75 19.27
N ILE C 188 13.64 -22.36 18.11
CA ILE C 188 13.88 -21.59 16.88
C ILE C 188 12.77 -21.81 15.88
N LEU C 189 12.18 -20.74 15.36
CA LEU C 189 11.25 -20.86 14.22
C LEU C 189 11.99 -20.47 12.93
N THR C 190 12.05 -21.41 12.00
CA THR C 190 12.98 -21.34 10.86
C THR C 190 12.37 -20.73 9.58
N GLY C 191 11.23 -20.07 9.74
CA GLY C 191 10.60 -19.32 8.64
C GLY C 191 9.44 -20.05 8.03
N THR C 192 8.48 -19.30 7.51
CA THR C 192 7.29 -19.88 6.86
C THR C 192 7.42 -19.92 5.33
N PRO C 193 6.96 -21.03 4.70
CA PRO C 193 6.94 -21.08 3.24
C PRO C 193 5.75 -20.31 2.67
N ALA C 194 5.62 -20.30 1.33
CA ALA C 194 4.49 -19.65 0.69
C ALA C 194 3.16 -20.22 1.16
N GLY C 195 2.10 -19.48 0.93
CA GLY C 195 0.76 -19.92 1.28
C GLY C 195 0.20 -19.35 2.57
N VAL C 196 0.86 -18.33 3.15
CA VAL C 196 0.32 -17.69 4.36
C VAL C 196 -1.05 -17.08 4.03
N GLY C 197 -1.88 -16.93 5.05
CA GLY C 197 -3.21 -16.42 4.85
C GLY C 197 -3.88 -16.16 6.15
N PRO C 198 -5.07 -15.53 6.09
CA PRO C 198 -5.83 -15.18 7.27
C PRO C 198 -6.53 -16.40 7.86
N LEU C 199 -6.89 -16.30 9.13
CA LEU C 199 -7.64 -17.35 9.82
C LEU C 199 -8.98 -16.80 10.31
N GLU C 200 -10.02 -17.63 10.25
CA GLU C 200 -11.31 -17.24 10.78
CA GLU C 200 -11.38 -17.30 10.70
C GLU C 200 -11.77 -18.19 11.88
N VAL C 201 -12.60 -17.68 12.78
CA VAL C 201 -13.21 -18.51 13.81
C VAL C 201 -13.87 -19.73 13.13
N GLY C 202 -13.58 -20.91 13.65
CA GLY C 202 -14.20 -22.12 13.10
C GLY C 202 -13.43 -22.73 11.96
N ASP C 203 -12.24 -22.20 11.68
CA ASP C 203 -11.33 -22.83 10.73
C ASP C 203 -10.62 -24.01 11.40
N SER C 204 -10.45 -25.10 10.66
CA SER C 204 -9.66 -26.22 11.13
C SER C 204 -8.32 -26.26 10.40
N LEU C 205 -7.33 -26.86 11.07
CA LEU C 205 -5.98 -26.91 10.54
C LEU C 205 -5.36 -28.26 10.82
N SER C 206 -4.61 -28.77 9.84
CA SER C 206 -3.81 -29.96 10.07
C SER C 206 -2.38 -29.73 9.59
N ALA C 207 -1.44 -29.97 10.50
CA ALA C 207 -0.02 -29.77 10.25
C ALA C 207 0.76 -31.09 10.36
N LYS C 208 1.61 -31.34 9.37
CA LYS C 208 2.45 -32.52 9.36
C LYS C 208 3.90 -32.15 9.20
N LEU C 209 4.73 -32.77 10.03
CA LEU C 209 6.17 -32.65 9.96
C LEU C 209 6.71 -34.00 9.48
N SER C 210 7.66 -33.99 8.56
CA SER C 210 8.27 -35.24 8.12
C SER C 210 9.77 -35.13 7.91
N LEU C 211 10.43 -36.28 7.94
CA LEU C 211 11.87 -36.37 7.67
C LEU C 211 12.11 -37.45 6.62
N GLU C 212 12.78 -37.09 5.52
CA GLU C 212 12.91 -37.97 4.33
C GLU C 212 11.54 -38.51 3.89
N ASP C 213 10.53 -37.65 3.92
CA ASP C 213 9.15 -37.98 3.55
C ASP C 213 8.41 -38.92 4.52
N ASN C 214 9.05 -39.27 5.64
CA ASN C 214 8.39 -40.06 6.69
C ASN C 214 7.74 -39.19 7.76
N VAL C 215 6.42 -39.11 7.76
CA VAL C 215 5.65 -38.28 8.71
C VAL C 215 6.05 -38.56 10.15
N LEU C 216 6.56 -37.53 10.83
CA LEU C 216 6.98 -37.66 12.23
C LEU C 216 5.92 -37.23 13.23
N LEU C 217 5.15 -36.21 12.92
CA LEU C 217 4.00 -35.88 13.77
C LEU C 217 2.88 -35.19 13.00
N THR C 218 1.68 -35.29 13.56
CA THR C 218 0.49 -34.71 13.00
C THR C 218 -0.27 -34.05 14.14
N CYS C 219 -0.60 -32.77 13.98
CA CYS C 219 -1.41 -32.07 14.97
C CYS C 219 -2.57 -31.32 14.34
N ASP C 220 -3.71 -31.40 14.99
CA ASP C 220 -4.95 -30.84 14.50
C ASP C 220 -5.48 -29.82 15.49
N GLY C 221 -6.19 -28.83 14.99
CA GLY C 221 -6.83 -27.84 15.86
C GLY C 221 -7.85 -26.98 15.12
N VAL C 222 -8.84 -26.48 15.87
CA VAL C 222 -9.77 -25.48 15.35
C VAL C 222 -9.50 -24.10 15.95
N VAL C 223 -9.75 -23.09 15.13
CA VAL C 223 -9.55 -21.71 15.53
C VAL C 223 -10.78 -21.21 16.29
N ILE C 224 -10.56 -20.74 17.50
CA ILE C 224 -11.62 -20.08 18.28
C ILE C 224 -11.22 -18.62 18.53
N ALA D 2 13.55 28.72 -15.93
CA ALA D 2 14.87 29.23 -15.53
C ALA D 2 15.94 28.84 -16.54
N GLU D 3 16.85 29.76 -16.83
CA GLU D 3 17.88 29.52 -17.85
C GLU D 3 19.30 29.70 -17.30
N LEU D 4 20.22 28.92 -17.86
CA LEU D 4 21.55 28.75 -17.30
C LEU D 4 22.50 29.90 -17.66
N ILE D 5 23.24 30.36 -16.66
CA ILE D 5 24.23 31.40 -16.88
C ILE D 5 25.63 30.89 -16.55
N LEU D 6 26.46 30.78 -17.58
CA LEU D 6 27.88 30.46 -17.41
C LEU D 6 28.74 31.61 -17.92
N ASN D 7 29.66 32.07 -17.09
CA ASN D 7 30.65 33.08 -17.48
C ASN D 7 30.02 34.47 -17.50
N GLN D 8 29.03 34.67 -16.63
CA GLN D 8 28.27 35.92 -16.49
C GLN D 8 27.43 36.24 -17.74
N ARG D 9 27.38 35.28 -18.66
CA ARG D 9 26.67 35.39 -19.91
C ARG D 9 25.73 34.19 -20.08
N PRO D 10 24.72 34.29 -20.98
CA PRO D 10 23.90 33.11 -21.26
C PRO D 10 24.71 31.86 -21.67
N TYR D 11 24.18 30.68 -21.35
CA TYR D 11 24.76 29.41 -21.77
C TYR D 11 23.93 28.84 -22.93
N PRO D 12 24.60 28.25 -23.95
CA PRO D 12 23.89 27.76 -25.16
C PRO D 12 22.98 26.53 -24.95
N ARG D 13 22.88 26.04 -23.71
CA ARG D 13 22.02 24.89 -23.45
C ARG D 13 20.87 25.26 -22.52
N ASP D 14 19.70 24.70 -22.82
CA ASP D 14 18.59 24.75 -21.88
C ASP D 14 18.90 23.81 -20.72
N LEU D 15 18.50 24.23 -19.51
CA LEU D 15 18.53 23.35 -18.34
C LEU D 15 17.79 22.05 -18.64
N GLY D 16 18.46 20.93 -18.44
CA GLY D 16 17.87 19.60 -18.67
C GLY D 16 17.23 19.02 -17.41
N LYS D 17 17.95 18.13 -16.71
CA LYS D 17 17.49 17.58 -15.43
C LYS D 17 18.52 17.88 -14.34
N ILE D 18 18.07 17.86 -13.09
CA ILE D 18 18.94 18.12 -11.97
C ILE D 18 19.13 16.81 -11.18
N VAL D 19 20.29 16.16 -11.35
CA VAL D 19 20.58 14.90 -10.67
C VAL D 19 21.21 15.18 -9.29
N CYS D 20 20.66 14.54 -8.27
CA CYS D 20 21.00 14.83 -6.87
C CYS D 20 21.45 13.59 -6.10
N VAL D 21 22.37 13.80 -5.16
CA VAL D 21 22.81 12.74 -4.24
C VAL D 21 22.28 13.01 -2.84
N GLY D 22 21.80 11.95 -2.21
CA GLY D 22 21.22 12.04 -0.89
C GLY D 22 22.14 12.26 0.30
N ARG D 23 22.99 11.31 0.64
CA ARG D 23 23.64 11.48 1.95
C ARG D 23 25.14 11.49 1.78
N ASN D 24 25.65 12.60 1.24
CA ASN D 24 27.03 12.67 0.81
C ASN D 24 27.95 13.31 1.84
N TYR D 25 27.38 13.87 2.89
CA TYR D 25 28.16 14.45 3.97
C TYR D 25 27.83 13.67 5.23
N ALA D 26 28.79 12.87 5.69
CA ALA D 26 28.64 12.05 6.90
C ALA D 26 27.89 12.78 8.00
N ALA D 27 28.28 14.02 8.26
CA ALA D 27 27.67 14.82 9.32
C ALA D 27 26.21 15.15 9.10
N HIS D 28 25.80 15.28 7.83
CA HIS D 28 24.39 15.59 7.54
C HIS D 28 23.53 14.35 7.77
N ALA D 29 24.02 13.19 7.34
CA ALA D 29 23.40 11.91 7.68
C ALA D 29 23.17 11.79 9.21
N LYS D 30 24.23 12.02 9.99
CA LYS D 30 24.19 11.89 11.46
C LYS D 30 23.21 12.83 12.15
N GLU D 31 23.21 14.12 11.76
CA GLU D 31 22.35 15.12 12.39
C GLU D 31 20.89 14.76 12.25
N LEU D 32 20.57 13.91 11.26
CA LEU D 32 19.19 13.50 11.06
C LEU D 32 18.96 12.05 11.50
N ASN D 33 20.00 11.43 12.04
CA ASN D 33 19.96 10.02 12.46
C ASN D 33 19.57 9.08 11.31
N ASN D 34 20.25 9.25 10.18
CA ASN D 34 20.00 8.45 9.01
C ASN D 34 21.20 7.57 8.76
N PRO D 35 20.98 6.33 8.33
CA PRO D 35 22.10 5.47 7.96
C PRO D 35 22.90 5.99 6.76
N ILE D 36 24.21 5.76 6.78
CA ILE D 36 25.09 6.12 5.69
C ILE D 36 25.13 4.92 4.75
N PRO D 37 24.68 5.07 3.50
CA PRO D 37 24.72 3.87 2.66
C PRO D 37 26.07 3.77 2.00
N SER D 38 26.48 2.57 1.61
CA SER D 38 27.74 2.41 0.91
C SER D 38 27.57 2.80 -0.56
N SER D 39 26.32 2.87 -1.02
CA SER D 39 25.97 3.36 -2.36
C SER D 39 25.09 4.61 -2.31
N PRO D 40 25.38 5.59 -3.20
CA PRO D 40 24.72 6.90 -3.22
C PRO D 40 23.21 6.83 -3.37
N ILE D 41 22.50 7.57 -2.53
CA ILE D 41 21.07 7.77 -2.69
C ILE D 41 20.91 8.75 -3.86
N LEU D 42 20.19 8.34 -4.91
CA LEU D 42 20.02 9.17 -6.11
C LEU D 42 18.58 9.50 -6.41
N PHE D 43 18.31 10.79 -6.58
CA PHE D 43 17.02 11.28 -7.01
C PHE D 43 17.23 12.42 -8.02
N ILE D 44 16.15 12.80 -8.71
CA ILE D 44 16.24 13.83 -9.77
C ILE D 44 15.16 14.88 -9.62
N LYS D 45 15.55 16.15 -9.78
CA LYS D 45 14.63 17.27 -9.80
C LYS D 45 14.49 17.74 -11.26
N PRO D 46 13.28 18.18 -11.66
CA PRO D 46 13.05 18.56 -13.04
C PRO D 46 13.45 20.01 -13.34
N ALA D 47 13.77 20.31 -14.60
CA ALA D 47 14.09 21.68 -15.03
C ALA D 47 13.03 22.66 -14.54
N SER D 48 11.77 22.20 -14.54
CA SER D 48 10.62 23.03 -14.13
C SER D 48 10.60 23.42 -12.64
N SER D 49 11.46 22.81 -11.81
CA SER D 49 11.57 23.22 -10.40
C SER D 49 12.63 24.31 -10.14
N ALA D 50 13.45 24.58 -11.15
CA ALA D 50 14.54 25.57 -11.03
C ALA D 50 14.02 26.99 -11.05
N VAL D 51 14.65 27.83 -10.23
CA VAL D 51 14.38 29.27 -10.22
C VAL D 51 15.69 30.01 -9.95
N PRO D 52 15.71 31.34 -10.20
CA PRO D 52 16.90 32.08 -9.79
C PRO D 52 17.17 31.95 -8.29
N PHE D 53 18.45 31.95 -7.97
CA PHE D 53 18.90 32.01 -6.60
C PHE D 53 18.83 33.46 -6.15
N GLY D 54 17.65 33.86 -5.66
CA GLY D 54 17.44 35.25 -5.28
C GLY D 54 17.01 36.13 -6.46
N PRO D 55 16.52 37.34 -6.19
CA PRO D 55 16.47 38.00 -4.87
C PRO D 55 15.35 37.55 -3.94
N VAL D 56 14.43 36.73 -4.46
CA VAL D 56 13.43 36.06 -3.62
C VAL D 56 13.48 34.53 -3.80
N PHE D 57 13.14 33.79 -2.73
CA PHE D 57 12.89 32.34 -2.83
C PHE D 57 11.48 32.11 -2.37
N SER D 58 10.60 31.72 -3.29
CA SER D 58 9.25 31.38 -2.89
C SER D 58 9.17 29.93 -2.37
N ILE D 59 8.39 29.71 -1.30
CA ILE D 59 8.24 28.38 -0.70
C ILE D 59 6.76 28.00 -0.61
N PRO D 60 6.45 26.69 -0.70
CA PRO D 60 5.07 26.20 -0.57
C PRO D 60 4.45 26.59 0.78
N LYS D 61 3.15 26.79 0.82
CA LYS D 61 2.55 27.39 2.02
C LYS D 61 1.86 26.46 3.01
N ASP D 62 1.05 25.52 2.55
CA ASP D 62 0.29 24.78 3.57
C ASP D 62 0.60 23.30 3.57
N GLN D 63 1.89 23.00 3.52
CA GLN D 63 2.37 21.64 3.37
C GLN D 63 3.49 21.27 4.33
N GLY D 64 3.50 21.94 5.49
CA GLY D 64 4.49 21.68 6.52
C GLY D 64 5.80 22.39 6.26
N SER D 65 6.85 21.94 6.94
CA SER D 65 8.13 22.63 6.90
C SER D 65 8.86 22.46 5.59
N VAL D 66 9.62 23.49 5.25
CA VAL D 66 10.41 23.55 4.05
C VAL D 66 11.85 23.80 4.50
N HIS D 67 12.73 22.88 4.15
CA HIS D 67 14.11 23.03 4.55
C HIS D 67 14.96 23.57 3.44
N HIS D 68 15.90 24.42 3.82
CA HIS D 68 17.01 24.81 2.97
C HIS D 68 18.03 23.69 3.00
N GLU D 69 18.65 23.42 1.86
CA GLU D 69 19.77 22.50 1.76
C GLU D 69 20.69 23.08 0.72
N LEU D 70 21.73 23.81 1.16
CA LEU D 70 22.71 24.37 0.22
C LEU D 70 23.64 23.27 -0.24
N GLU D 71 23.99 23.29 -1.53
CA GLU D 71 24.83 22.28 -2.13
C GLU D 71 25.62 22.90 -3.24
N ILE D 72 26.77 22.30 -3.54
CA ILE D 72 27.56 22.64 -4.70
C ILE D 72 26.89 22.06 -5.93
N ALA D 73 26.62 22.92 -6.90
CA ALA D 73 26.01 22.52 -8.16
C ALA D 73 27.08 22.42 -9.22
N ILE D 74 26.94 21.42 -10.09
CA ILE D 74 27.88 21.18 -11.16
C ILE D 74 27.14 21.23 -12.51
N LEU D 75 27.60 22.12 -13.41
CA LEU D 75 27.03 22.25 -14.75
C LEU D 75 27.72 21.31 -15.72
N ILE D 76 26.95 20.37 -16.28
CA ILE D 76 27.49 19.39 -17.22
C ILE D 76 27.57 20.03 -18.62
N GLY D 77 28.79 20.10 -19.16
CA GLY D 77 29.01 20.77 -20.44
C GLY D 77 29.03 19.84 -21.64
N LYS D 78 29.42 18.59 -21.41
CA LYS D 78 29.52 17.58 -22.46
C LYS D 78 28.76 16.34 -22.05
N ALA D 79 28.23 15.61 -23.03
CA ALA D 79 27.44 14.41 -22.76
C ALA D 79 28.25 13.40 -21.98
N LEU D 80 27.59 12.66 -21.08
CA LEU D 80 28.27 11.65 -20.29
C LEU D 80 27.38 10.43 -20.14
N SER D 81 27.95 9.27 -20.46
CA SER D 81 27.24 8.00 -20.31
C SER D 81 28.24 6.88 -20.03
N ARG D 82 28.05 6.18 -18.91
CA ARG D 82 28.97 5.12 -18.53
C ARG D 82 30.40 5.68 -18.51
N ALA D 83 30.57 6.86 -17.90
CA ALA D 83 31.79 7.64 -18.06
C ALA D 83 32.85 7.43 -16.97
N SER D 84 34.10 7.71 -17.32
CA SER D 84 35.21 7.68 -16.37
C SER D 84 35.38 9.06 -15.74
N THR D 85 36.15 9.11 -14.65
CA THR D 85 36.37 10.35 -13.91
C THR D 85 37.08 11.43 -14.73
N GLU D 86 37.92 11.01 -15.68
CA GLU D 86 38.62 11.95 -16.57
C GLU D 86 37.64 12.64 -17.55
N GLN D 87 36.74 11.86 -18.13
CA GLN D 87 35.70 12.42 -19.00
C GLN D 87 34.78 13.36 -18.22
N VAL D 88 34.50 12.99 -16.98
CA VAL D 88 33.66 13.81 -16.14
C VAL D 88 34.29 15.20 -15.93
N ALA D 89 35.60 15.21 -15.63
CA ALA D 89 36.33 16.46 -15.41
C ALA D 89 36.40 17.34 -16.66
N GLU D 90 36.52 16.71 -17.83
CA GLU D 90 36.48 17.45 -19.09
C GLU D 90 35.08 17.97 -19.47
N SER D 91 34.05 17.22 -19.10
CA SER D 91 32.67 17.63 -19.39
C SER D 91 32.24 18.83 -18.55
N ILE D 92 32.64 18.88 -17.28
CA ILE D 92 32.20 19.98 -16.41
C ILE D 92 32.51 21.34 -17.03
N ALA D 93 31.48 22.19 -17.07
CA ALA D 93 31.59 23.52 -17.65
C ALA D 93 31.78 24.57 -16.57
N GLY D 94 31.31 24.28 -15.36
CA GLY D 94 31.43 25.23 -14.26
C GLY D 94 30.78 24.73 -12.98
N ILE D 95 30.83 25.58 -11.96
CA ILE D 95 30.38 25.23 -10.62
C ILE D 95 29.53 26.37 -10.11
N GLY D 96 28.58 26.04 -9.23
CA GLY D 96 27.69 27.03 -8.65
C GLY D 96 27.12 26.49 -7.36
N LEU D 97 26.04 27.12 -6.89
CA LEU D 97 25.31 26.69 -5.71
C LEU D 97 23.86 26.40 -6.09
N GLY D 98 23.27 25.42 -5.41
CA GLY D 98 21.86 25.12 -5.52
C GLY D 98 21.25 25.00 -4.15
N LEU D 99 20.00 25.42 -4.01
CA LEU D 99 19.23 25.05 -2.84
C LEU D 99 18.29 23.90 -3.21
N ASP D 100 18.49 22.75 -2.56
CA ASP D 100 17.65 21.58 -2.74
C ASP D 100 16.53 21.75 -1.73
N LEU D 101 15.60 22.65 -2.02
CA LEU D 101 14.51 22.90 -1.09
C LEU D 101 13.63 21.66 -1.01
N THR D 102 13.12 21.38 0.18
CA THR D 102 12.54 20.07 0.49
C THR D 102 11.40 20.21 1.44
N LEU D 103 10.24 19.68 1.06
CA LEU D 103 9.14 19.54 1.97
C LEU D 103 9.44 18.36 2.93
N ARG D 104 10.10 18.67 4.05
CA ARG D 104 10.58 17.62 4.98
C ARG D 104 9.47 16.73 5.60
N ASP D 105 8.38 17.33 6.06
CA ASP D 105 7.23 16.57 6.56
C ASP D 105 6.61 15.66 5.49
N VAL D 106 6.41 16.20 4.29
CA VAL D 106 5.95 15.38 3.16
C VAL D 106 6.95 14.24 2.94
N GLN D 107 8.24 14.56 2.94
CA GLN D 107 9.29 13.56 2.72
C GLN D 107 9.34 12.46 3.80
N ASP D 108 9.08 12.85 5.04
CA ASP D 108 8.99 11.88 6.13
C ASP D 108 7.87 10.86 5.87
N GLN D 109 6.70 11.35 5.52
CA GLN D 109 5.53 10.52 5.25
C GLN D 109 5.68 9.60 4.00
N LEU D 110 6.29 10.13 2.93
CA LEU D 110 6.61 9.34 1.73
C LEU D 110 7.62 8.20 2.03
N LYS D 111 8.63 8.52 2.84
CA LYS D 111 9.58 7.54 3.29
C LYS D 111 8.87 6.40 4.00
N GLU D 112 7.98 6.76 4.93
CA GLU D 112 7.23 5.78 5.75
C GLU D 112 6.47 4.79 4.90
N LYS D 113 5.76 5.33 3.91
CA LYS D 113 4.96 4.52 3.00
C LYS D 113 5.72 3.89 1.83
N GLY D 114 7.01 4.16 1.69
CA GLY D 114 7.76 3.65 0.54
C GLY D 114 7.26 4.22 -0.79
N HIS D 115 6.98 5.52 -0.80
CA HIS D 115 6.53 6.25 -1.99
C HIS D 115 7.65 7.05 -2.61
N PRO D 116 7.52 7.43 -3.91
CA PRO D 116 8.63 8.15 -4.52
C PRO D 116 8.70 9.54 -3.95
N TRP D 117 9.85 10.20 -4.07
CA TRP D 117 10.08 11.47 -3.36
C TRP D 117 9.63 12.75 -4.08
N GLU D 118 9.20 12.62 -5.33
CA GLU D 118 8.92 13.81 -6.17
C GLU D 118 8.05 14.89 -5.52
N ARG D 119 6.95 14.53 -4.87
CA ARG D 119 6.11 15.53 -4.17
C ARG D 119 6.91 16.42 -3.20
N ALA D 120 7.97 15.88 -2.63
CA ALA D 120 8.75 16.58 -1.60
C ALA D 120 9.95 17.31 -2.16
N LYS D 121 10.33 16.96 -3.38
CA LYS D 121 11.59 17.44 -3.95
C LYS D 121 11.45 18.19 -5.28
N SER D 122 10.33 18.03 -5.98
CA SER D 122 10.23 18.52 -7.36
C SER D 122 9.18 19.61 -7.62
N PHE D 123 8.54 20.10 -6.56
CA PHE D 123 7.53 21.14 -6.64
C PHE D 123 8.09 22.42 -7.28
N ASP D 124 7.22 23.36 -7.67
CA ASP D 124 7.74 24.58 -8.31
C ASP D 124 8.60 25.37 -7.32
N GLY D 125 9.78 25.77 -7.76
CA GLY D 125 10.65 26.59 -6.91
C GLY D 125 11.54 25.77 -5.99
N ALA D 126 11.51 24.44 -6.11
CA ALA D 126 12.32 23.53 -5.29
C ALA D 126 13.81 23.58 -5.56
N CYS D 127 14.20 24.18 -6.69
CA CYS D 127 15.61 24.26 -7.01
C CYS D 127 16.20 25.65 -7.41
N PRO D 128 16.27 26.59 -6.46
CA PRO D 128 17.04 27.81 -6.73
C PRO D 128 18.45 27.45 -7.16
N LEU D 129 18.90 28.02 -8.29
CA LEU D 129 20.24 27.78 -8.82
C LEU D 129 20.91 29.10 -9.12
N THR D 130 22.14 29.28 -8.63
CA THR D 130 22.93 30.47 -8.96
C THR D 130 23.38 30.36 -10.40
N GLU D 131 23.94 31.45 -10.92
CA GLU D 131 24.79 31.39 -12.11
C GLU D 131 25.97 30.46 -11.83
N PHE D 132 26.58 29.94 -12.89
CA PHE D 132 27.76 29.11 -12.78
C PHE D 132 29.04 29.85 -13.16
N VAL D 133 30.14 29.50 -12.49
CA VAL D 133 31.45 30.08 -12.76
C VAL D 133 32.31 29.02 -13.44
N ALA D 134 32.83 29.39 -14.61
CA ALA D 134 33.59 28.49 -15.45
C ALA D 134 34.88 28.04 -14.78
N VAL D 135 35.15 26.74 -14.89
CA VAL D 135 36.40 26.16 -14.45
C VAL D 135 36.92 25.37 -15.63
N ASN D 136 38.18 25.62 -15.95
CA ASN D 136 38.79 25.12 -17.18
C ASN D 136 40.21 24.64 -16.94
N LEU D 137 40.44 23.39 -17.32
CA LEU D 137 41.72 22.71 -17.10
C LEU D 137 42.14 22.86 -15.63
N ALA D 138 41.17 22.70 -14.73
CA ALA D 138 41.41 22.79 -13.30
C ALA D 138 42.45 21.74 -12.88
N SER D 139 43.12 21.98 -11.75
CA SER D 139 44.06 21.01 -11.21
C SER D 139 43.29 19.79 -10.74
N GLU D 140 43.82 18.62 -11.07
CA GLU D 140 43.10 17.36 -10.97
C GLU D 140 42.55 17.05 -9.57
N ASP D 141 42.91 17.89 -8.59
CA ASP D 141 42.49 17.72 -7.20
C ASP D 141 41.96 19.02 -6.55
N GLU D 142 41.74 20.05 -7.38
CA GLU D 142 41.03 21.24 -6.93
C GLU D 142 39.58 20.88 -6.58
N TRP D 143 39.13 19.71 -7.07
CA TRP D 143 37.78 19.19 -6.81
C TRP D 143 37.48 18.90 -5.33
N GLN D 144 38.53 18.78 -4.51
CA GLN D 144 38.34 18.59 -3.08
C GLN D 144 38.56 19.89 -2.30
N ALA D 145 38.58 21.01 -3.00
CA ALA D 145 38.82 22.30 -2.38
C ALA D 145 37.71 23.32 -2.63
N ILE D 146 36.50 22.82 -2.93
CA ILE D 146 35.32 23.67 -3.09
C ILE D 146 34.57 23.80 -1.76
N GLY D 147 34.35 25.04 -1.33
CA GLY D 147 33.65 25.30 -0.08
C GLY D 147 32.32 25.98 -0.30
N LEU D 148 31.40 25.82 0.64
CA LEU D 148 30.12 26.52 0.56
C LEU D 148 29.68 26.90 1.96
N THR D 149 29.04 28.05 2.08
CA THR D 149 28.50 28.50 3.37
C THR D 149 27.11 29.10 3.16
N LEU D 150 26.21 28.88 4.11
CA LEU D 150 24.90 29.50 4.09
C LEU D 150 24.70 30.25 5.39
N GLU D 151 24.23 31.51 5.27
CA GLU D 151 23.84 32.28 6.43
C GLU D 151 22.35 32.56 6.37
N LYS D 152 21.76 32.70 7.53
CA LYS D 152 20.32 32.84 7.67
C LYS D 152 20.03 33.90 8.74
N ASN D 153 19.52 35.04 8.30
CA ASN D 153 19.28 36.19 9.17
C ASN D 153 20.54 36.63 9.90
N GLY D 154 21.67 36.58 9.19
CA GLY D 154 22.96 37.07 9.68
C GLY D 154 23.88 36.05 10.33
N GLN D 155 23.35 34.88 10.66
CA GLN D 155 24.07 33.85 11.42
C GLN D 155 24.39 32.65 10.55
N PHE D 156 25.59 32.10 10.72
CA PHE D 156 26.00 30.91 9.95
C PHE D 156 25.06 29.73 10.20
N GLN D 157 24.81 28.96 9.15
CA GLN D 157 23.79 27.93 9.19
C GLN D 157 24.33 26.63 8.63
N GLN D 158 25.08 26.72 7.54
CA GLN D 158 25.65 25.53 6.92
C GLN D 158 27.04 25.87 6.45
N GLN D 159 27.93 24.89 6.54
CA GLN D 159 29.29 25.05 6.09
C GLN D 159 29.87 23.69 5.73
N GLY D 160 30.63 23.65 4.63
CA GLY D 160 31.23 22.41 4.18
C GLY D 160 32.24 22.57 3.08
N SER D 161 32.93 21.47 2.78
CA SER D 161 33.97 21.41 1.77
C SER D 161 33.89 20.07 1.05
N SER D 162 34.04 20.09 -0.27
CA SER D 162 34.01 18.89 -1.09
C SER D 162 35.05 17.82 -0.71
N ALA D 163 35.95 18.20 0.18
CA ALA D 163 36.92 17.28 0.76
C ALA D 163 36.22 16.28 1.67
N GLU D 164 35.10 16.71 2.26
CA GLU D 164 34.34 15.93 3.23
C GLU D 164 33.34 14.94 2.62
N LEU D 166 31.46 11.89 1.02
CA LEU D 166 31.60 10.43 0.97
C LEU D 166 31.83 9.90 -0.46
N PHE D 167 31.20 10.57 -1.43
CA PHE D 167 31.36 10.22 -2.84
C PHE D 167 31.84 11.50 -3.54
N PRO D 168 33.16 11.60 -3.81
CA PRO D 168 33.76 12.84 -4.32
C PRO D 168 33.26 13.20 -5.72
N ILE D 169 33.25 14.49 -6.04
CA ILE D 169 32.54 15.00 -7.23
C ILE D 169 32.72 14.16 -8.50
N LEU D 170 33.96 13.95 -8.93
CA LEU D 170 34.21 13.21 -10.18
C LEU D 170 33.67 11.76 -10.21
N PRO D 171 34.00 10.91 -9.21
CA PRO D 171 33.44 9.57 -9.30
C PRO D 171 31.96 9.48 -8.92
N LEU D 172 31.44 10.44 -8.15
CA LEU D 172 29.99 10.52 -7.96
C LEU D 172 29.31 10.72 -9.32
N ILE D 173 29.73 11.75 -10.07
CA ILE D 173 29.15 11.99 -11.40
C ILE D 173 29.36 10.81 -12.37
N ALA D 174 30.51 10.14 -12.27
CA ALA D 174 30.77 8.97 -13.13
C ALA D 174 29.75 7.87 -12.83
N HIS D 175 29.45 7.72 -11.54
CA HIS D 175 28.48 6.76 -11.07
C HIS D 175 27.04 7.07 -11.52
N SER D 177 26.30 8.64 -14.13
CA SER D 177 26.33 8.40 -15.56
C SER D 177 26.13 6.93 -15.92
N GLU D 178 26.32 6.03 -14.96
CA GLU D 178 26.08 4.59 -15.17
C GLU D 178 24.59 4.29 -15.11
N HIS D 179 23.83 5.17 -14.46
CA HIS D 179 22.39 4.95 -14.30
C HIS D 179 21.54 5.86 -15.18
N PHE D 180 21.93 7.13 -15.23
CA PHE D 180 21.25 8.11 -16.07
C PHE D 180 22.26 8.85 -16.95
N SER D 181 22.16 8.70 -18.27
CA SER D 181 22.99 9.47 -19.19
C SER D 181 22.77 10.95 -18.95
N LEU D 182 23.85 11.69 -19.01
CA LEU D 182 23.84 13.11 -18.71
C LEU D 182 24.10 13.93 -19.96
N GLN D 183 23.27 14.96 -20.16
CA GLN D 183 23.34 15.77 -21.37
C GLN D 183 23.83 17.17 -21.06
N PRO D 184 24.43 17.83 -22.04
CA PRO D 184 24.82 19.22 -21.78
C PRO D 184 23.63 20.03 -21.26
N GLY D 185 23.87 20.78 -20.19
CA GLY D 185 22.82 21.55 -19.54
C GLY D 185 22.18 20.90 -18.34
N ASP D 186 22.50 19.63 -18.08
CA ASP D 186 22.10 18.96 -16.83
C ASP D 186 22.94 19.53 -15.68
N VAL D 187 22.35 19.56 -14.49
CA VAL D 187 22.98 20.09 -13.28
C VAL D 187 23.06 18.96 -12.24
N ILE D 188 24.16 18.92 -11.50
CA ILE D 188 24.37 17.92 -10.44
C ILE D 188 24.35 18.66 -9.10
N LEU D 189 23.52 18.20 -8.17
CA LEU D 189 23.56 18.68 -6.79
C LEU D 189 24.27 17.62 -5.96
N THR D 190 25.37 18.04 -5.36
CA THR D 190 26.36 17.12 -4.80
C THR D 190 26.15 16.80 -3.31
N GLY D 191 24.99 17.16 -2.77
CA GLY D 191 24.62 16.85 -1.37
C GLY D 191 24.81 18.05 -0.46
N THR D 192 23.99 18.14 0.57
CA THR D 192 24.09 19.23 1.54
C THR D 192 24.84 18.78 2.80
N PRO D 193 25.67 19.66 3.38
CA PRO D 193 26.32 19.35 4.67
C PRO D 193 25.37 19.51 5.85
N ALA D 194 25.90 19.31 7.07
CA ALA D 194 25.14 19.56 8.30
C ALA D 194 24.57 20.98 8.30
N GLY D 195 23.53 21.22 9.09
CA GLY D 195 22.97 22.56 9.21
C GLY D 195 21.61 22.82 8.57
N VAL D 196 20.95 21.78 8.06
CA VAL D 196 19.63 21.96 7.45
C VAL D 196 18.61 22.36 8.50
N GLY D 197 17.57 23.09 8.09
CA GLY D 197 16.56 23.52 9.02
C GLY D 197 15.45 24.19 8.25
N PRO D 198 14.39 24.60 8.96
CA PRO D 198 13.25 25.17 8.27
C PRO D 198 13.50 26.60 7.78
N LEU D 199 12.69 27.00 6.80
CA LEU D 199 12.66 28.37 6.32
C LEU D 199 11.29 28.93 6.63
N GLU D 200 11.27 30.22 6.96
CA GLU D 200 10.05 30.96 7.21
C GLU D 200 10.04 32.25 6.35
N VAL D 201 8.84 32.72 6.01
CA VAL D 201 8.69 33.96 5.23
C VAL D 201 9.37 35.11 5.95
N GLY D 202 10.21 35.85 5.25
CA GLY D 202 10.96 36.93 5.86
C GLY D 202 12.41 36.59 6.11
N ASP D 203 12.72 35.29 6.22
CA ASP D 203 14.11 34.85 6.33
C ASP D 203 14.93 35.34 5.14
N SER D 204 16.19 35.66 5.40
CA SER D 204 17.09 36.07 4.35
C SER D 204 18.31 35.17 4.35
N LEU D 205 18.80 34.85 3.16
CA LEU D 205 19.87 33.89 3.05
C LEU D 205 21.03 34.50 2.32
N SER D 206 22.23 34.11 2.73
CA SER D 206 23.41 34.51 1.99
C SER D 206 24.29 33.29 1.83
N ALA D 207 24.53 32.94 0.57
CA ALA D 207 25.27 31.75 0.25
C ALA D 207 26.55 32.12 -0.45
N LYS D 208 27.64 31.49 -0.04
CA LYS D 208 28.94 31.68 -0.70
C LYS D 208 29.53 30.40 -1.24
N LEU D 209 30.14 30.50 -2.40
CA LEU D 209 30.87 29.42 -3.00
C LEU D 209 32.34 29.82 -3.10
N SER D 210 33.23 28.92 -2.70
CA SER D 210 34.67 29.17 -2.72
C SER D 210 35.42 28.10 -3.48
N LEU D 211 36.59 28.47 -3.98
CA LEU D 211 37.53 27.50 -4.51
C LEU D 211 38.88 27.86 -3.88
N GLU D 212 39.46 26.89 -3.17
CA GLU D 212 40.71 27.08 -2.42
C GLU D 212 40.67 28.38 -1.61
N ASP D 213 39.57 28.56 -0.89
CA ASP D 213 39.38 29.67 0.05
C ASP D 213 39.16 31.06 -0.56
N ASN D 214 39.13 31.13 -1.89
CA ASN D 214 38.75 32.34 -2.60
C ASN D 214 37.26 32.29 -2.93
N VAL D 215 36.51 33.28 -2.44
CA VAL D 215 35.08 33.38 -2.73
C VAL D 215 34.87 33.65 -4.22
N LEU D 216 33.95 32.90 -4.84
CA LEU D 216 33.62 33.06 -6.25
C LEU D 216 32.23 33.69 -6.45
N LEU D 217 31.27 33.28 -5.63
CA LEU D 217 29.91 33.83 -5.69
C LEU D 217 29.40 34.16 -4.31
N THR D 218 28.65 35.26 -4.23
CA THR D 218 27.82 35.57 -3.07
C THR D 218 26.43 35.87 -3.61
N CYS D 219 25.45 35.07 -3.21
CA CYS D 219 24.08 35.28 -3.66
C CYS D 219 23.13 35.31 -2.49
N ASP D 220 22.32 36.35 -2.46
CA ASP D 220 21.41 36.62 -1.38
C ASP D 220 19.97 36.56 -1.89
N GLY D 221 19.05 36.30 -0.96
CA GLY D 221 17.64 36.40 -1.26
C GLY D 221 16.84 36.35 0.01
N VAL D 222 15.61 36.82 -0.05
CA VAL D 222 14.67 36.65 1.03
C VAL D 222 13.59 35.64 0.66
N VAL D 223 13.13 34.92 1.68
CA VAL D 223 12.06 33.94 1.56
C VAL D 223 10.70 34.64 1.51
N ILE D 224 9.86 34.21 0.56
CA ILE D 224 8.49 34.71 0.42
C ILE D 224 7.50 33.55 0.28
N ALA E 2 -26.21 -30.94 -30.70
CA ALA E 2 -24.75 -30.82 -30.72
C ALA E 2 -24.10 -32.08 -30.18
N GLU E 3 -23.03 -32.51 -30.84
CA GLU E 3 -22.25 -33.66 -30.40
C GLU E 3 -20.93 -33.19 -29.81
N LEU E 4 -20.52 -33.80 -28.69
CA LEU E 4 -19.29 -33.42 -28.01
C LEU E 4 -18.05 -33.96 -28.71
N ILE E 5 -16.99 -33.15 -28.72
CA ILE E 5 -15.71 -33.56 -29.31
C ILE E 5 -14.59 -33.55 -28.27
N LEU E 6 -13.93 -34.69 -28.13
CA LEU E 6 -12.74 -34.87 -27.28
C LEU E 6 -11.84 -35.95 -27.90
N ASN E 7 -10.53 -35.70 -28.03
CA ASN E 7 -9.92 -34.40 -27.92
C ASN E 7 -10.00 -33.83 -29.33
N GLN E 8 -9.82 -34.72 -30.30
CA GLN E 8 -10.10 -34.42 -31.69
C GLN E 8 -10.99 -35.49 -32.36
N ARG E 9 -11.73 -36.22 -31.54
CA ARG E 9 -12.63 -37.28 -32.01
C ARG E 9 -14.00 -37.13 -31.33
N PRO E 10 -15.04 -37.84 -31.84
CA PRO E 10 -16.31 -37.83 -31.09
C PRO E 10 -16.17 -38.37 -29.66
N TYR E 11 -16.73 -37.64 -28.69
CA TYR E 11 -16.81 -38.16 -27.32
C TYR E 11 -17.95 -39.18 -27.25
N PRO E 12 -17.64 -40.41 -26.76
CA PRO E 12 -18.57 -41.55 -26.62
C PRO E 12 -19.97 -41.28 -25.99
N ARG E 13 -20.12 -40.20 -25.22
CA ARG E 13 -21.42 -39.89 -24.61
C ARG E 13 -22.05 -38.67 -25.24
N ASP E 14 -23.39 -38.69 -25.36
CA ASP E 14 -24.14 -37.51 -25.77
C ASP E 14 -24.02 -36.41 -24.71
N LEU E 15 -24.15 -35.17 -25.17
CA LEU E 15 -24.22 -34.01 -24.30
C LEU E 15 -25.41 -34.12 -23.34
N GLY E 16 -25.13 -33.97 -22.04
CA GLY E 16 -26.13 -34.10 -21.00
C GLY E 16 -26.79 -32.79 -20.65
N LYS E 17 -26.45 -32.23 -19.50
CA LYS E 17 -26.95 -30.92 -19.10
C LYS E 17 -25.73 -30.02 -18.97
N ILE E 18 -25.95 -28.72 -19.05
CA ILE E 18 -24.86 -27.76 -18.91
C ILE E 18 -25.10 -26.96 -17.62
N VAL E 19 -24.32 -27.26 -16.58
CA VAL E 19 -24.51 -26.64 -15.27
C VAL E 19 -23.63 -25.39 -15.21
N CYS E 20 -24.24 -24.25 -14.83
CA CYS E 20 -23.56 -22.95 -14.91
C CYS E 20 -23.54 -22.23 -13.57
N VAL E 21 -22.49 -21.45 -13.35
CA VAL E 21 -22.37 -20.58 -12.19
C VAL E 21 -22.46 -19.12 -12.62
N GLY E 22 -23.14 -18.32 -11.82
CA GLY E 22 -23.22 -16.88 -12.05
C GLY E 22 -22.34 -16.15 -11.04
N ARG E 23 -21.76 -15.02 -11.45
CA ARG E 23 -20.93 -14.19 -10.55
C ARG E 23 -19.71 -14.89 -9.94
N ASN E 24 -18.98 -15.62 -10.79
CA ASN E 24 -17.74 -16.25 -10.32
C ASN E 24 -16.51 -15.37 -10.52
N TYR E 25 -16.66 -14.25 -11.21
CA TYR E 25 -15.59 -13.26 -11.31
C TYR E 25 -16.07 -11.93 -10.70
N ALA E 26 -15.39 -11.51 -9.62
CA ALA E 26 -15.74 -10.30 -8.86
C ALA E 26 -15.93 -9.11 -9.78
N ALA E 27 -14.98 -8.90 -10.69
CA ALA E 27 -15.07 -7.87 -11.73
C ALA E 27 -16.35 -7.90 -12.59
N HIS E 28 -16.89 -9.08 -12.86
CA HIS E 28 -18.14 -9.17 -13.64
C HIS E 28 -19.37 -8.78 -12.82
N ALA E 29 -19.39 -9.17 -11.56
CA ALA E 29 -20.44 -8.76 -10.64
C ALA E 29 -20.46 -7.23 -10.50
N LYS E 30 -19.27 -6.63 -10.40
CA LYS E 30 -19.12 -5.17 -10.26
C LYS E 30 -19.54 -4.37 -11.49
N GLU E 31 -19.23 -4.86 -12.68
CA GLU E 31 -19.51 -4.09 -13.89
C GLU E 31 -21.01 -3.96 -14.18
N LEU E 32 -21.79 -4.86 -13.62
CA LEU E 32 -23.25 -4.81 -13.77
C LEU E 32 -23.91 -4.34 -12.48
N ASN E 33 -23.08 -4.02 -11.47
CA ASN E 33 -23.52 -3.62 -10.12
C ASN E 33 -24.43 -4.62 -9.45
N ASN E 34 -23.96 -5.85 -9.39
CA ASN E 34 -24.68 -6.92 -8.72
C ASN E 34 -23.90 -7.30 -7.48
N PRO E 35 -24.59 -7.68 -6.39
CA PRO E 35 -23.86 -8.07 -5.18
C PRO E 35 -23.14 -9.40 -5.37
N ILE E 36 -22.01 -9.58 -4.72
CA ILE E 36 -21.26 -10.83 -4.80
C ILE E 36 -21.92 -11.82 -3.84
N PRO E 37 -22.39 -12.98 -4.35
CA PRO E 37 -23.14 -13.85 -3.46
C PRO E 37 -22.20 -14.65 -2.57
N SER E 38 -22.73 -15.16 -1.46
CA SER E 38 -21.93 -15.92 -0.49
C SER E 38 -21.64 -17.34 -0.99
N SER E 39 -22.66 -17.93 -1.60
CA SER E 39 -22.56 -19.22 -2.23
C SER E 39 -23.00 -19.08 -3.67
N PRO E 40 -22.54 -20.00 -4.55
CA PRO E 40 -22.72 -19.83 -5.99
C PRO E 40 -24.17 -19.66 -6.44
N ILE E 41 -24.42 -18.70 -7.34
CA ILE E 41 -25.66 -18.68 -8.12
C ILE E 41 -25.59 -19.84 -9.14
N LEU E 42 -26.59 -20.72 -9.14
CA LEU E 42 -26.57 -21.91 -10.01
C LEU E 42 -27.78 -22.02 -10.91
N PHE E 43 -27.52 -22.18 -12.22
CA PHE E 43 -28.56 -22.47 -13.20
C PHE E 43 -28.07 -23.54 -14.21
N ILE E 44 -28.97 -24.00 -15.06
CA ILE E 44 -28.65 -25.10 -15.96
C ILE E 44 -29.19 -24.75 -17.34
N LYS E 45 -28.42 -25.08 -18.38
CA LYS E 45 -28.89 -24.92 -19.76
C LYS E 45 -29.07 -26.34 -20.32
N PRO E 46 -30.08 -26.56 -21.19
CA PRO E 46 -30.31 -27.90 -21.71
C PRO E 46 -29.40 -28.22 -22.90
N ALA E 47 -29.17 -29.51 -23.14
CA ALA E 47 -28.37 -29.97 -24.29
C ALA E 47 -28.89 -29.35 -25.57
N SER E 48 -30.20 -29.12 -25.63
CA SER E 48 -30.86 -28.59 -26.84
C SER E 48 -30.57 -27.12 -27.12
N SER E 49 -29.95 -26.41 -26.16
CA SER E 49 -29.50 -25.04 -26.41
C SER E 49 -28.10 -24.99 -26.99
N ALA E 50 -27.40 -26.11 -26.99
CA ALA E 50 -26.02 -26.10 -27.47
C ALA E 50 -25.95 -26.15 -29.00
N VAL E 51 -24.95 -25.47 -29.54
CA VAL E 51 -24.62 -25.49 -30.97
C VAL E 51 -23.10 -25.46 -31.09
N PRO E 52 -22.54 -25.77 -32.30
CA PRO E 52 -21.11 -25.57 -32.48
C PRO E 52 -20.62 -24.14 -32.26
N PHE E 53 -19.40 -24.01 -31.77
CA PHE E 53 -18.78 -22.70 -31.61
C PHE E 53 -18.26 -22.27 -32.96
N GLY E 54 -19.06 -21.56 -33.73
CA GLY E 54 -18.65 -21.23 -35.09
C GLY E 54 -18.97 -22.35 -36.08
N PRO E 55 -18.91 -22.05 -37.38
CA PRO E 55 -18.44 -20.77 -37.92
C PRO E 55 -19.45 -19.61 -37.81
N VAL E 56 -20.69 -19.91 -37.43
CA VAL E 56 -21.75 -18.89 -37.20
C VAL E 56 -22.37 -19.01 -35.80
N PHE E 57 -22.78 -17.88 -35.22
CA PHE E 57 -23.58 -17.91 -33.99
C PHE E 57 -24.91 -17.24 -34.26
N SER E 58 -26.00 -18.01 -34.27
CA SER E 58 -27.30 -17.43 -34.43
C SER E 58 -27.85 -16.86 -33.11
N ILE E 59 -28.37 -15.63 -33.16
CA ILE E 59 -28.93 -14.98 -31.95
C ILE E 59 -30.42 -14.71 -32.14
N PRO E 60 -31.21 -14.78 -31.05
CA PRO E 60 -32.65 -14.49 -31.20
C PRO E 60 -32.90 -13.06 -31.72
N LYS E 61 -33.99 -12.89 -32.47
CA LYS E 61 -34.34 -11.57 -33.00
C LYS E 61 -35.59 -11.05 -32.30
N ASP E 62 -35.72 -9.73 -32.20
CA ASP E 62 -36.91 -9.06 -31.62
C ASP E 62 -37.18 -9.43 -30.17
N GLN E 63 -36.14 -9.74 -29.41
CA GLN E 63 -36.30 -10.11 -28.02
C GLN E 63 -35.38 -9.29 -27.12
N GLY E 64 -34.88 -8.17 -27.65
CA GLY E 64 -33.98 -7.31 -26.89
C GLY E 64 -32.53 -7.70 -27.13
N SER E 65 -31.65 -7.28 -26.24
CA SER E 65 -30.20 -7.50 -26.40
C SER E 65 -29.79 -8.92 -26.06
N VAL E 66 -28.77 -9.39 -26.76
CA VAL E 66 -28.23 -10.73 -26.58
C VAL E 66 -26.77 -10.51 -26.23
N HIS E 67 -26.39 -10.93 -25.04
CA HIS E 67 -25.03 -10.73 -24.56
C HIS E 67 -24.15 -11.94 -24.79
N HIS E 68 -22.89 -11.68 -25.13
CA HIS E 68 -21.90 -12.72 -25.17
C HIS E 68 -21.35 -12.84 -23.77
N GLU E 69 -21.14 -14.09 -23.34
CA GLU E 69 -20.44 -14.40 -22.07
C GLU E 69 -19.51 -15.60 -22.30
N LEU E 70 -18.24 -15.32 -22.61
CA LEU E 70 -17.26 -16.42 -22.73
C LEU E 70 -16.94 -17.03 -21.38
N GLU E 71 -16.96 -18.36 -21.33
CA GLU E 71 -16.62 -19.09 -20.12
C GLU E 71 -15.75 -20.31 -20.43
N ILE E 72 -14.90 -20.66 -19.47
CA ILE E 72 -14.20 -21.93 -19.46
C ILE E 72 -15.21 -23.02 -19.17
N ALA E 73 -15.29 -23.99 -20.09
CA ALA E 73 -16.22 -25.10 -20.06
C ALA E 73 -15.48 -26.37 -19.63
N ILE E 74 -16.10 -27.17 -18.76
CA ILE E 74 -15.49 -28.36 -18.22
C ILE E 74 -16.32 -29.58 -18.63
N LEU E 75 -15.70 -30.52 -19.34
CA LEU E 75 -16.39 -31.76 -19.68
C LEU E 75 -16.24 -32.79 -18.57
N ILE E 76 -17.38 -33.34 -18.15
CA ILE E 76 -17.41 -34.32 -17.07
C ILE E 76 -17.32 -35.72 -17.67
N GLY E 77 -16.32 -36.46 -17.21
CA GLY E 77 -16.02 -37.79 -17.74
C GLY E 77 -16.49 -38.96 -16.90
N LYS E 78 -16.65 -38.75 -15.59
CA LYS E 78 -17.15 -39.79 -14.68
C LYS E 78 -18.19 -39.21 -13.74
N ALA E 79 -19.19 -40.02 -13.41
CA ALA E 79 -20.28 -39.64 -12.51
C ALA E 79 -19.80 -39.02 -11.21
N LEU E 80 -20.43 -37.91 -10.83
CA LEU E 80 -20.08 -37.23 -9.58
C LEU E 80 -21.34 -36.97 -8.79
N SER E 81 -21.32 -37.40 -7.53
CA SER E 81 -22.45 -37.21 -6.65
C SER E 81 -21.88 -36.97 -5.26
N ARG E 82 -22.12 -35.78 -4.71
CA ARG E 82 -21.53 -35.36 -3.42
C ARG E 82 -20.04 -35.67 -3.43
N ALA E 83 -19.35 -35.12 -4.43
CA ALA E 83 -17.99 -35.51 -4.73
C ALA E 83 -16.99 -34.71 -3.96
N SER E 84 -15.82 -35.29 -3.77
CA SER E 84 -14.68 -34.60 -3.21
C SER E 84 -14.00 -33.81 -4.33
N THR E 85 -13.12 -32.92 -3.92
CA THR E 85 -12.27 -32.18 -4.84
C THR E 85 -11.33 -33.12 -5.64
N GLU E 86 -10.85 -34.20 -5.02
CA GLU E 86 -10.07 -35.23 -5.73
C GLU E 86 -10.90 -35.98 -6.77
N GLN E 87 -12.14 -36.32 -6.41
CA GLN E 87 -13.00 -37.08 -7.33
C GLN E 87 -13.32 -36.24 -8.58
N VAL E 88 -13.60 -34.96 -8.36
CA VAL E 88 -13.79 -33.98 -9.44
C VAL E 88 -12.58 -33.95 -10.39
N ALA E 89 -11.39 -33.73 -9.83
CA ALA E 89 -10.15 -33.66 -10.63
C ALA E 89 -9.92 -34.91 -11.46
N GLU E 90 -10.29 -36.07 -10.90
CA GLU E 90 -10.15 -37.35 -11.60
C GLU E 90 -11.25 -37.57 -12.65
N SER E 91 -12.43 -36.98 -12.44
CA SER E 91 -13.54 -37.12 -13.38
C SER E 91 -13.41 -36.26 -14.64
N ILE E 92 -12.93 -35.02 -14.49
CA ILE E 92 -12.84 -34.08 -15.63
C ILE E 92 -12.09 -34.71 -16.79
N ALA E 93 -12.76 -34.78 -17.94
CA ALA E 93 -12.24 -35.40 -19.15
C ALA E 93 -11.56 -34.39 -20.09
N GLY E 94 -11.96 -33.13 -19.99
CA GLY E 94 -11.39 -32.09 -20.83
C GLY E 94 -11.89 -30.71 -20.51
N ILE E 95 -11.19 -29.71 -21.04
CA ILE E 95 -11.60 -28.33 -20.91
C ILE E 95 -11.86 -27.73 -22.30
N GLY E 96 -12.71 -26.71 -22.36
CA GLY E 96 -13.03 -26.04 -23.62
C GLY E 96 -13.57 -24.67 -23.31
N LEU E 97 -14.35 -24.11 -24.23
CA LEU E 97 -14.98 -22.80 -24.05
C LEU E 97 -16.47 -22.92 -24.38
N GLY E 98 -17.27 -22.13 -23.69
CA GLY E 98 -18.69 -21.98 -24.01
C GLY E 98 -19.05 -20.52 -24.06
N LEU E 99 -20.02 -20.17 -24.91
CA LEU E 99 -20.70 -18.88 -24.79
C LEU E 99 -22.03 -19.07 -24.07
N ASP E 100 -22.15 -18.50 -22.87
CA ASP E 100 -23.42 -18.48 -22.14
C ASP E 100 -24.25 -17.33 -22.71
N LEU E 101 -24.84 -17.53 -23.89
CA LEU E 101 -25.57 -16.42 -24.52
C LEU E 101 -26.83 -16.11 -23.76
N THR E 102 -27.08 -14.83 -23.53
CA THR E 102 -28.09 -14.40 -22.57
C THR E 102 -28.93 -13.27 -23.14
N LEU E 103 -30.24 -13.43 -23.05
CA LEU E 103 -31.17 -12.37 -23.41
C LEU E 103 -31.23 -11.43 -22.21
N ARG E 104 -30.40 -10.40 -22.23
CA ARG E 104 -30.22 -9.55 -21.04
C ARG E 104 -31.48 -8.85 -20.56
N ASP E 105 -32.24 -8.28 -21.49
CA ASP E 105 -33.47 -7.54 -21.17
C ASP E 105 -34.55 -8.48 -20.63
N VAL E 106 -34.66 -9.67 -21.22
CA VAL E 106 -35.56 -10.70 -20.68
C VAL E 106 -35.09 -11.09 -19.27
N GLN E 107 -33.78 -11.25 -19.09
CA GLN E 107 -33.27 -11.64 -17.77
C GLN E 107 -33.59 -10.58 -16.71
N ASP E 108 -33.42 -9.30 -17.06
CA ASP E 108 -33.82 -8.19 -16.18
C ASP E 108 -35.29 -8.33 -15.75
N GLN E 109 -36.20 -8.52 -16.72
CA GLN E 109 -37.62 -8.75 -16.47
C GLN E 109 -37.86 -9.89 -15.48
N LEU E 110 -37.25 -11.04 -15.77
CA LEU E 110 -37.44 -12.25 -14.98
C LEU E 110 -37.01 -12.08 -13.53
N LYS E 111 -35.87 -11.41 -13.34
CA LYS E 111 -35.39 -11.05 -12.00
C LYS E 111 -36.36 -10.15 -11.25
N GLU E 112 -36.94 -9.17 -11.94
CA GLU E 112 -37.84 -8.22 -11.27
C GLU E 112 -39.08 -8.92 -10.74
N LYS E 113 -39.59 -9.87 -11.54
CA LYS E 113 -40.80 -10.62 -11.18
C LYS E 113 -40.52 -11.85 -10.33
N GLY E 114 -39.25 -12.14 -10.05
CA GLY E 114 -38.84 -13.38 -9.38
C GLY E 114 -39.24 -14.65 -10.12
N HIS E 115 -39.12 -14.64 -11.44
CA HIS E 115 -39.39 -15.81 -12.26
C HIS E 115 -38.13 -16.67 -12.57
N PRO E 116 -38.32 -17.90 -13.09
CA PRO E 116 -37.13 -18.67 -13.45
C PRO E 116 -36.46 -18.07 -14.70
N TRP E 117 -35.17 -18.33 -14.86
CA TRP E 117 -34.33 -17.67 -15.88
C TRP E 117 -34.33 -18.39 -17.24
N GLU E 118 -34.93 -19.58 -17.29
CA GLU E 118 -34.90 -20.41 -18.53
C GLU E 118 -35.15 -19.66 -19.84
N ARG E 119 -36.22 -18.87 -19.91
CA ARG E 119 -36.46 -18.05 -21.13
C ARG E 119 -35.23 -17.23 -21.59
N ALA E 120 -34.46 -16.73 -20.62
CA ALA E 120 -33.29 -15.87 -20.88
C ALA E 120 -31.99 -16.63 -21.13
N LYS E 121 -31.97 -17.92 -20.76
CA LYS E 121 -30.73 -18.71 -20.76
C LYS E 121 -30.76 -20.01 -21.59
N SER E 122 -31.95 -20.55 -21.84
CA SER E 122 -32.08 -21.89 -22.38
C SER E 122 -32.61 -21.98 -23.81
N PHE E 123 -32.72 -20.83 -24.48
CA PHE E 123 -33.26 -20.78 -25.83
C PHE E 123 -32.35 -21.51 -26.84
N ASP E 124 -32.87 -21.82 -28.02
CA ASP E 124 -32.02 -22.55 -29.00
C ASP E 124 -30.79 -21.69 -29.38
N GLY E 125 -29.62 -22.32 -29.45
CA GLY E 125 -28.36 -21.60 -29.72
C GLY E 125 -27.78 -20.79 -28.56
N ALA E 126 -28.38 -20.91 -27.37
CA ALA E 126 -27.93 -20.15 -26.21
C ALA E 126 -26.59 -20.65 -25.68
N CYS E 127 -26.15 -21.83 -26.12
CA CYS E 127 -24.84 -22.34 -25.69
C CYS E 127 -23.88 -22.83 -26.79
N PRO E 128 -23.27 -21.90 -27.54
CA PRO E 128 -22.12 -22.33 -28.35
C PRO E 128 -21.05 -22.99 -27.49
N LEU E 129 -20.57 -24.12 -27.99
CA LEU E 129 -19.66 -24.96 -27.25
C LEU E 129 -18.51 -25.42 -28.17
N THR E 130 -17.27 -25.25 -27.73
CA THR E 130 -16.12 -25.78 -28.48
C THR E 130 -15.94 -27.28 -28.24
N GLU E 131 -15.07 -27.88 -29.04
CA GLU E 131 -14.51 -29.18 -28.71
C GLU E 131 -13.75 -29.05 -27.38
N PHE E 132 -13.49 -30.17 -26.71
CA PHE E 132 -12.75 -30.17 -25.47
C PHE E 132 -11.34 -30.74 -25.65
N VAL E 133 -10.41 -30.30 -24.83
CA VAL E 133 -9.03 -30.75 -24.92
C VAL E 133 -8.70 -31.45 -23.61
N ALA E 134 -8.32 -32.72 -23.67
CA ALA E 134 -7.96 -33.44 -22.46
C ALA E 134 -6.76 -32.80 -21.79
N VAL E 135 -6.84 -32.72 -20.47
CA VAL E 135 -5.68 -32.36 -19.67
C VAL E 135 -5.50 -33.43 -18.60
N ASN E 136 -4.27 -33.80 -18.35
CA ASN E 136 -3.98 -34.57 -17.16
C ASN E 136 -3.14 -33.62 -16.36
N LEU E 137 -3.85 -32.68 -15.72
CA LEU E 137 -3.22 -31.66 -14.93
C LEU E 137 -2.37 -32.35 -13.89
N ALA E 138 -1.12 -31.89 -13.82
CA ALA E 138 -0.09 -32.46 -12.96
C ALA E 138 -0.43 -32.30 -11.47
N SER E 139 -1.25 -31.30 -11.17
CA SER E 139 -1.60 -30.97 -9.80
C SER E 139 -3.05 -30.51 -9.66
N GLU E 140 -3.43 -30.18 -8.42
CA GLU E 140 -4.66 -29.46 -8.13
C GLU E 140 -4.37 -27.98 -8.36
N ASP E 141 -3.29 -27.50 -7.75
CA ASP E 141 -2.81 -26.11 -7.94
C ASP E 141 -2.91 -25.65 -9.39
N GLU E 142 -2.73 -26.60 -10.31
CA GLU E 142 -2.67 -26.36 -11.74
C GLU E 142 -3.99 -25.85 -12.33
N TRP E 143 -5.06 -25.93 -11.55
CA TRP E 143 -6.39 -25.58 -12.02
C TRP E 143 -6.60 -24.07 -12.00
N GLN E 144 -5.62 -23.35 -11.47
CA GLN E 144 -5.67 -21.90 -11.39
C GLN E 144 -4.92 -21.21 -12.54
N ALA E 145 -4.42 -22.01 -13.49
CA ALA E 145 -3.66 -21.50 -14.63
C ALA E 145 -4.37 -21.60 -15.98
N ILE E 146 -5.70 -21.63 -15.99
CA ILE E 146 -6.46 -21.67 -17.24
C ILE E 146 -6.94 -20.27 -17.62
N GLY E 147 -6.61 -19.84 -18.84
CA GLY E 147 -6.96 -18.51 -19.33
C GLY E 147 -7.94 -18.54 -20.49
N LEU E 148 -8.69 -17.45 -20.64
CA LEU E 148 -9.60 -17.30 -21.77
C LEU E 148 -9.60 -15.87 -22.24
N THR E 149 -9.75 -15.68 -23.54
CA THR E 149 -9.94 -14.35 -24.09
C THR E 149 -10.97 -14.39 -25.19
N LEU E 150 -11.76 -13.33 -25.30
CA LEU E 150 -12.67 -13.17 -26.41
C LEU E 150 -12.28 -11.92 -27.15
N GLU E 151 -12.22 -12.03 -28.47
CA GLU E 151 -12.14 -10.83 -29.28
C GLU E 151 -13.41 -10.70 -30.07
N LYS E 152 -13.88 -9.46 -30.18
CA LYS E 152 -14.98 -9.10 -31.01
C LYS E 152 -14.47 -8.04 -31.97
N ASN E 153 -14.73 -8.25 -33.26
CA ASN E 153 -14.20 -7.41 -34.35
C ASN E 153 -12.73 -6.97 -34.15
N GLY E 154 -11.85 -7.94 -33.86
CA GLY E 154 -10.41 -7.68 -33.71
C GLY E 154 -9.94 -7.02 -32.43
N GLN E 155 -10.84 -6.77 -31.49
CA GLN E 155 -10.49 -6.09 -30.25
C GLN E 155 -10.82 -6.97 -29.08
N PHE E 156 -9.91 -7.05 -28.11
CA PHE E 156 -10.19 -7.77 -26.87
C PHE E 156 -11.50 -7.27 -26.27
N GLN E 157 -12.25 -8.17 -25.66
CA GLN E 157 -13.59 -7.88 -25.20
C GLN E 157 -13.77 -8.44 -23.80
N GLN E 158 -13.30 -9.66 -23.59
CA GLN E 158 -13.25 -10.26 -22.26
C GLN E 158 -11.93 -10.97 -22.06
N GLN E 159 -11.47 -10.97 -20.83
CA GLN E 159 -10.21 -11.57 -20.45
C GLN E 159 -10.36 -12.16 -19.04
N GLY E 160 -9.93 -13.41 -18.85
CA GLY E 160 -9.92 -13.99 -17.53
C GLY E 160 -8.91 -15.09 -17.27
N SER E 161 -8.60 -15.25 -15.98
CA SER E 161 -7.83 -16.38 -15.53
C SER E 161 -8.67 -17.13 -14.50
N SER E 162 -8.54 -18.45 -14.49
CA SER E 162 -9.23 -19.27 -13.48
C SER E 162 -8.70 -19.01 -12.07
N ALA E 163 -7.55 -18.34 -11.98
CA ALA E 163 -7.03 -17.86 -10.70
C ALA E 163 -8.00 -16.87 -10.07
N GLU E 164 -8.69 -16.10 -10.92
CA GLU E 164 -9.60 -15.04 -10.46
C GLU E 164 -10.97 -15.51 -9.96
N LEU E 166 -14.00 -16.68 -7.81
CA LEU E 166 -14.42 -16.65 -6.41
C LEU E 166 -14.63 -18.08 -5.92
N PHE E 167 -15.13 -18.94 -6.80
CA PHE E 167 -15.26 -20.37 -6.50
C PHE E 167 -14.43 -21.15 -7.51
N PRO E 168 -13.22 -21.58 -7.11
CA PRO E 168 -12.26 -22.34 -7.94
C PRO E 168 -12.91 -23.56 -8.58
N ILE E 169 -12.34 -24.03 -9.69
CA ILE E 169 -12.97 -25.09 -10.51
C ILE E 169 -13.42 -26.33 -9.71
N LEU E 170 -12.50 -26.99 -9.02
CA LEU E 170 -12.82 -28.27 -8.35
C LEU E 170 -13.84 -28.16 -7.22
N PRO E 171 -13.66 -27.19 -6.29
CA PRO E 171 -14.68 -27.06 -5.25
C PRO E 171 -16.04 -26.55 -5.79
N LEU E 172 -16.03 -25.73 -6.85
CA LEU E 172 -17.29 -25.29 -7.46
C LEU E 172 -18.08 -26.49 -7.97
N ILE E 173 -17.40 -27.38 -8.69
CA ILE E 173 -18.01 -28.57 -9.25
C ILE E 173 -18.36 -29.55 -8.12
N ALA E 174 -17.50 -29.64 -7.10
CA ALA E 174 -17.81 -30.47 -5.93
C ALA E 174 -19.11 -29.98 -5.30
N HIS E 175 -19.21 -28.66 -5.12
CA HIS E 175 -20.41 -28.05 -4.54
C HIS E 175 -21.64 -28.31 -5.43
N SER E 177 -22.20 -30.80 -7.41
CA SER E 177 -22.53 -32.21 -7.29
C SER E 177 -23.26 -32.57 -5.97
N GLU E 178 -23.31 -31.62 -5.02
CA GLU E 178 -24.10 -31.79 -3.79
C GLU E 178 -25.57 -31.59 -4.08
N HIS E 179 -25.87 -30.90 -5.17
CA HIS E 179 -27.24 -30.49 -5.48
C HIS E 179 -27.76 -31.15 -6.76
N PHE E 180 -26.87 -31.27 -7.76
CA PHE E 180 -27.20 -31.96 -9.01
C PHE E 180 -26.10 -33.00 -9.30
N SER E 181 -26.48 -34.28 -9.29
CA SER E 181 -25.58 -35.36 -9.71
C SER E 181 -25.14 -35.10 -11.14
N LEU E 182 -23.84 -35.24 -11.40
CA LEU E 182 -23.29 -34.99 -12.72
C LEU E 182 -22.95 -36.30 -13.41
N GLN E 183 -23.40 -36.44 -14.65
CA GLN E 183 -23.10 -37.64 -15.44
C GLN E 183 -22.03 -37.35 -16.50
N PRO E 184 -21.35 -38.41 -17.00
CA PRO E 184 -20.45 -38.27 -18.13
C PRO E 184 -21.17 -37.68 -19.36
N GLY E 185 -20.57 -36.65 -19.96
CA GLY E 185 -21.22 -35.95 -21.04
C GLY E 185 -21.87 -34.65 -20.58
N ASP E 186 -21.95 -34.42 -19.27
CA ASP E 186 -22.38 -33.13 -18.72
C ASP E 186 -21.27 -32.12 -18.86
N VAL E 187 -21.63 -30.86 -19.07
CA VAL E 187 -20.68 -29.76 -19.22
C VAL E 187 -20.91 -28.72 -18.13
N ILE E 188 -19.83 -28.19 -17.58
CA ILE E 188 -19.90 -27.12 -16.56
C ILE E 188 -19.44 -25.81 -17.18
N LEU E 189 -20.21 -24.72 -17.01
CA LEU E 189 -19.73 -23.39 -17.39
C LEU E 189 -19.35 -22.65 -16.11
N THR E 190 -18.11 -22.18 -16.07
CA THR E 190 -17.47 -21.76 -14.82
C THR E 190 -17.55 -20.27 -14.53
N GLY E 191 -18.40 -19.56 -15.28
CA GLY E 191 -18.68 -18.16 -15.04
C GLY E 191 -17.98 -17.29 -16.06
N THR E 192 -18.60 -16.16 -16.41
CA THR E 192 -17.97 -15.21 -17.31
C THR E 192 -17.18 -14.15 -16.54
N PRO E 193 -16.03 -13.74 -17.10
CA PRO E 193 -15.32 -12.55 -16.60
C PRO E 193 -15.95 -11.24 -17.06
N ALA E 194 -15.38 -10.13 -16.59
CA ALA E 194 -15.81 -8.80 -17.01
C ALA E 194 -15.73 -8.65 -18.52
N GLY E 195 -16.44 -7.65 -19.03
CA GLY E 195 -16.41 -7.36 -20.46
C GLY E 195 -17.60 -7.86 -21.25
N VAL E 196 -18.63 -8.38 -20.58
CA VAL E 196 -19.85 -8.81 -21.30
C VAL E 196 -20.44 -7.62 -22.06
N GLY E 197 -21.18 -7.90 -23.12
CA GLY E 197 -21.76 -6.87 -23.95
C GLY E 197 -22.68 -7.49 -24.98
N PRO E 198 -23.44 -6.66 -25.68
CA PRO E 198 -24.39 -7.13 -26.69
C PRO E 198 -23.69 -7.56 -27.99
N LEU E 199 -24.31 -8.50 -28.69
CA LEU E 199 -23.87 -8.96 -29.99
C LEU E 199 -24.80 -8.44 -31.09
N GLU E 200 -24.23 -8.10 -32.24
CA GLU E 200 -25.03 -7.70 -33.40
C GLU E 200 -24.74 -8.60 -34.59
N VAL E 201 -25.72 -8.78 -35.47
CA VAL E 201 -25.53 -9.57 -36.69
C VAL E 201 -24.33 -8.99 -37.45
N GLY E 202 -23.40 -9.86 -37.84
CA GLY E 202 -22.18 -9.41 -38.51
C GLY E 202 -20.94 -9.38 -37.64
N ASP E 203 -21.11 -9.31 -36.31
CA ASP E 203 -19.94 -9.33 -35.42
C ASP E 203 -19.14 -10.61 -35.64
N SER E 204 -17.83 -10.49 -35.56
CA SER E 204 -16.97 -11.66 -35.65
C SER E 204 -16.31 -11.85 -34.30
N LEU E 205 -16.30 -13.08 -33.81
CA LEU E 205 -15.75 -13.37 -32.52
C LEU E 205 -14.57 -14.32 -32.66
N SER E 206 -13.56 -14.12 -31.85
CA SER E 206 -12.46 -15.07 -31.76
C SER E 206 -12.20 -15.38 -30.30
N ALA E 207 -12.38 -16.64 -29.90
CA ALA E 207 -12.14 -17.05 -28.53
C ALA E 207 -10.93 -17.97 -28.41
N LYS E 208 -10.13 -17.76 -27.36
CA LYS E 208 -8.95 -18.57 -27.10
C LYS E 208 -8.94 -19.16 -25.71
N LEU E 209 -8.49 -20.40 -25.63
CA LEU E 209 -8.31 -21.05 -24.36
C LEU E 209 -6.84 -21.35 -24.17
N SER E 210 -6.33 -21.06 -22.97
CA SER E 210 -4.93 -21.30 -22.68
C SER E 210 -4.71 -22.10 -21.38
N LEU E 211 -3.60 -22.82 -21.34
CA LEU E 211 -3.08 -23.41 -20.12
C LEU E 211 -1.65 -22.87 -19.98
N GLU E 212 -1.42 -22.08 -18.92
CA GLU E 212 -0.17 -21.32 -18.74
C GLU E 212 0.14 -20.43 -19.95
N ASP E 213 1.33 -20.61 -20.55
CA ASP E 213 1.77 -19.83 -21.70
C ASP E 213 1.19 -20.34 -23.03
N ASN E 214 0.39 -21.40 -22.99
CA ASN E 214 0.05 -22.13 -24.22
C ASN E 214 -1.42 -22.13 -24.59
N VAL E 215 -1.70 -21.73 -25.83
CA VAL E 215 -3.04 -21.73 -26.37
C VAL E 215 -3.44 -23.14 -26.78
N LEU E 216 -4.54 -23.64 -26.22
CA LEU E 216 -5.05 -24.96 -26.51
C LEU E 216 -6.07 -24.93 -27.63
N LEU E 217 -6.82 -23.83 -27.70
CA LEU E 217 -7.91 -23.70 -28.66
C LEU E 217 -8.05 -22.28 -29.13
N THR E 218 -8.38 -22.14 -30.40
CA THR E 218 -8.80 -20.88 -30.98
C THR E 218 -9.99 -21.19 -31.87
N CYS E 219 -11.09 -20.47 -31.65
CA CYS E 219 -12.34 -20.76 -32.35
C CYS E 219 -13.02 -19.47 -32.74
N ASP E 220 -13.37 -19.37 -34.02
CA ASP E 220 -13.91 -18.16 -34.59
C ASP E 220 -15.33 -18.39 -35.07
N GLY E 221 -16.12 -17.32 -35.12
CA GLY E 221 -17.42 -17.37 -35.75
C GLY E 221 -18.02 -16.00 -35.96
N VAL E 222 -18.99 -15.91 -36.86
CA VAL E 222 -19.73 -14.65 -37.04
C VAL E 222 -21.17 -14.77 -36.61
N VAL E 223 -21.69 -13.68 -36.04
CA VAL E 223 -23.08 -13.64 -35.60
C VAL E 223 -24.00 -13.48 -36.80
N ILE E 224 -25.04 -14.31 -36.82
CA ILE E 224 -26.13 -14.21 -37.78
C ILE E 224 -27.46 -14.14 -37.04
N ALA F 2 21.18 -12.89 34.05
CA ALA F 2 21.31 -12.56 35.44
C ALA F 2 20.17 -13.26 36.16
N GLU F 3 20.20 -13.27 37.48
CA GLU F 3 18.99 -13.57 38.23
C GLU F 3 18.73 -12.39 39.16
N LEU F 4 17.50 -12.30 39.62
CA LEU F 4 17.00 -11.07 40.23
C LEU F 4 17.35 -10.99 41.70
N ILE F 5 17.55 -9.76 42.17
CA ILE F 5 17.80 -9.46 43.58
C ILE F 5 16.70 -8.49 44.06
N LEU F 6 16.06 -8.88 45.16
CA LEU F 6 15.08 -8.02 45.85
C LEU F 6 15.49 -7.81 47.33
N ASN F 7 15.69 -6.55 47.70
CA ASN F 7 16.06 -6.21 49.06
C ASN F 7 17.34 -6.96 49.49
N GLN F 8 18.33 -6.95 48.60
CA GLN F 8 19.64 -7.63 48.78
C GLN F 8 19.57 -9.14 49.03
N ARG F 9 18.46 -9.75 48.66
CA ARG F 9 18.29 -11.20 48.74
C ARG F 9 17.87 -11.73 47.37
N PRO F 10 18.11 -13.02 47.10
CA PRO F 10 17.69 -13.51 45.80
C PRO F 10 16.16 -13.56 45.68
N TYR F 11 15.64 -13.05 44.58
CA TYR F 11 14.20 -13.11 44.29
C TYR F 11 13.83 -14.54 43.85
N PRO F 12 12.78 -15.14 44.44
CA PRO F 12 12.45 -16.54 44.16
C PRO F 12 12.08 -16.89 42.72
N ARG F 13 11.70 -15.92 41.90
CA ARG F 13 11.34 -16.23 40.51
C ARG F 13 12.46 -15.85 39.52
N ASP F 14 12.71 -16.74 38.57
CA ASP F 14 13.66 -16.47 37.49
C ASP F 14 13.18 -15.31 36.64
N LEU F 15 14.14 -14.57 36.07
CA LEU F 15 13.79 -13.49 35.15
C LEU F 15 13.14 -14.07 33.89
N GLY F 16 11.97 -13.56 33.53
CA GLY F 16 11.26 -14.04 32.35
C GLY F 16 11.60 -13.26 31.09
N LYS F 17 10.93 -12.12 30.91
CA LYS F 17 11.14 -11.23 29.80
C LYS F 17 11.25 -9.83 30.37
N ILE F 18 11.83 -8.92 29.58
CA ILE F 18 11.93 -7.52 29.97
C ILE F 18 11.08 -6.71 28.96
N VAL F 19 9.93 -6.20 29.41
CA VAL F 19 9.00 -5.47 28.53
C VAL F 19 9.34 -3.98 28.58
N CYS F 20 9.41 -3.34 27.42
CA CYS F 20 9.99 -2.00 27.29
C CYS F 20 9.06 -1.02 26.55
N VAL F 21 9.10 0.24 26.94
CA VAL F 21 8.33 1.27 26.24
C VAL F 21 9.35 2.19 25.56
N GLY F 22 9.00 2.70 24.39
CA GLY F 22 9.84 3.69 23.72
C GLY F 22 9.17 5.06 23.78
N ARG F 23 9.96 6.13 23.91
CA ARG F 23 9.45 7.50 23.78
C ARG F 23 8.46 7.85 24.89
N ASN F 24 8.81 7.46 26.11
CA ASN F 24 7.95 7.70 27.27
C ASN F 24 8.30 9.02 27.93
N TYR F 25 9.38 9.65 27.46
CA TYR F 25 9.74 11.00 27.85
C TYR F 25 9.75 11.89 26.61
N ALA F 26 8.93 12.93 26.59
CA ALA F 26 8.83 13.80 25.40
C ALA F 26 10.17 14.37 24.94
N ALA F 27 10.95 14.88 25.89
CA ALA F 27 12.30 15.43 25.61
C ALA F 27 13.22 14.44 24.93
N HIS F 28 13.08 13.16 25.23
CA HIS F 28 13.88 12.15 24.56
C HIS F 28 13.42 11.90 23.12
N ALA F 29 12.10 11.88 22.89
CA ALA F 29 11.55 11.84 21.51
C ALA F 29 12.11 13.01 20.72
N LYS F 30 12.06 14.21 21.31
CA LYS F 30 12.42 15.46 20.64
C LYS F 30 13.89 15.54 20.31
N GLU F 31 14.75 15.11 21.25
CA GLU F 31 16.21 15.16 21.05
C GLU F 31 16.63 14.27 19.89
N LEU F 32 15.83 13.25 19.59
CA LEU F 32 16.14 12.41 18.44
C LEU F 32 15.24 12.73 17.21
N ASN F 33 14.49 13.83 17.31
CA ASN F 33 13.63 14.30 16.22
C ASN F 33 12.58 13.23 15.84
N ASN F 34 12.08 12.50 16.85
CA ASN F 34 11.11 11.44 16.62
C ASN F 34 9.72 11.89 17.07
N PRO F 35 8.68 11.54 16.27
CA PRO F 35 7.32 11.89 16.67
C PRO F 35 6.87 11.09 17.90
N ILE F 36 6.03 11.71 18.70
CA ILE F 36 5.46 11.07 19.87
C ILE F 36 4.14 10.39 19.52
N PRO F 37 4.11 9.04 19.58
CA PRO F 37 2.94 8.29 19.16
C PRO F 37 1.82 8.37 20.20
N SER F 38 0.61 8.04 19.78
CA SER F 38 -0.56 8.22 20.62
C SER F 38 -0.76 7.04 21.57
N SER F 39 -0.32 5.87 21.15
CA SER F 39 -0.26 4.71 22.06
C SER F 39 1.19 4.21 22.21
N PRO F 40 1.49 3.44 23.27
CA PRO F 40 2.90 3.19 23.54
C PRO F 40 3.64 2.37 22.48
N ILE F 41 4.89 2.71 22.24
CA ILE F 41 5.77 1.87 21.43
C ILE F 41 6.24 0.78 22.37
N LEU F 42 6.01 -0.49 22.02
CA LEU F 42 6.40 -1.60 22.90
C LEU F 42 7.37 -2.56 22.24
N PHE F 43 8.42 -2.93 22.97
CA PHE F 43 9.33 -3.97 22.52
C PHE F 43 9.77 -4.80 23.75
N ILE F 44 10.43 -5.92 23.50
CA ILE F 44 10.83 -6.84 24.56
C ILE F 44 12.31 -7.22 24.42
N LYS F 45 13.03 -7.20 25.54
CA LYS F 45 14.41 -7.71 25.60
C LYS F 45 14.38 -9.06 26.32
N PRO F 46 15.21 -10.04 25.88
CA PRO F 46 15.16 -11.39 26.43
C PRO F 46 15.92 -11.52 27.75
N ALA F 47 15.63 -12.59 28.51
CA ALA F 47 16.39 -12.89 29.75
C ALA F 47 17.88 -12.97 29.47
N SER F 48 18.23 -13.62 28.37
CA SER F 48 19.61 -13.70 27.88
C SER F 48 20.36 -12.37 27.71
N SER F 49 19.64 -11.24 27.64
CA SER F 49 20.30 -9.91 27.52
C SER F 49 20.71 -9.32 28.86
N ALA F 50 20.18 -9.87 29.97
CA ALA F 50 20.44 -9.24 31.27
C ALA F 50 21.83 -9.56 31.80
N VAL F 51 22.46 -8.55 32.40
CA VAL F 51 23.71 -8.68 33.15
C VAL F 51 23.64 -7.79 34.38
N PRO F 52 24.58 -8.00 35.34
CA PRO F 52 24.63 -7.11 36.50
C PRO F 52 24.90 -5.69 36.07
N PHE F 53 24.34 -4.75 36.82
CA PHE F 53 24.59 -3.36 36.59
C PHE F 53 25.91 -3.05 37.27
N GLY F 54 27.00 -3.21 36.52
CA GLY F 54 28.33 -2.98 37.06
C GLY F 54 28.86 -4.12 37.92
N PRO F 55 30.15 -4.09 38.28
CA PRO F 55 31.11 -2.97 38.05
C PRO F 55 31.70 -2.86 36.64
N VAL F 56 31.41 -3.80 35.75
CA VAL F 56 31.77 -3.62 34.32
C VAL F 56 30.52 -3.65 33.41
N PHE F 57 30.57 -2.97 32.26
CA PHE F 57 29.53 -3.12 31.25
C PHE F 57 30.22 -3.49 29.96
N SER F 58 30.02 -4.73 29.51
CA SER F 58 30.57 -5.13 28.22
C SER F 58 29.65 -4.66 27.06
N ILE F 59 30.21 -3.95 26.08
CA ILE F 59 29.44 -3.48 24.91
C ILE F 59 29.88 -4.15 23.60
N PRO F 60 28.95 -4.30 22.63
CA PRO F 60 29.35 -4.92 21.36
C PRO F 60 30.47 -4.18 20.66
N LYS F 61 31.30 -4.93 19.94
CA LYS F 61 32.43 -4.37 19.23
C LYS F 61 32.20 -4.46 17.73
N ASP F 62 32.62 -3.44 16.99
CA ASP F 62 32.60 -3.41 15.52
C ASP F 62 31.19 -3.43 14.90
N GLN F 63 30.22 -2.92 15.64
CA GLN F 63 28.84 -2.93 15.15
C GLN F 63 28.25 -1.53 15.25
N GLY F 64 29.12 -0.54 15.26
CA GLY F 64 28.74 0.86 15.35
C GLY F 64 28.51 1.36 16.76
N SER F 65 27.78 2.46 16.83
CA SER F 65 27.49 3.17 18.08
C SER F 65 26.69 2.29 19.05
N VAL F 66 27.07 2.35 20.32
CA VAL F 66 26.33 1.74 21.42
C VAL F 66 25.93 2.86 22.37
N HIS F 67 24.63 3.03 22.60
CA HIS F 67 24.13 4.10 23.47
C HIS F 67 23.71 3.58 24.84
N HIS F 68 24.02 4.36 25.88
CA HIS F 68 23.39 4.19 27.20
C HIS F 68 21.96 4.76 27.16
N GLU F 69 21.06 4.11 27.89
CA GLU F 69 19.71 4.56 28.13
C GLU F 69 19.30 4.11 29.53
N LEU F 70 19.52 4.97 30.51
CA LEU F 70 19.11 4.67 31.88
C LEU F 70 17.60 4.81 31.97
N GLU F 71 16.97 3.84 32.65
CA GLU F 71 15.52 3.72 32.77
C GLU F 71 15.13 3.17 34.13
N ILE F 72 14.01 3.65 34.68
CA ILE F 72 13.43 3.03 35.88
C ILE F 72 12.89 1.64 35.54
N ALA F 73 13.35 0.64 36.30
CA ALA F 73 12.94 -0.76 36.11
C ALA F 73 11.96 -1.17 37.17
N ILE F 74 11.00 -2.01 36.79
CA ILE F 74 9.95 -2.48 37.67
C ILE F 74 9.92 -4.01 37.69
N LEU F 75 9.98 -4.59 38.89
CA LEU F 75 9.87 -6.05 39.05
C LEU F 75 8.42 -6.50 39.23
N ILE F 76 7.95 -7.39 38.37
CA ILE F 76 6.60 -7.93 38.47
C ILE F 76 6.55 -9.12 39.43
N GLY F 77 5.72 -9.02 40.46
CA GLY F 77 5.61 -10.06 41.49
C GLY F 77 4.40 -10.97 41.41
N LYS F 78 3.36 -10.52 40.71
CA LYS F 78 2.11 -11.30 40.49
C LYS F 78 1.67 -11.25 39.04
N ALA F 79 1.16 -12.36 38.53
CA ALA F 79 0.72 -12.45 37.14
C ALA F 79 -0.29 -11.34 36.79
N LEU F 80 -0.11 -10.74 35.60
CA LEU F 80 -0.96 -9.66 35.15
C LEU F 80 -1.41 -9.88 33.73
N SER F 81 -2.71 -9.99 33.54
CA SER F 81 -3.26 -10.20 32.23
C SER F 81 -4.52 -9.35 32.13
N ARG F 82 -4.56 -8.46 31.13
CA ARG F 82 -5.63 -7.48 30.97
C ARG F 82 -5.95 -6.81 32.32
N ALA F 83 -4.90 -6.34 32.99
CA ALA F 83 -4.96 -5.85 34.36
C ALA F 83 -5.40 -4.39 34.50
N SER F 84 -6.07 -4.08 35.62
CA SER F 84 -6.37 -2.71 36.04
C SER F 84 -5.15 -2.09 36.75
N THR F 85 -5.10 -0.76 36.87
CA THR F 85 -3.99 -0.12 37.58
C THR F 85 -3.88 -0.61 39.02
N GLU F 86 -5.03 -0.86 39.68
CA GLU F 86 -5.04 -1.37 41.06
C GLU F 86 -4.31 -2.70 41.16
N GLN F 87 -4.66 -3.61 40.26
CA GLN F 87 -4.02 -4.92 40.14
C GLN F 87 -2.51 -4.78 39.85
N VAL F 88 -2.13 -3.78 39.06
CA VAL F 88 -0.71 -3.49 38.79
C VAL F 88 0.04 -3.10 40.06
N ALA F 89 -0.47 -2.08 40.78
CA ALA F 89 0.12 -1.66 42.05
C ALA F 89 0.29 -2.83 43.04
N GLU F 90 -0.71 -3.70 43.12
CA GLU F 90 -0.63 -4.89 43.99
C GLU F 90 0.44 -5.87 43.53
N SER F 91 0.64 -5.97 42.22
CA SER F 91 1.60 -6.93 41.63
C SER F 91 3.06 -6.57 41.84
N ILE F 92 3.38 -5.28 41.78
CA ILE F 92 4.76 -4.81 41.81
C ILE F 92 5.55 -5.24 43.06
N ALA F 93 6.70 -5.88 42.83
CA ALA F 93 7.56 -6.36 43.92
C ALA F 93 8.65 -5.35 44.33
N GLY F 94 9.10 -4.53 43.40
CA GLY F 94 10.18 -3.58 43.70
C GLY F 94 10.58 -2.73 42.52
N ILE F 95 11.40 -1.72 42.79
CA ILE F 95 11.93 -0.81 41.77
C ILE F 95 13.46 -0.81 41.75
N GLY F 96 14.01 -0.54 40.58
CA GLY F 96 15.46 -0.58 40.36
C GLY F 96 15.75 0.24 39.12
N LEU F 97 16.92 -0.01 38.51
CA LEU F 97 17.33 0.68 37.29
C LEU F 97 17.80 -0.32 36.23
N GLY F 98 17.53 -0.01 34.97
CA GLY F 98 18.05 -0.80 33.86
C GLY F 98 18.77 0.12 32.88
N LEU F 99 19.77 -0.39 32.18
CA LEU F 99 20.31 0.34 31.02
C LEU F 99 19.77 -0.36 29.79
N ASP F 100 18.99 0.36 28.99
CA ASP F 100 18.47 -0.23 27.76
C ASP F 100 19.57 -0.05 26.70
N LEU F 101 20.65 -0.82 26.82
CA LEU F 101 21.78 -0.67 25.88
C LEU F 101 21.32 -0.97 24.44
N THR F 102 21.71 -0.10 23.52
CA THR F 102 21.19 -0.05 22.16
C THR F 102 22.28 0.15 21.09
N LEU F 103 22.32 -0.74 20.11
CA LEU F 103 23.16 -0.54 18.93
C LEU F 103 22.43 0.47 18.03
N ARG F 104 22.78 1.74 18.19
CA ARG F 104 21.99 2.84 17.62
C ARG F 104 22.07 2.92 16.09
N ASP F 105 23.27 2.75 15.55
CA ASP F 105 23.47 2.65 14.08
C ASP F 105 22.68 1.48 13.46
N VAL F 106 22.75 0.33 14.12
CA VAL F 106 21.94 -0.80 13.69
C VAL F 106 20.45 -0.48 13.78
N GLN F 107 20.03 0.17 14.86
CA GLN F 107 18.63 0.53 15.05
C GLN F 107 18.12 1.50 13.95
N ASP F 108 18.91 2.53 13.63
CA ASP F 108 18.58 3.47 12.55
C ASP F 108 18.41 2.72 11.21
N GLN F 109 19.27 1.74 10.97
CA GLN F 109 19.18 0.92 9.76
C GLN F 109 17.90 0.09 9.75
N LEU F 110 17.56 -0.53 10.89
CA LEU F 110 16.36 -1.36 11.01
C LEU F 110 15.07 -0.54 10.90
N LYS F 111 15.00 0.58 11.62
CA LYS F 111 13.84 1.48 11.53
C LYS F 111 13.61 1.95 10.10
N GLU F 112 14.70 2.25 9.39
CA GLU F 112 14.62 2.74 8.00
C GLU F 112 13.88 1.74 7.10
N LYS F 113 14.12 0.45 7.35
CA LYS F 113 13.54 -0.64 6.57
C LYS F 113 12.23 -1.17 7.14
N GLY F 114 11.81 -0.64 8.30
CA GLY F 114 10.62 -1.13 8.98
C GLY F 114 10.81 -2.56 9.51
N HIS F 115 12.04 -2.92 9.83
CA HIS F 115 12.42 -4.25 10.31
C HIS F 115 12.36 -4.33 11.84
N PRO F 116 12.33 -5.58 12.39
CA PRO F 116 12.22 -5.71 13.85
C PRO F 116 13.51 -5.22 14.50
N TRP F 117 13.39 -4.73 15.72
CA TRP F 117 14.49 -4.09 16.43
C TRP F 117 15.42 -5.04 17.21
N GLU F 118 15.16 -6.35 17.19
CA GLU F 118 15.88 -7.29 18.08
C GLU F 118 17.42 -7.26 17.99
N ARG F 119 17.97 -7.21 16.78
CA ARG F 119 19.41 -7.04 16.58
C ARG F 119 19.98 -5.86 17.35
N ALA F 120 19.20 -4.80 17.46
CA ALA F 120 19.67 -3.59 18.12
C ALA F 120 19.39 -3.55 19.63
N LYS F 121 18.50 -4.42 20.09
CA LYS F 121 17.97 -4.30 21.45
C LYS F 121 18.18 -5.54 22.31
N SER F 122 18.36 -6.70 21.67
CA SER F 122 18.26 -7.97 22.33
C SER F 122 19.59 -8.74 22.47
N PHE F 123 20.71 -8.07 22.19
CA PHE F 123 22.04 -8.68 22.21
C PHE F 123 22.52 -9.03 23.63
N ASP F 124 23.51 -9.90 23.74
CA ASP F 124 24.03 -10.29 25.05
C ASP F 124 24.57 -9.07 25.77
N GLY F 125 24.10 -8.85 26.98
CA GLY F 125 24.50 -7.68 27.76
C GLY F 125 23.79 -6.37 27.45
N ALA F 126 22.74 -6.43 26.64
CA ALA F 126 21.98 -5.23 26.27
C ALA F 126 21.15 -4.72 27.46
N CYS F 127 21.04 -5.51 28.53
CA CYS F 127 20.24 -5.08 29.67
C CYS F 127 20.86 -5.23 31.06
N PRO F 128 21.85 -4.36 31.38
CA PRO F 128 22.36 -4.26 32.73
C PRO F 128 21.19 -3.87 33.63
N LEU F 129 21.05 -4.57 34.75
CA LEU F 129 19.88 -4.45 35.61
C LEU F 129 20.36 -4.45 37.07
N THR F 130 19.91 -3.47 37.85
CA THR F 130 20.31 -3.37 39.24
C THR F 130 19.48 -4.33 40.08
N GLU F 131 19.81 -4.39 41.36
CA GLU F 131 18.93 -5.04 42.32
C GLU F 131 17.64 -4.21 42.47
N PHE F 132 16.61 -4.83 43.01
CA PHE F 132 15.35 -4.16 43.23
C PHE F 132 15.15 -3.84 44.70
N VAL F 133 14.39 -2.78 44.96
CA VAL F 133 14.04 -2.41 46.33
C VAL F 133 12.52 -2.33 46.46
N ALA F 134 11.97 -3.08 47.42
CA ALA F 134 10.53 -3.07 47.70
C ALA F 134 10.14 -1.70 48.24
N VAL F 135 9.06 -1.15 47.71
CA VAL F 135 8.59 0.17 48.17
C VAL F 135 7.13 0.14 48.61
N ASN F 136 6.88 0.66 49.80
CA ASN F 136 5.54 0.74 50.35
C ASN F 136 5.07 2.19 50.21
N LEU F 137 4.39 2.44 49.10
CA LEU F 137 4.06 3.81 48.71
C LEU F 137 2.88 4.35 49.51
N ALA F 138 3.09 5.47 50.20
CA ALA F 138 2.07 6.09 51.06
C ALA F 138 0.85 6.64 50.29
N SER F 139 1.00 6.89 48.98
CA SER F 139 -0.14 7.22 48.10
C SER F 139 0.15 6.80 46.66
N GLU F 140 -0.90 6.70 45.84
CA GLU F 140 -0.76 6.22 44.46
C GLU F 140 -0.12 7.21 43.48
N ASP F 141 0.04 8.46 43.90
CA ASP F 141 0.81 9.42 43.11
C ASP F 141 2.28 9.50 43.58
N GLU F 142 2.64 8.69 44.58
CA GLU F 142 4.05 8.49 44.94
C GLU F 142 4.77 7.72 43.82
N TRP F 143 3.99 7.02 42.99
CA TRP F 143 4.49 6.40 41.75
C TRP F 143 5.06 7.44 40.78
N GLN F 144 4.64 8.69 40.97
CA GLN F 144 5.08 9.82 40.14
C GLN F 144 6.22 10.60 40.80
N ALA F 145 6.76 10.03 41.87
CA ALA F 145 7.83 10.68 42.61
C ALA F 145 9.14 9.85 42.60
N ILE F 146 9.34 9.06 41.55
CA ILE F 146 10.57 8.26 41.38
C ILE F 146 11.57 8.95 40.44
N GLY F 147 12.78 9.20 40.92
CA GLY F 147 13.79 9.89 40.11
C GLY F 147 14.94 9.00 39.66
N LEU F 148 15.55 9.34 38.53
CA LEU F 148 16.77 8.67 38.05
C LEU F 148 17.81 9.68 37.54
N THR F 149 19.09 9.41 37.80
CA THR F 149 20.16 10.23 37.23
C THR F 149 21.27 9.33 36.72
N LEU F 150 21.89 9.72 35.61
CA LEU F 150 23.05 9.02 35.09
C LEU F 150 24.23 9.95 34.97
N GLU F 151 25.36 9.56 35.55
CA GLU F 151 26.59 10.28 35.29
C GLU F 151 27.53 9.42 34.47
N LYS F 152 28.33 10.09 33.63
CA LYS F 152 29.32 9.45 32.81
C LYS F 152 30.63 10.26 32.96
N ASN F 153 31.71 9.58 33.32
CA ASN F 153 32.99 10.24 33.59
C ASN F 153 32.86 11.43 34.57
N GLY F 154 32.06 11.26 35.61
CA GLY F 154 31.90 12.29 36.63
C GLY F 154 31.03 13.48 36.26
N GLN F 155 30.29 13.38 35.14
CA GLN F 155 29.48 14.49 34.66
C GLN F 155 28.05 14.04 34.38
N PHE F 156 27.12 14.95 34.66
CA PHE F 156 25.70 14.78 34.37
C PHE F 156 25.51 14.29 32.93
N GLN F 157 24.72 13.23 32.78
CA GLN F 157 24.43 12.74 31.44
C GLN F 157 22.92 12.68 31.18
N GLN F 158 22.18 12.03 32.08
CA GLN F 158 20.74 11.91 31.98
C GLN F 158 20.11 12.18 33.34
N GLN F 159 18.97 12.84 33.32
CA GLN F 159 18.16 12.99 34.54
C GLN F 159 16.68 12.99 34.21
N GLY F 160 15.91 12.23 34.97
CA GLY F 160 14.49 12.14 34.79
C GLY F 160 13.72 11.86 36.05
N SER F 161 12.40 11.96 35.94
CA SER F 161 11.50 11.65 37.03
C SER F 161 10.28 10.97 36.43
N SER F 162 9.69 10.05 37.18
CA SER F 162 8.50 9.37 36.69
C SER F 162 7.33 10.35 36.47
N ALA F 163 7.39 11.54 37.07
CA ALA F 163 6.42 12.62 36.79
C ALA F 163 6.47 13.14 35.36
N GLU F 164 7.52 12.78 34.62
CA GLU F 164 7.70 13.24 33.24
C GLU F 164 7.21 12.24 32.21
N LEU F 166 4.98 9.99 29.85
CA LEU F 166 3.76 10.16 29.04
C LEU F 166 2.77 9.04 29.31
N PHE F 167 3.30 7.87 29.68
CA PHE F 167 2.54 6.75 30.18
C PHE F 167 3.06 6.39 31.57
N PRO F 168 2.38 6.89 32.64
CA PRO F 168 2.88 6.65 34.00
C PRO F 168 3.01 5.17 34.32
N ILE F 169 3.88 4.85 35.27
CA ILE F 169 4.18 3.45 35.59
C ILE F 169 2.96 2.52 35.62
N LEU F 170 1.90 2.89 36.35
CA LEU F 170 0.74 1.96 36.51
C LEU F 170 -0.14 1.75 35.26
N PRO F 171 -0.61 2.83 34.60
CA PRO F 171 -1.33 2.61 33.35
C PRO F 171 -0.44 2.04 32.23
N LEU F 172 0.84 2.43 32.22
CA LEU F 172 1.80 1.83 31.29
C LEU F 172 1.76 0.31 31.39
N ILE F 173 2.00 -0.20 32.59
CA ILE F 173 2.04 -1.66 32.81
C ILE F 173 0.68 -2.30 32.54
N ALA F 174 -0.39 -1.62 32.93
CA ALA F 174 -1.76 -2.01 32.56
C ALA F 174 -1.92 -2.21 31.04
N HIS F 175 -1.52 -1.23 30.24
CA HIS F 175 -1.66 -1.40 28.79
C HIS F 175 -0.78 -2.53 28.29
N SER F 177 -0.12 -5.20 29.61
CA SER F 177 -0.79 -6.46 29.93
C SER F 177 -2.02 -6.80 29.08
N GLU F 178 -2.54 -5.80 28.37
CA GLU F 178 -3.55 -6.01 27.34
C GLU F 178 -2.96 -6.78 26.15
N HIS F 179 -1.65 -6.69 25.99
CA HIS F 179 -1.02 -7.30 24.81
C HIS F 179 -0.13 -8.49 25.18
N PHE F 180 0.70 -8.34 26.21
CA PHE F 180 1.57 -9.42 26.69
C PHE F 180 1.29 -9.74 28.15
N SER F 181 0.80 -10.95 28.43
CA SER F 181 0.64 -11.44 29.80
C SER F 181 1.97 -11.35 30.52
N LEU F 182 1.95 -10.77 31.72
CA LEU F 182 3.15 -10.61 32.54
C LEU F 182 3.15 -11.65 33.67
N GLN F 183 4.30 -12.27 33.91
CA GLN F 183 4.41 -13.34 34.91
C GLN F 183 5.34 -12.85 36.00
N PRO F 184 5.25 -13.46 37.21
CA PRO F 184 6.20 -13.04 38.26
C PRO F 184 7.64 -13.23 37.79
N GLY F 185 8.49 -12.26 38.05
CA GLY F 185 9.87 -12.33 37.60
C GLY F 185 10.15 -11.56 36.31
N ASP F 186 9.10 -11.16 35.59
CA ASP F 186 9.24 -10.25 34.42
C ASP F 186 9.67 -8.91 34.93
N VAL F 187 10.42 -8.17 34.10
CA VAL F 187 10.84 -6.81 34.43
C VAL F 187 10.30 -5.82 33.40
N ILE F 188 10.00 -4.60 33.86
CA ILE F 188 9.50 -3.57 32.97
C ILE F 188 10.50 -2.45 32.92
N LEU F 189 10.89 -2.04 31.71
CA LEU F 189 11.70 -0.84 31.56
C LEU F 189 10.81 0.29 31.03
N THR F 190 10.82 1.39 31.76
CA THR F 190 9.78 2.38 31.66
C THR F 190 10.17 3.61 30.84
N GLY F 191 11.26 3.49 30.06
CA GLY F 191 11.65 4.54 29.12
C GLY F 191 12.84 5.33 29.58
N THR F 192 13.63 5.85 28.65
CA THR F 192 14.80 6.66 29.00
C THR F 192 14.48 8.15 28.81
N PRO F 193 14.97 9.01 29.74
CA PRO F 193 14.79 10.45 29.55
C PRO F 193 15.76 11.00 28.51
N ALA F 194 15.77 12.30 28.31
CA ALA F 194 16.76 12.92 27.42
C ALA F 194 18.20 12.66 27.89
N GLY F 195 19.15 12.88 26.99
CA GLY F 195 20.58 12.77 27.31
C GLY F 195 21.25 11.51 26.82
N VAL F 196 20.58 10.71 26.00
CA VAL F 196 21.20 9.48 25.46
C VAL F 196 22.44 9.81 24.64
N GLY F 197 23.36 8.86 24.51
CA GLY F 197 24.63 9.13 23.85
C GLY F 197 25.49 7.88 23.81
N PRO F 198 26.58 7.93 23.04
CA PRO F 198 27.42 6.78 22.85
C PRO F 198 28.23 6.44 24.12
N LEU F 199 28.64 5.18 24.21
CA LEU F 199 29.55 4.70 25.23
C LEU F 199 30.83 4.28 24.53
N GLU F 200 31.97 4.52 25.17
CA GLU F 200 33.28 4.03 24.71
C GLU F 200 33.96 3.29 25.87
N VAL F 201 34.70 2.24 25.54
CA VAL F 201 35.51 1.50 26.51
C VAL F 201 36.24 2.47 27.44
N GLY F 202 36.13 2.24 28.74
CA GLY F 202 36.78 3.10 29.71
C GLY F 202 35.88 4.16 30.33
N ASP F 203 34.75 4.46 29.70
CA ASP F 203 33.75 5.36 30.27
C ASP F 203 33.29 4.77 31.61
N SER F 204 33.19 5.61 32.64
CA SER F 204 32.57 5.24 33.92
C SER F 204 31.13 5.73 33.97
N LEU F 205 30.25 4.92 34.52
CA LEU F 205 28.85 5.30 34.69
C LEU F 205 28.50 5.20 36.15
N SER F 206 27.77 6.18 36.65
CA SER F 206 27.20 6.13 37.99
C SER F 206 25.71 6.46 37.91
N ALA F 207 24.88 5.51 38.32
CA ALA F 207 23.43 5.64 38.22
C ALA F 207 22.79 5.70 39.62
N LYS F 208 21.80 6.57 39.82
CA LYS F 208 21.10 6.65 41.11
C LYS F 208 19.57 6.60 40.94
N LEU F 209 18.92 5.79 41.75
CA LEU F 209 17.48 5.70 41.81
C LEU F 209 16.95 6.34 43.08
N SER F 210 15.92 7.19 42.96
CA SER F 210 15.33 7.88 44.11
C SER F 210 13.83 7.71 44.25
N LEU F 211 13.33 7.95 45.46
CA LEU F 211 11.89 8.01 45.74
C LEU F 211 11.62 9.18 46.65
N GLU F 212 10.74 10.07 46.19
CA GLU F 212 10.43 11.31 46.92
C GLU F 212 11.69 12.07 47.28
N ASP F 213 12.74 11.94 46.44
CA ASP F 213 14.00 12.64 46.67
C ASP F 213 15.05 11.90 47.53
N ASN F 214 14.67 10.80 48.15
CA ASN F 214 15.64 10.01 48.92
C ASN F 214 16.27 8.95 48.02
N VAL F 215 17.60 8.89 48.00
CA VAL F 215 18.32 7.88 47.19
C VAL F 215 18.05 6.47 47.68
N LEU F 216 17.57 5.60 46.80
CA LEU F 216 17.37 4.21 47.14
C LEU F 216 18.55 3.31 46.76
N LEU F 217 19.25 3.68 45.68
CA LEU F 217 20.28 2.83 45.05
C LEU F 217 21.27 3.68 44.29
N THR F 218 22.56 3.36 44.43
CA THR F 218 23.61 3.91 43.60
C THR F 218 24.47 2.76 43.06
N CYS F 219 24.60 2.68 41.74
CA CYS F 219 25.40 1.62 41.11
C CYS F 219 26.31 2.22 40.05
N ASP F 220 27.58 1.80 40.09
CA ASP F 220 28.62 2.32 39.20
C ASP F 220 29.23 1.22 38.40
N GLY F 221 29.91 1.61 37.33
CA GLY F 221 30.64 0.68 36.50
C GLY F 221 31.42 1.33 35.39
N VAL F 222 32.31 0.52 34.81
CA VAL F 222 33.14 0.91 33.68
C VAL F 222 32.79 0.06 32.44
N VAL F 223 32.86 0.72 31.28
CA VAL F 223 32.59 0.06 30.02
C VAL F 223 33.85 -0.67 29.55
N ILE F 224 33.67 -1.95 29.18
CA ILE F 224 34.73 -2.77 28.59
C ILE F 224 34.23 -3.40 27.27
#